data_7POV
#
_entry.id   7POV
#
_cell.length_a   1.00
_cell.length_b   1.00
_cell.length_c   1.00
_cell.angle_alpha   90.00
_cell.angle_beta   90.00
_cell.angle_gamma   90.00
#
_symmetry.space_group_name_H-M   'P 1'
#
loop_
_entity.id
_entity.type
_entity.pdbx_description
1 polymer Mucin-2
2 branched 2-acetamido-2-deoxy-beta-D-glucopyranose-(1-4)-2-acetamido-2-deoxy-beta-D-glucopyranose
3 non-polymer 'CALCIUM ION'
4 non-polymer 2-acetamido-2-deoxy-beta-D-glucopyranose
5 water water
#
_entity_poly.entity_id   1
_entity_poly.type   'polypeptide(L)'
_entity_poly.pdbx_seq_one_letter_code
;SELQTEGRTRNHGHNVCSTWGNFHYKTFDGDVFRFPGLCDYNFASDCRGSYKEFAVHLKRGPGQAEAPAGVESILLTIKD
DTIYLTRHLAVLNGAVVSTPHYSPGLLIEKSDAYTKVYSRAGLTLMWNREDALMLELDTKFRNHTCGLCGDYNGLQSYSE
FLSDGVLFSPLEFGNMQKINQPDVVCEDPEEEVAPASCSEHRAECERLLTAEAFADCQDLVPLEPYLRACQQDRCRCPGG
DTCVCSTVAEFSRQCSHAGGRPGNWRTATLCPKTCPGNLVYLESGSPCMDTCSHLEVSSLCEEHRMDGCFCPEGTVYDDI
GDSGCVPVSQCHCRLHGHLYTPGQEITNDCEQCVCNAGRWVCKDLPCPGTCALEGGSHITTFDGKTYTFHGDCYYVLAKG
DHNDSYALLGELAPCGSTDKQTCLKTVVLLADKKKNVVVFKSDGSVLLNELQVNLPHVTASFSVFRPSSYHIMVSMAIGV
RLQVQLAPVMQLFVTLDQASQGQVQGLCGNFNGLEGDDFKTASGLVEATGAGFANTWKAQSSCHDKLDWLDDPCSLNIES
ANYAEHWCSLLKKTETPFGRCHSAVDPAEYYKRCKYDTCNCQNNEDCLCAALSSYARACTAKGVMLWGWREHVCNKDVGS
CPNSQVFLYNLTTCQQTCRSLSEADSHCLEGFAPVDGCGCPDHTFLDEKGRCVPLAKCSCYHRGLYLEAGDVVVRQEERC
VCRDGRLHCRQIRLIGQSCTAPKIHMDCSNLTALATSKPRALSCQTLAAGYYHTECVSGCVCPDGLMDDGRGGCVVEKEC
PCVHNNDLYSSGAKIKVDCNTCTCKRGRWVCTQAVCHGTCSIYGSGHYITFDGKYYDFDGHCSYVAVQDYCGQNSSLGSF
SIITENVPCGTTGVTCSKAIKIFMGRTELKLEDKHRVVIQRDEGHHVAYTTREVGQYLVVESSTGIIVIWDKRTTVFIKL
APSYKGTVCGLCGNFDHRSNNDFTTRDHMVVSSELDFGNSWKEAPTCPDVSTNPEPCSLNPHRRSWAEKQCSILKSSVFS
ICHSKVDPKPFYEACVHDSCSCDTGGDCECFCSAVASYAQECTKEGACVFWRTPDLCPIFCDYYNPPHECEWHYEPCGNR
SFETCRTINGIHSNISVSYLEGCYPRCPKDRPIYEEDLKKCVTADKCGCYVEDTHYPPGASVPTEETCKSCVCTNSSQVV
CRPEEGKILNQTQDGAFCYWEICGPNGTVEKHFNICSITHHHHHH
;
_entity_poly.pdbx_strand_id   A,B,C,D
#
loop_
_chem_comp.id
_chem_comp.type
_chem_comp.name
_chem_comp.formula
CA non-polymer 'CALCIUM ION' 'Ca 2'
NAG D-saccharide, beta linking 2-acetamido-2-deoxy-beta-D-glucopyranose 'C8 H15 N O6'
#
# COMPACT_ATOMS: atom_id res chain seq x y z
N ASN A 15 -0.44 -43.48 -2.08
CA ASN A 15 -1.03 -44.19 -3.21
C ASN A 15 -2.23 -43.42 -3.74
N VAL A 16 -3.43 -43.99 -3.61
CA VAL A 16 -4.65 -43.38 -4.14
C VAL A 16 -5.80 -43.72 -3.22
N CYS A 17 -6.61 -42.70 -2.89
CA CYS A 17 -7.92 -42.93 -2.31
C CYS A 17 -8.98 -42.67 -3.37
N SER A 18 -10.02 -43.50 -3.37
CA SER A 18 -10.97 -43.49 -4.47
C SER A 18 -12.40 -43.59 -3.94
N THR A 19 -13.34 -43.02 -4.69
CA THR A 19 -14.77 -43.15 -4.42
C THR A 19 -15.51 -43.16 -5.73
N TRP A 20 -16.40 -44.15 -5.90
CA TRP A 20 -17.13 -44.31 -7.15
C TRP A 20 -18.40 -45.12 -6.88
N GLY A 21 -19.19 -45.28 -7.93
CA GLY A 21 -20.34 -46.17 -7.93
C GLY A 21 -21.36 -45.90 -6.86
N ASN A 22 -22.06 -46.95 -6.42
CA ASN A 22 -23.08 -46.85 -5.39
C ASN A 22 -22.39 -46.81 -4.04
N PHE A 23 -21.85 -45.64 -3.70
CA PHE A 23 -21.27 -45.40 -2.38
C PHE A 23 -20.09 -46.32 -2.11
N HIS A 24 -19.38 -46.73 -3.16
CA HIS A 24 -18.22 -47.59 -3.00
C HIS A 24 -16.97 -46.76 -2.79
N TYR A 25 -16.18 -47.15 -1.79
CA TYR A 25 -15.02 -46.39 -1.35
C TYR A 25 -13.79 -47.28 -1.42
N LYS A 26 -12.62 -46.66 -1.39
CA LYS A 26 -11.36 -47.41 -1.36
C LYS A 26 -10.33 -46.55 -0.67
N THR A 27 -9.82 -47.03 0.46
CA THR A 27 -8.83 -46.32 1.26
C THR A 27 -7.45 -46.43 0.62
N PHE A 28 -6.46 -45.84 1.27
CA PHE A 28 -5.09 -45.90 0.79
C PHE A 28 -4.49 -47.29 0.91
N ASP A 29 -5.17 -48.21 1.59
CA ASP A 29 -4.73 -49.59 1.77
C ASP A 29 -5.84 -50.54 1.36
N GLY A 30 -6.43 -50.29 0.21
CA GLY A 30 -7.57 -51.09 -0.24
C GLY A 30 -8.74 -50.89 0.69
N ASP A 31 -9.26 -51.98 1.23
CA ASP A 31 -10.35 -51.95 2.20
C ASP A 31 -11.63 -51.39 1.57
N VAL A 32 -11.98 -52.01 0.44
CA VAL A 32 -13.20 -51.63 -0.28
C VAL A 32 -14.40 -51.98 0.60
N PHE A 33 -15.31 -51.01 0.76
CA PHE A 33 -16.54 -51.23 1.52
C PHE A 33 -17.61 -50.35 0.89
N ARG A 34 -18.73 -50.19 1.61
CA ARG A 34 -19.85 -49.40 1.12
C ARG A 34 -20.47 -48.66 2.30
N PHE A 35 -20.31 -47.34 2.32
CA PHE A 35 -20.88 -46.49 3.36
C PHE A 35 -21.89 -45.54 2.74
N PRO A 36 -23.19 -45.81 2.87
CA PRO A 36 -24.19 -44.95 2.21
C PRO A 36 -24.52 -43.70 3.00
N GLY A 37 -23.51 -42.93 3.38
CA GLY A 37 -23.74 -41.64 4.01
C GLY A 37 -24.12 -40.59 2.99
N LEU A 38 -24.90 -39.60 3.44
CA LEU A 38 -25.46 -38.59 2.55
C LEU A 38 -25.31 -37.17 3.07
N CYS A 39 -24.87 -36.97 4.31
CA CYS A 39 -24.99 -35.64 4.91
C CYS A 39 -23.75 -34.79 4.73
N ASP A 40 -22.64 -35.21 5.33
CA ASP A 40 -21.36 -34.51 5.20
C ASP A 40 -20.29 -35.32 5.90
N TYR A 41 -19.08 -35.39 5.33
CA TYR A 41 -18.04 -36.24 5.88
C TYR A 41 -16.67 -35.66 5.56
N ASN A 42 -15.70 -36.04 6.39
CA ASN A 42 -14.32 -35.62 6.24
C ASN A 42 -13.59 -36.64 5.35
N PHE A 43 -13.49 -36.32 4.06
CA PHE A 43 -12.85 -37.24 3.12
C PHE A 43 -11.38 -37.47 3.45
N ALA A 44 -10.63 -36.41 3.73
CA ALA A 44 -9.22 -36.55 4.04
C ALA A 44 -8.72 -35.35 4.82
N SER A 45 -7.63 -35.56 5.57
CA SER A 45 -7.06 -34.48 6.37
C SER A 45 -5.64 -34.88 6.76
N ASP A 46 -4.89 -33.90 7.27
CA ASP A 46 -3.52 -34.10 7.71
C ASP A 46 -3.51 -34.03 9.24
N CYS A 47 -3.70 -35.18 9.87
CA CYS A 47 -3.71 -35.26 11.33
C CYS A 47 -2.30 -35.52 11.87
N ARG A 48 -1.46 -34.47 11.79
CA ARG A 48 -0.18 -34.49 12.47
C ARG A 48 -0.26 -33.93 13.87
N GLY A 49 -1.24 -33.06 14.13
CA GLY A 49 -1.44 -32.51 15.46
C GLY A 49 -0.87 -31.11 15.62
N SER A 50 0.32 -30.89 15.05
CA SER A 50 0.97 -29.58 15.15
C SER A 50 0.34 -28.59 14.18
N TYR A 51 0.37 -28.90 12.90
CA TYR A 51 -0.15 -28.00 11.87
C TYR A 51 -0.85 -28.82 10.79
N LYS A 52 -2.02 -28.36 10.37
CA LYS A 52 -2.80 -29.06 9.35
C LYS A 52 -2.47 -28.50 7.98
N GLU A 53 -1.82 -29.32 7.14
CA GLU A 53 -1.46 -28.88 5.79
C GLU A 53 -2.69 -28.71 4.91
N PHE A 54 -3.59 -29.69 4.91
CA PHE A 54 -4.70 -29.68 3.97
C PHE A 54 -5.91 -30.37 4.58
N ALA A 55 -7.07 -30.11 4.00
CA ALA A 55 -8.31 -30.77 4.40
C ALA A 55 -9.21 -30.87 3.20
N VAL A 56 -9.73 -32.07 2.93
CA VAL A 56 -10.65 -32.31 1.82
C VAL A 56 -11.96 -32.81 2.42
N HIS A 57 -13.02 -32.04 2.21
CA HIS A 57 -14.35 -32.33 2.72
C HIS A 57 -15.28 -32.59 1.54
N LEU A 58 -16.05 -33.66 1.63
CA LEU A 58 -16.98 -34.08 0.58
C LEU A 58 -18.40 -33.79 1.01
N LYS A 59 -19.26 -33.46 0.06
CA LYS A 59 -20.68 -33.20 0.33
C LYS A 59 -21.51 -34.07 -0.61
N ARG A 60 -21.97 -35.21 -0.10
CA ARG A 60 -22.91 -36.02 -0.87
C ARG A 60 -24.23 -35.28 -1.04
N GLY A 61 -24.83 -35.44 -2.22
CA GLY A 61 -26.06 -34.76 -2.53
C GLY A 61 -27.23 -35.35 -1.77
N PRO A 62 -28.43 -34.81 -2.00
CA PRO A 62 -29.62 -35.32 -1.33
C PRO A 62 -30.08 -36.68 -1.81
N GLY A 63 -29.35 -37.29 -2.76
CA GLY A 63 -29.74 -38.56 -3.32
C GLY A 63 -30.32 -38.40 -4.70
N GLN A 64 -29.51 -38.63 -5.74
CA GLN A 64 -29.98 -38.46 -7.11
C GLN A 64 -30.97 -39.55 -7.47
N ALA A 65 -30.56 -40.81 -7.33
CA ALA A 65 -31.43 -41.94 -7.62
C ALA A 65 -30.84 -43.17 -6.95
N GLU A 66 -31.40 -44.34 -7.24
CA GLU A 66 -30.97 -45.59 -6.64
C GLU A 66 -29.64 -46.10 -7.21
N ALA A 67 -29.44 -45.98 -8.52
CA ALA A 67 -28.25 -46.57 -9.15
C ALA A 67 -26.99 -45.83 -8.77
N PRO A 68 -26.84 -44.54 -9.10
CA PRO A 68 -25.57 -43.86 -8.86
C PRO A 68 -25.48 -43.26 -7.47
N ALA A 69 -24.32 -42.66 -7.15
CA ALA A 69 -24.14 -41.94 -5.89
C ALA A 69 -23.30 -40.71 -6.21
N GLY A 70 -23.98 -39.59 -6.47
CA GLY A 70 -23.31 -38.38 -6.91
C GLY A 70 -22.69 -37.60 -5.76
N VAL A 71 -22.03 -36.50 -6.14
CA VAL A 71 -21.38 -35.61 -5.20
C VAL A 71 -21.93 -34.21 -5.41
N GLU A 72 -22.27 -33.52 -4.32
CA GLU A 72 -22.82 -32.18 -4.42
C GLU A 72 -21.71 -31.14 -4.54
N SER A 73 -20.74 -31.17 -3.63
CA SER A 73 -19.68 -30.17 -3.63
C SER A 73 -18.46 -30.71 -2.94
N ILE A 74 -17.32 -30.07 -3.20
CA ILE A 74 -16.05 -30.42 -2.59
C ILE A 74 -15.42 -29.16 -2.02
N LEU A 75 -14.96 -29.23 -0.78
CA LEU A 75 -14.20 -28.16 -0.17
C LEU A 75 -12.78 -28.65 0.04
N LEU A 76 -11.80 -27.83 -0.35
CA LEU A 76 -10.40 -28.24 -0.30
C LEU A 76 -9.56 -27.08 0.18
N THR A 77 -9.03 -27.19 1.40
CA THR A 77 -8.24 -26.11 2.00
C THR A 77 -6.79 -26.57 2.04
N ILE A 78 -5.89 -25.74 1.54
CA ILE A 78 -4.45 -26.06 1.55
C ILE A 78 -3.72 -24.88 2.19
N LYS A 79 -3.64 -24.91 3.52
CA LYS A 79 -2.64 -24.21 4.31
C LYS A 79 -2.73 -22.68 4.25
N ASP A 80 -3.40 -22.15 3.23
CA ASP A 80 -3.65 -20.72 3.14
C ASP A 80 -5.00 -20.36 2.53
N ASP A 81 -5.62 -21.25 1.75
CA ASP A 81 -6.72 -20.87 0.88
C ASP A 81 -7.66 -22.05 0.70
N THR A 82 -8.91 -21.72 0.36
CA THR A 82 -9.97 -22.69 0.19
C THR A 82 -10.44 -22.69 -1.26
N ILE A 83 -10.64 -23.87 -1.81
CA ILE A 83 -11.21 -24.05 -3.14
C ILE A 83 -12.53 -24.78 -2.98
N TYR A 84 -13.59 -24.20 -3.54
CA TYR A 84 -14.94 -24.74 -3.44
C TYR A 84 -15.38 -25.15 -4.84
N LEU A 85 -15.52 -26.45 -5.05
CA LEU A 85 -15.82 -27.01 -6.36
C LEU A 85 -17.25 -27.51 -6.39
N THR A 86 -18.01 -27.06 -7.39
CA THR A 86 -19.37 -27.50 -7.64
C THR A 86 -19.42 -28.12 -9.04
N ARG A 87 -20.62 -28.46 -9.49
CA ARG A 87 -20.77 -29.11 -10.78
C ARG A 87 -20.44 -28.17 -11.94
N HIS A 88 -20.58 -26.86 -11.74
CA HIS A 88 -20.48 -25.91 -12.85
C HIS A 88 -19.36 -24.90 -12.69
N LEU A 89 -19.05 -24.47 -11.47
CA LEU A 89 -18.09 -23.39 -11.25
C LEU A 89 -17.20 -23.73 -10.07
N ALA A 90 -16.01 -23.13 -10.07
CA ALA A 90 -15.03 -23.27 -9.01
C ALA A 90 -14.76 -21.91 -8.40
N VAL A 91 -14.70 -21.85 -7.07
CA VAL A 91 -14.53 -20.60 -6.34
C VAL A 91 -13.23 -20.70 -5.54
N LEU A 92 -12.39 -19.68 -5.66
CA LEU A 92 -11.14 -19.59 -4.91
C LEU A 92 -11.20 -18.35 -4.01
N ASN A 93 -11.20 -18.58 -2.70
CA ASN A 93 -11.21 -17.49 -1.72
C ASN A 93 -12.35 -16.52 -1.98
N GLY A 94 -13.51 -17.05 -2.35
CA GLY A 94 -14.70 -16.25 -2.56
C GLY A 94 -14.79 -15.58 -3.91
N ALA A 95 -13.85 -15.83 -4.82
CA ALA A 95 -13.86 -15.23 -6.14
C ALA A 95 -13.85 -16.32 -7.21
N VAL A 96 -14.75 -16.18 -8.18
CA VAL A 96 -14.80 -17.14 -9.28
C VAL A 96 -13.57 -16.96 -10.15
N VAL A 97 -12.95 -18.08 -10.52
CA VAL A 97 -11.72 -18.08 -11.31
C VAL A 97 -12.03 -18.65 -12.69
N SER A 98 -11.38 -18.10 -13.71
CA SER A 98 -11.50 -18.60 -15.06
C SER A 98 -10.43 -19.67 -15.29
N THR A 99 -10.87 -20.90 -15.50
CA THR A 99 -9.91 -21.99 -15.66
C THR A 99 -9.31 -21.98 -17.06
N PRO A 100 -8.04 -22.34 -17.22
CA PRO A 100 -7.09 -22.74 -16.18
C PRO A 100 -6.52 -21.55 -15.39
N HIS A 101 -5.95 -21.84 -14.23
CA HIS A 101 -5.32 -20.81 -13.40
C HIS A 101 -3.91 -21.30 -13.07
N TYR A 102 -2.94 -20.37 -13.06
CA TYR A 102 -1.53 -20.73 -13.02
C TYR A 102 -0.79 -20.03 -11.88
N SER A 103 -1.32 -20.08 -10.67
CA SER A 103 -0.63 -19.47 -9.55
C SER A 103 0.69 -20.21 -9.29
N PRO A 104 1.65 -19.56 -8.64
CA PRO A 104 2.99 -20.18 -8.49
C PRO A 104 3.06 -21.27 -7.45
N GLY A 105 1.92 -21.70 -6.91
CA GLY A 105 1.91 -22.78 -5.95
C GLY A 105 0.72 -23.69 -6.07
N LEU A 106 -0.04 -23.57 -7.16
CA LEU A 106 -1.32 -24.25 -7.28
C LEU A 106 -1.78 -24.18 -8.72
N LEU A 107 -2.26 -25.30 -9.26
CA LEU A 107 -2.76 -25.36 -10.62
C LEU A 107 -4.17 -25.96 -10.62
N ILE A 108 -5.09 -25.29 -11.28
CA ILE A 108 -6.46 -25.74 -11.43
C ILE A 108 -6.74 -25.80 -12.93
N GLU A 109 -7.39 -26.87 -13.38
CA GLU A 109 -7.82 -26.94 -14.77
C GLU A 109 -9.11 -27.74 -14.89
N LYS A 110 -9.86 -27.45 -15.95
CA LYS A 110 -11.19 -28.02 -16.17
C LYS A 110 -11.25 -28.55 -17.60
N SER A 111 -10.96 -29.84 -17.77
CA SER A 111 -11.17 -30.49 -19.05
C SER A 111 -12.66 -30.80 -19.20
N ASP A 112 -13.02 -31.50 -20.28
CA ASP A 112 -14.41 -31.87 -20.49
C ASP A 112 -14.84 -33.02 -19.59
N ALA A 113 -13.91 -33.86 -19.15
CA ALA A 113 -14.22 -35.04 -18.35
C ALA A 113 -13.87 -34.86 -16.88
N TYR A 114 -12.73 -34.26 -16.58
CA TYR A 114 -12.23 -34.15 -15.22
C TYR A 114 -11.94 -32.69 -14.86
N THR A 115 -12.16 -32.36 -13.59
CA THR A 115 -11.62 -31.17 -12.96
C THR A 115 -10.41 -31.64 -12.17
N LYS A 116 -9.26 -30.98 -12.39
CA LYS A 116 -7.98 -31.42 -11.87
C LYS A 116 -7.34 -30.31 -11.07
N VAL A 117 -6.79 -30.66 -9.91
CA VAL A 117 -6.09 -29.73 -9.03
C VAL A 117 -4.75 -30.33 -8.66
N TYR A 118 -3.68 -29.55 -8.86
CA TYR A 118 -2.33 -29.91 -8.44
C TYR A 118 -1.87 -28.90 -7.41
N SER A 119 -1.23 -29.38 -6.35
CA SER A 119 -0.63 -28.52 -5.34
C SER A 119 0.81 -28.93 -5.13
N ARG A 120 1.63 -27.96 -4.70
CA ARG A 120 3.04 -28.23 -4.44
C ARG A 120 3.26 -28.95 -3.11
N ALA A 121 2.23 -29.04 -2.27
CA ALA A 121 2.32 -29.81 -1.03
C ALA A 121 2.34 -31.32 -1.30
N GLY A 122 2.11 -31.74 -2.53
CA GLY A 122 2.07 -33.16 -2.85
C GLY A 122 0.66 -33.69 -2.88
N LEU A 123 -0.26 -32.90 -3.45
CA LEU A 123 -1.67 -33.23 -3.50
C LEU A 123 -2.15 -33.14 -4.93
N THR A 124 -2.80 -34.21 -5.40
CA THR A 124 -3.36 -34.24 -6.74
C THR A 124 -4.77 -34.78 -6.66
N LEU A 125 -5.75 -33.95 -7.04
CA LEU A 125 -7.15 -34.33 -6.97
C LEU A 125 -7.76 -34.33 -8.36
N MET A 126 -8.44 -35.43 -8.69
CA MET A 126 -9.17 -35.52 -9.95
C MET A 126 -10.61 -35.90 -9.66
N TRP A 127 -11.54 -35.15 -10.25
CA TRP A 127 -12.96 -35.42 -10.00
C TRP A 127 -13.73 -35.19 -11.29
N ASN A 128 -14.45 -36.21 -11.75
CA ASN A 128 -15.46 -35.97 -12.78
C ASN A 128 -16.71 -35.43 -12.12
N ARG A 129 -17.37 -34.51 -12.80
CA ARG A 129 -18.39 -33.72 -12.11
C ARG A 129 -19.60 -34.55 -11.65
N GLU A 130 -19.69 -35.87 -11.79
CA GLU A 130 -20.90 -36.59 -11.43
C GLU A 130 -20.69 -37.54 -10.24
N ASP A 131 -19.81 -38.53 -10.34
CA ASP A 131 -19.74 -39.55 -9.30
C ASP A 131 -18.34 -40.00 -8.88
N ALA A 132 -17.31 -39.86 -9.72
CA ALA A 132 -16.02 -40.52 -9.49
C ALA A 132 -15.02 -39.49 -8.99
N LEU A 133 -14.38 -39.80 -7.87
CA LEU A 133 -13.37 -38.92 -7.27
C LEU A 133 -12.16 -39.74 -6.88
N MET A 134 -10.96 -39.22 -7.16
CA MET A 134 -9.74 -39.86 -6.68
C MET A 134 -8.73 -38.81 -6.24
N LEU A 135 -7.95 -39.18 -5.23
CA LEU A 135 -6.97 -38.31 -4.59
C LEU A 135 -5.66 -39.05 -4.46
N GLU A 136 -4.56 -38.33 -4.75
CA GLU A 136 -3.22 -38.90 -4.66
C GLU A 136 -2.35 -37.98 -3.82
N LEU A 137 -1.62 -38.59 -2.88
CA LEU A 137 -0.67 -37.89 -2.04
C LEU A 137 0.72 -38.49 -2.25
N ASP A 138 1.73 -37.78 -1.79
CA ASP A 138 3.08 -38.33 -1.78
C ASP A 138 3.26 -39.23 -0.56
N THR A 139 4.49 -39.70 -0.36
CA THR A 139 4.82 -40.55 0.77
C THR A 139 5.10 -39.76 2.03
N LYS A 140 5.12 -38.43 1.94
CA LYS A 140 5.43 -37.60 3.10
C LYS A 140 4.38 -37.74 4.19
N PHE A 141 3.13 -37.97 3.84
CA PHE A 141 2.02 -37.92 4.78
C PHE A 141 1.64 -39.28 5.34
N ARG A 142 2.57 -40.23 5.37
CA ARG A 142 2.28 -41.53 5.96
C ARG A 142 2.11 -41.42 7.46
N ASN A 143 1.20 -42.23 8.02
CA ASN A 143 0.89 -42.21 9.45
C ASN A 143 0.32 -40.87 9.90
N HIS A 144 -0.28 -40.12 8.97
CA HIS A 144 -0.79 -38.79 9.31
C HIS A 144 -2.22 -38.59 8.84
N THR A 145 -2.63 -39.28 7.80
CA THR A 145 -4.00 -39.15 7.29
C THR A 145 -4.98 -39.74 8.30
N CYS A 146 -6.13 -39.06 8.44
CA CYS A 146 -7.11 -39.44 9.45
C CYS A 146 -8.54 -39.34 8.95
N GLY A 147 -8.75 -39.05 7.67
CA GLY A 147 -10.08 -38.86 7.13
C GLY A 147 -10.76 -40.16 6.81
N LEU A 148 -11.86 -40.06 6.07
CA LEU A 148 -12.62 -41.24 5.65
C LEU A 148 -11.78 -42.18 4.82
N CYS A 149 -10.71 -41.70 4.18
CA CYS A 149 -9.79 -42.54 3.43
C CYS A 149 -8.87 -43.36 4.34
N GLY A 150 -9.04 -43.27 5.65
CA GLY A 150 -8.23 -44.07 6.56
C GLY A 150 -6.81 -43.54 6.67
N ASP A 151 -6.02 -44.27 7.45
CA ASP A 151 -4.62 -43.93 7.66
C ASP A 151 -3.81 -44.23 6.40
N TYR A 152 -2.63 -43.62 6.31
CA TYR A 152 -1.71 -43.80 5.19
C TYR A 152 -0.42 -44.45 5.67
N ASN A 153 -0.55 -45.40 6.58
CA ASN A 153 0.60 -46.15 7.07
C ASN A 153 0.94 -47.36 6.21
N GLY A 154 0.09 -47.70 5.25
CA GLY A 154 0.31 -48.85 4.40
C GLY A 154 -0.24 -50.16 4.93
N LEU A 155 -0.90 -50.14 6.08
CA LEU A 155 -1.40 -51.35 6.72
C LEU A 155 -2.81 -51.64 6.20
N GLN A 156 -3.05 -52.90 5.82
CA GLN A 156 -4.33 -53.31 5.28
C GLN A 156 -5.37 -53.45 6.38
N SER A 157 -6.23 -52.44 6.53
CA SER A 157 -7.30 -52.46 7.52
C SER A 157 -6.76 -52.73 8.93
N TYR A 158 -5.58 -52.20 9.24
CA TYR A 158 -4.99 -52.43 10.55
C TYR A 158 -5.71 -51.65 11.64
N SER A 159 -5.71 -50.31 11.53
CA SER A 159 -6.36 -49.44 12.50
C SER A 159 -7.67 -48.85 12.00
N GLU A 160 -7.94 -48.94 10.69
CA GLU A 160 -9.15 -48.34 10.14
C GLU A 160 -10.40 -48.97 10.73
N PHE A 161 -10.42 -50.30 10.84
CA PHE A 161 -11.57 -51.01 11.38
C PHE A 161 -11.29 -51.74 12.68
N LEU A 162 -10.04 -52.13 12.93
CA LEU A 162 -9.63 -52.75 14.18
C LEU A 162 -8.80 -51.73 14.94
N SER A 163 -9.47 -50.87 15.72
CA SER A 163 -8.80 -49.81 16.47
C SER A 163 -8.40 -50.30 17.87
N ASP A 164 -9.39 -50.75 18.64
CA ASP A 164 -9.17 -51.24 20.00
C ASP A 164 -9.61 -52.69 20.11
N GLY A 165 -9.25 -53.50 19.12
CA GLY A 165 -9.63 -54.90 19.07
C GLY A 165 -10.99 -55.16 18.46
N VAL A 166 -11.91 -54.21 18.59
CA VAL A 166 -13.24 -54.34 18.02
C VAL A 166 -13.17 -54.01 16.53
N LEU A 167 -13.68 -54.92 15.70
CA LEU A 167 -13.71 -54.74 14.26
C LEU A 167 -14.90 -53.87 13.89
N PHE A 168 -14.65 -52.61 13.56
CA PHE A 168 -15.72 -51.67 13.26
C PHE A 168 -16.43 -52.09 11.98
N SER A 169 -17.76 -52.02 11.99
CA SER A 169 -18.52 -52.18 10.76
C SER A 169 -18.36 -50.93 9.91
N PRO A 170 -18.46 -51.06 8.58
CA PRO A 170 -18.27 -49.89 7.72
C PRO A 170 -19.21 -48.74 8.04
N LEU A 171 -20.47 -49.02 8.37
CA LEU A 171 -21.44 -47.95 8.59
C LEU A 171 -21.08 -47.08 9.78
N GLU A 172 -20.80 -47.69 10.93
CA GLU A 172 -20.42 -46.92 12.12
C GLU A 172 -19.10 -46.20 11.95
N PHE A 173 -18.10 -46.83 11.31
CA PHE A 173 -16.84 -46.14 11.06
C PHE A 173 -17.05 -44.92 10.17
N GLY A 174 -17.88 -45.03 9.13
CA GLY A 174 -18.21 -43.88 8.33
C GLY A 174 -18.95 -42.81 9.10
N ASN A 175 -19.89 -43.22 9.94
CA ASN A 175 -20.64 -42.26 10.76
C ASN A 175 -19.72 -41.49 11.71
N MET A 176 -18.56 -42.04 12.05
CA MET A 176 -17.63 -41.35 12.94
C MET A 176 -17.01 -40.12 12.27
N GLN A 177 -16.88 -40.12 10.94
CA GLN A 177 -16.21 -39.06 10.22
C GLN A 177 -17.17 -37.94 9.82
N LYS A 178 -18.31 -37.82 10.49
CA LYS A 178 -19.27 -36.79 10.13
C LYS A 178 -18.77 -35.41 10.55
N ILE A 179 -19.29 -34.39 9.88
CA ILE A 179 -18.91 -33.00 10.12
C ILE A 179 -20.17 -32.25 10.52
N ASN A 180 -20.10 -31.51 11.62
CA ASN A 180 -21.27 -30.82 12.16
C ASN A 180 -21.35 -29.41 11.61
N GLN A 181 -22.37 -29.16 10.79
CA GLN A 181 -22.68 -27.82 10.32
C GLN A 181 -23.68 -27.18 11.28
N PRO A 182 -23.38 -26.00 11.84
CA PRO A 182 -24.28 -25.44 12.86
C PRO A 182 -25.47 -24.70 12.26
N ASP A 183 -26.07 -25.29 11.23
CA ASP A 183 -27.31 -24.76 10.67
C ASP A 183 -28.35 -25.84 10.34
N VAL A 184 -27.94 -27.08 10.12
CA VAL A 184 -28.85 -28.15 9.68
C VAL A 184 -28.52 -29.41 10.46
N VAL A 185 -29.55 -30.16 10.83
CA VAL A 185 -29.40 -31.47 11.46
C VAL A 185 -29.74 -32.53 10.41
N CYS A 186 -28.83 -33.47 10.20
CA CYS A 186 -29.01 -34.54 9.23
C CYS A 186 -28.83 -35.87 9.94
N GLU A 187 -29.77 -36.78 9.73
CA GLU A 187 -29.75 -38.07 10.42
C GLU A 187 -28.86 -39.06 9.68
N ASP A 188 -28.07 -39.81 10.45
CA ASP A 188 -27.22 -40.83 9.86
C ASP A 188 -28.07 -41.97 9.32
N PRO A 189 -27.62 -42.61 8.23
CA PRO A 189 -28.37 -43.78 7.72
C PRO A 189 -28.33 -44.93 8.71
N GLU A 190 -29.45 -45.65 8.81
CA GLU A 190 -29.55 -46.77 9.73
C GLU A 190 -29.07 -48.06 9.05
N GLU A 191 -28.75 -49.05 9.89
CA GLU A 191 -28.29 -50.33 9.39
C GLU A 191 -29.45 -51.08 8.73
N GLU A 192 -29.29 -51.39 7.45
CA GLU A 192 -30.29 -52.18 6.75
C GLU A 192 -30.09 -53.66 7.01
N VAL A 193 -31.15 -54.44 6.81
CA VAL A 193 -31.07 -55.88 6.99
C VAL A 193 -30.02 -56.45 6.03
N ALA A 194 -29.20 -57.36 6.53
CA ALA A 194 -28.13 -57.93 5.73
C ALA A 194 -28.71 -58.65 4.53
N PRO A 195 -28.36 -58.28 3.31
CA PRO A 195 -28.89 -58.96 2.12
C PRO A 195 -28.08 -60.20 1.79
N ALA A 196 -28.63 -61.04 0.92
CA ALA A 196 -27.94 -62.24 0.50
C ALA A 196 -26.69 -61.89 -0.31
N SER A 197 -25.63 -62.67 -0.12
CA SER A 197 -24.40 -62.48 -0.87
C SER A 197 -24.71 -62.66 -2.36
N CYS A 198 -24.59 -61.58 -3.12
CA CYS A 198 -24.95 -61.59 -4.55
C CYS A 198 -23.85 -62.30 -5.33
N SER A 199 -23.71 -63.60 -5.06
CA SER A 199 -22.76 -64.46 -5.74
C SER A 199 -23.34 -65.11 -6.98
N GLU A 200 -24.65 -64.97 -7.21
CA GLU A 200 -25.30 -65.54 -8.38
C GLU A 200 -24.93 -64.82 -9.67
N HIS A 201 -24.28 -63.66 -9.57
CA HIS A 201 -23.85 -62.89 -10.74
C HIS A 201 -22.33 -62.79 -10.80
N ARG A 202 -21.62 -63.63 -10.04
CA ARG A 202 -20.17 -63.57 -10.04
C ARG A 202 -19.60 -63.86 -11.42
N ALA A 203 -20.19 -64.82 -12.14
CA ALA A 203 -19.69 -65.13 -13.48
C ALA A 203 -19.82 -63.93 -14.41
N GLU A 204 -20.93 -63.20 -14.32
CA GLU A 204 -21.11 -62.02 -15.16
C GLU A 204 -20.01 -60.98 -14.92
N CYS A 205 -19.78 -60.63 -13.65
CA CYS A 205 -18.74 -59.65 -13.34
C CYS A 205 -17.37 -60.14 -13.78
N GLU A 206 -17.05 -61.41 -13.49
CA GLU A 206 -15.76 -61.95 -13.87
C GLU A 206 -15.54 -61.93 -15.38
N ARG A 207 -16.56 -62.32 -16.15
CA ARG A 207 -16.42 -62.32 -17.61
C ARG A 207 -16.28 -60.90 -18.14
N LEU A 208 -17.17 -59.99 -17.73
CA LEU A 208 -17.13 -58.64 -18.30
C LEU A 208 -15.84 -57.92 -17.93
N LEU A 209 -15.37 -58.10 -16.69
CA LEU A 209 -14.19 -57.35 -16.25
C LEU A 209 -12.91 -57.88 -16.87
N THR A 210 -12.74 -59.20 -16.95
CA THR A 210 -11.50 -59.80 -17.45
C THR A 210 -11.60 -60.08 -18.94
N ALA A 211 -11.83 -59.02 -19.71
CA ALA A 211 -11.88 -59.10 -21.16
C ALA A 211 -10.48 -58.90 -21.72
N GLU A 212 -10.36 -58.91 -23.05
CA GLU A 212 -9.07 -58.69 -23.69
C GLU A 212 -8.61 -57.25 -23.62
N ALA A 213 -9.55 -56.30 -23.58
CA ALA A 213 -9.19 -54.89 -23.50
C ALA A 213 -8.39 -54.55 -22.25
N PHE A 214 -8.49 -55.36 -21.21
CA PHE A 214 -7.80 -55.14 -19.94
C PHE A 214 -6.58 -56.06 -19.82
N ALA A 215 -5.93 -56.34 -20.94
CA ALA A 215 -4.85 -57.32 -20.96
C ALA A 215 -3.69 -56.90 -20.06
N ASP A 216 -3.05 -55.78 -20.40
CA ASP A 216 -1.82 -55.38 -19.71
C ASP A 216 -2.11 -54.53 -18.48
N CYS A 217 -3.03 -55.01 -17.63
CA CYS A 217 -3.18 -54.48 -16.29
C CYS A 217 -3.54 -55.56 -15.29
N GLN A 218 -3.60 -56.82 -15.71
CA GLN A 218 -3.85 -57.92 -14.77
C GLN A 218 -2.73 -58.04 -13.75
N ASP A 219 -1.56 -57.49 -14.04
CA ASP A 219 -0.41 -57.55 -13.13
C ASP A 219 -0.24 -56.26 -12.34
N LEU A 220 -0.94 -55.18 -12.69
CA LEU A 220 -0.77 -53.90 -12.01
C LEU A 220 -1.76 -53.74 -10.86
N VAL A 221 -3.04 -54.03 -11.11
CA VAL A 221 -4.09 -53.83 -10.11
C VAL A 221 -4.66 -55.18 -9.69
N PRO A 222 -5.13 -55.32 -8.45
CA PRO A 222 -5.80 -56.57 -8.06
C PRO A 222 -7.17 -56.68 -8.74
N LEU A 223 -7.83 -57.81 -8.48
CA LEU A 223 -9.10 -58.13 -9.08
C LEU A 223 -10.22 -58.39 -8.08
N GLU A 224 -9.89 -58.96 -6.92
CA GLU A 224 -10.89 -59.38 -5.94
C GLU A 224 -11.76 -58.22 -5.48
N PRO A 225 -11.17 -57.08 -5.08
CA PRO A 225 -12.00 -55.99 -4.51
C PRO A 225 -13.04 -55.45 -5.48
N TYR A 226 -12.62 -55.14 -6.70
CA TYR A 226 -13.53 -54.58 -7.69
C TYR A 226 -14.63 -55.55 -8.09
N LEU A 227 -14.31 -56.84 -8.27
CA LEU A 227 -15.35 -57.82 -8.53
C LEU A 227 -16.30 -57.99 -7.36
N ARG A 228 -15.78 -57.97 -6.14
CA ARG A 228 -16.65 -58.01 -4.96
C ARG A 228 -17.62 -56.83 -4.97
N ALA A 229 -17.12 -55.64 -5.28
CA ALA A 229 -17.98 -54.48 -5.41
C ALA A 229 -19.01 -54.68 -6.51
N CYS A 230 -18.61 -55.22 -7.66
CA CYS A 230 -19.54 -55.53 -8.73
C CYS A 230 -20.64 -56.48 -8.27
N GLN A 231 -20.34 -57.36 -7.32
CA GLN A 231 -21.35 -58.29 -6.83
C GLN A 231 -22.58 -57.53 -6.33
N GLN A 232 -22.38 -56.56 -5.43
CA GLN A 232 -23.52 -55.79 -4.94
C GLN A 232 -24.10 -54.90 -6.02
N ASP A 233 -23.25 -54.31 -6.85
CA ASP A 233 -23.73 -53.41 -7.90
C ASP A 233 -24.72 -54.09 -8.84
N ARG A 234 -24.42 -55.32 -9.27
CA ARG A 234 -25.29 -56.02 -10.20
C ARG A 234 -26.66 -56.31 -9.61
N CYS A 235 -26.74 -56.71 -8.34
CA CYS A 235 -28.00 -57.05 -7.70
C CYS A 235 -28.71 -55.85 -7.09
N ARG A 236 -27.97 -54.83 -6.65
CA ARG A 236 -28.57 -53.65 -6.05
C ARG A 236 -29.07 -52.64 -7.08
N CYS A 237 -28.77 -52.85 -8.36
CA CYS A 237 -29.15 -51.92 -9.43
C CYS A 237 -29.85 -52.73 -10.54
N PRO A 238 -31.07 -53.17 -10.30
CA PRO A 238 -31.80 -53.93 -11.32
C PRO A 238 -32.18 -53.04 -12.51
N GLY A 239 -32.33 -53.69 -13.66
CA GLY A 239 -32.70 -53.00 -14.88
C GLY A 239 -31.53 -52.43 -15.64
N GLY A 240 -31.47 -51.11 -15.74
CA GLY A 240 -30.39 -50.48 -16.47
C GLY A 240 -29.03 -50.80 -15.87
N ASP A 241 -28.03 -50.90 -16.74
CA ASP A 241 -26.66 -51.24 -16.34
C ASP A 241 -25.89 -49.94 -16.13
N THR A 242 -26.35 -49.16 -15.16
CA THR A 242 -25.70 -47.91 -14.81
C THR A 242 -24.76 -48.04 -13.61
N CYS A 243 -24.84 -49.13 -12.87
CA CYS A 243 -23.93 -49.38 -11.76
C CYS A 243 -22.79 -50.30 -12.11
N VAL A 244 -23.02 -51.32 -12.95
CA VAL A 244 -21.97 -52.26 -13.29
C VAL A 244 -20.86 -51.58 -14.10
N CYS A 245 -21.21 -50.77 -15.10
CA CYS A 245 -20.22 -50.11 -15.93
C CYS A 245 -19.65 -48.86 -15.26
N SER A 246 -19.99 -48.64 -14.00
CA SER A 246 -19.34 -47.63 -13.18
C SER A 246 -18.15 -48.17 -12.40
N THR A 247 -18.08 -49.48 -12.18
CA THR A 247 -16.95 -50.09 -11.49
C THR A 247 -15.82 -50.41 -12.47
N VAL A 248 -16.13 -51.05 -13.59
CA VAL A 248 -15.12 -51.29 -14.61
C VAL A 248 -14.54 -49.98 -15.12
N ALA A 249 -15.31 -48.89 -15.07
CA ALA A 249 -14.74 -47.58 -15.36
C ALA A 249 -13.64 -47.23 -14.37
N GLU A 250 -13.88 -47.46 -13.08
CA GLU A 250 -12.83 -47.29 -12.07
C GLU A 250 -11.67 -48.25 -12.28
N PHE A 251 -11.96 -49.50 -12.64
CA PHE A 251 -10.88 -50.44 -12.92
C PHE A 251 -9.99 -49.94 -14.05
N SER A 252 -10.61 -49.45 -15.13
CA SER A 252 -9.88 -48.87 -16.24
C SER A 252 -9.09 -47.63 -15.84
N ARG A 253 -9.68 -46.73 -15.06
CA ARG A 253 -8.94 -45.56 -14.57
C ARG A 253 -7.72 -45.95 -13.77
N GLN A 254 -7.85 -46.93 -12.88
CA GLN A 254 -6.68 -47.47 -12.19
C GLN A 254 -5.69 -48.10 -13.16
N CYS A 255 -6.18 -48.82 -14.16
CA CYS A 255 -5.30 -49.42 -15.16
C CYS A 255 -4.45 -48.36 -15.85
N SER A 256 -5.07 -47.26 -16.25
CA SER A 256 -4.39 -46.17 -16.93
C SER A 256 -3.45 -45.40 -16.01
N HIS A 257 -3.87 -45.13 -14.77
CA HIS A 257 -3.07 -44.38 -13.82
C HIS A 257 -1.79 -45.09 -13.40
N ALA A 258 -1.84 -46.42 -13.22
CA ALA A 258 -0.64 -47.14 -12.82
C ALA A 258 0.43 -47.08 -13.89
N GLY A 259 0.03 -47.07 -15.16
CA GLY A 259 0.99 -47.01 -16.25
C GLY A 259 0.57 -47.85 -17.44
N GLY A 260 -0.42 -48.71 -17.24
CA GLY A 260 -0.92 -49.55 -18.31
C GLY A 260 -1.81 -48.77 -19.26
N ARG A 261 -2.21 -49.45 -20.33
CA ARG A 261 -3.07 -48.87 -21.36
C ARG A 261 -4.18 -49.85 -21.71
N PRO A 262 -5.38 -49.69 -21.19
CA PRO A 262 -6.46 -50.62 -21.53
C PRO A 262 -7.01 -50.35 -22.92
N GLY A 263 -7.71 -51.35 -23.46
CA GLY A 263 -8.36 -51.24 -24.75
C GLY A 263 -9.81 -50.81 -24.61
N ASN A 264 -10.43 -50.61 -25.78
CA ASN A 264 -11.83 -50.21 -25.83
C ASN A 264 -12.72 -51.36 -25.43
N TRP A 265 -13.68 -51.10 -24.54
CA TRP A 265 -14.68 -52.08 -24.16
C TRP A 265 -16.11 -51.58 -24.35
N ARG A 266 -16.32 -50.28 -24.33
CA ARG A 266 -17.66 -49.71 -24.54
C ARG A 266 -18.12 -50.01 -25.95
N THR A 267 -19.18 -50.80 -26.07
CA THR A 267 -19.79 -51.08 -27.36
C THR A 267 -21.08 -50.26 -27.49
N ALA A 268 -21.76 -50.38 -28.62
CA ALA A 268 -23.03 -49.69 -28.81
C ALA A 268 -24.11 -50.17 -27.85
N THR A 269 -23.94 -51.35 -27.24
CA THR A 269 -24.89 -51.89 -26.30
C THR A 269 -24.34 -52.01 -24.88
N LEU A 270 -23.09 -51.62 -24.65
CA LEU A 270 -22.45 -51.72 -23.35
C LEU A 270 -22.04 -50.32 -22.89
N CYS A 271 -22.99 -49.62 -22.26
CA CYS A 271 -22.79 -48.28 -21.74
C CYS A 271 -21.97 -47.42 -22.72
N PRO A 272 -22.54 -47.08 -23.86
CA PRO A 272 -21.82 -46.24 -24.83
C PRO A 272 -21.81 -44.78 -24.40
N LYS A 273 -20.89 -44.04 -25.03
CA LYS A 273 -20.76 -42.61 -24.79
C LYS A 273 -20.70 -41.87 -26.12
N THR A 274 -21.23 -40.65 -26.15
CA THR A 274 -21.36 -39.87 -27.36
C THR A 274 -20.74 -38.49 -27.17
N CYS A 275 -20.13 -37.98 -28.25
CA CYS A 275 -19.61 -36.63 -28.28
C CYS A 275 -20.01 -35.99 -29.61
N PRO A 276 -20.14 -34.66 -29.64
CA PRO A 276 -20.58 -34.01 -30.88
C PRO A 276 -19.58 -34.21 -32.02
N GLY A 277 -20.11 -34.24 -33.23
CA GLY A 277 -19.28 -34.44 -34.39
C GLY A 277 -18.65 -35.82 -34.39
N ASN A 278 -17.60 -35.97 -35.19
CA ASN A 278 -16.88 -37.24 -35.29
C ASN A 278 -15.80 -37.34 -34.22
N LEU A 279 -16.20 -37.10 -32.96
CA LEU A 279 -15.30 -37.21 -31.83
C LEU A 279 -15.43 -38.63 -31.26
N VAL A 280 -14.47 -39.47 -31.61
CA VAL A 280 -14.49 -40.88 -31.20
C VAL A 280 -14.00 -41.01 -29.77
N TYR A 281 -14.74 -41.78 -28.97
CA TYR A 281 -14.37 -42.04 -27.59
C TYR A 281 -13.33 -43.15 -27.53
N LEU A 282 -12.33 -42.95 -26.68
CA LEU A 282 -11.23 -43.89 -26.54
C LEU A 282 -10.71 -43.87 -25.11
N GLU A 283 -9.86 -44.85 -24.81
CA GLU A 283 -9.15 -44.92 -23.54
C GLU A 283 -7.65 -44.86 -23.82
N SER A 284 -6.92 -44.24 -22.89
CA SER A 284 -5.47 -44.12 -22.98
C SER A 284 -5.05 -43.36 -24.24
N GLY A 285 -5.46 -42.09 -24.30
CA GLY A 285 -5.03 -41.20 -25.35
C GLY A 285 -4.65 -39.85 -24.78
N SER A 286 -3.59 -39.27 -25.35
CA SER A 286 -3.03 -38.05 -24.81
C SER A 286 -4.06 -36.92 -24.85
N PRO A 287 -4.22 -36.16 -23.75
CA PRO A 287 -5.09 -34.97 -23.81
C PRO A 287 -4.50 -33.82 -24.59
N CYS A 288 -3.22 -33.85 -24.92
CA CYS A 288 -2.55 -32.76 -25.63
C CYS A 288 -2.93 -32.87 -27.11
N MET A 289 -3.84 -32.00 -27.55
CA MET A 289 -4.40 -32.06 -28.89
C MET A 289 -3.93 -30.87 -29.72
N ASP A 290 -3.77 -31.10 -31.02
CA ASP A 290 -3.51 -30.03 -31.97
C ASP A 290 -4.83 -29.48 -32.48
N THR A 291 -5.00 -28.17 -32.45
CA THR A 291 -6.30 -27.54 -32.62
C THR A 291 -6.32 -26.50 -33.73
N CYS A 292 -5.60 -26.78 -34.84
CA CYS A 292 -5.75 -25.99 -36.05
C CYS A 292 -5.22 -24.56 -35.92
N SER A 293 -4.89 -24.13 -34.70
CA SER A 293 -4.17 -22.89 -34.48
C SER A 293 -2.91 -23.14 -33.64
N HIS A 294 -3.06 -23.85 -32.53
CA HIS A 294 -1.93 -24.18 -31.65
CA HIS A 294 -1.93 -24.18 -31.66
C HIS A 294 -1.40 -25.54 -32.09
N LEU A 295 -0.56 -25.53 -33.12
CA LEU A 295 0.02 -26.75 -33.62
C LEU A 295 1.22 -27.15 -32.76
N GLU A 296 1.63 -28.42 -32.88
CA GLU A 296 2.79 -28.94 -32.16
C GLU A 296 2.63 -28.78 -30.65
N VAL A 297 1.43 -29.02 -30.15
CA VAL A 297 1.22 -29.04 -28.71
C VAL A 297 1.86 -30.28 -28.10
N SER A 298 1.78 -31.41 -28.79
CA SER A 298 2.22 -32.68 -28.23
C SER A 298 3.70 -32.70 -27.88
N SER A 299 4.52 -31.88 -28.54
CA SER A 299 5.95 -31.83 -28.24
C SER A 299 6.24 -31.25 -26.86
N LEU A 300 5.30 -30.50 -26.28
CA LEU A 300 5.47 -29.87 -24.98
C LEU A 300 4.43 -30.40 -24.00
N CYS A 301 4.13 -31.69 -24.08
CA CYS A 301 3.04 -32.29 -23.30
C CYS A 301 3.61 -32.85 -22.01
N GLU A 302 3.42 -32.13 -20.91
CA GLU A 302 3.84 -32.59 -19.59
C GLU A 302 2.70 -33.25 -18.83
N GLU A 303 2.11 -34.31 -19.41
CA GLU A 303 1.05 -35.04 -18.76
C GLU A 303 1.00 -36.47 -19.30
N HIS A 304 0.45 -37.37 -18.49
CA HIS A 304 0.15 -38.72 -18.92
C HIS A 304 -1.30 -38.76 -19.40
N ARG A 305 -1.76 -39.93 -19.83
CA ARG A 305 -2.96 -40.04 -20.64
C ARG A 305 -4.09 -40.73 -19.89
N MET A 306 -5.32 -40.44 -20.34
CA MET A 306 -6.54 -40.99 -19.80
C MET A 306 -7.54 -41.14 -20.94
N ASP A 307 -8.78 -41.45 -20.59
CA ASP A 307 -9.85 -41.69 -21.54
C ASP A 307 -10.50 -40.36 -21.95
N GLY A 308 -11.41 -40.45 -22.92
CA GLY A 308 -12.14 -39.30 -23.38
C GLY A 308 -12.41 -39.32 -24.86
N CYS A 309 -13.01 -38.26 -25.39
CA CYS A 309 -13.28 -38.12 -26.81
C CYS A 309 -12.12 -37.43 -27.48
N PHE A 310 -11.55 -38.07 -28.50
CA PHE A 310 -10.32 -37.60 -29.13
C PHE A 310 -10.51 -37.48 -30.64
N CYS A 311 -9.44 -37.25 -31.36
CA CYS A 311 -9.46 -37.16 -32.82
C CYS A 311 -8.69 -38.32 -33.43
N PRO A 312 -8.94 -38.65 -34.69
CA PRO A 312 -8.19 -39.73 -35.33
C PRO A 312 -6.72 -39.41 -35.47
N GLU A 313 -5.95 -40.31 -36.08
CA GLU A 313 -4.50 -40.13 -36.18
C GLU A 313 -4.15 -38.75 -36.73
N GLY A 314 -4.80 -38.36 -37.82
CA GLY A 314 -4.62 -37.03 -38.37
C GLY A 314 -5.81 -36.14 -38.04
N THR A 315 -6.08 -35.16 -38.90
CA THR A 315 -7.27 -34.32 -38.78
C THR A 315 -7.29 -33.59 -37.43
N VAL A 316 -6.31 -32.70 -37.27
CA VAL A 316 -6.25 -31.86 -36.09
C VAL A 316 -7.61 -31.22 -35.83
N TYR A 317 -7.96 -31.10 -34.55
CA TYR A 317 -9.26 -30.57 -34.17
C TYR A 317 -9.44 -29.15 -34.68
N ASP A 318 -10.67 -28.84 -35.10
CA ASP A 318 -10.99 -27.51 -35.62
C ASP A 318 -11.26 -26.58 -34.44
N ASP A 319 -10.50 -25.49 -34.36
CA ASP A 319 -10.67 -24.51 -33.29
C ASP A 319 -11.27 -23.21 -33.80
N ILE A 320 -10.77 -22.68 -34.92
CA ILE A 320 -11.29 -21.42 -35.44
C ILE A 320 -12.76 -21.56 -35.80
N GLY A 321 -13.11 -22.64 -36.49
CA GLY A 321 -14.50 -22.90 -36.82
C GLY A 321 -15.21 -23.64 -35.70
N ASP A 322 -16.23 -24.42 -36.05
CA ASP A 322 -16.96 -25.19 -35.06
C ASP A 322 -17.21 -26.63 -35.50
N SER A 323 -16.51 -27.12 -36.51
CA SER A 323 -16.70 -28.49 -36.99
C SER A 323 -15.92 -29.46 -36.09
N GLY A 324 -15.83 -30.71 -36.53
CA GLY A 324 -15.14 -31.76 -35.79
C GLY A 324 -13.69 -31.87 -36.20
N CYS A 325 -13.15 -33.09 -36.08
CA CYS A 325 -11.75 -33.36 -36.39
C CYS A 325 -11.59 -33.35 -37.90
N VAL A 326 -11.54 -32.14 -38.46
CA VAL A 326 -11.38 -31.95 -39.90
C VAL A 326 -9.92 -32.11 -40.28
N PRO A 327 -9.60 -32.35 -41.55
CA PRO A 327 -8.19 -32.45 -41.95
C PRO A 327 -7.45 -31.15 -41.71
N VAL A 328 -6.12 -31.21 -41.91
CA VAL A 328 -5.30 -30.03 -41.70
C VAL A 328 -5.56 -28.99 -42.80
N SER A 329 -5.70 -29.43 -44.04
CA SER A 329 -5.83 -28.50 -45.17
C SER A 329 -7.28 -28.04 -45.36
N GLN A 330 -7.91 -27.66 -44.25
CA GLN A 330 -9.20 -26.96 -44.31
C GLN A 330 -9.30 -25.86 -43.28
N CYS A 331 -8.22 -25.60 -42.52
CA CYS A 331 -8.25 -24.59 -41.46
C CYS A 331 -8.65 -23.23 -42.01
N HIS A 332 -9.73 -22.67 -41.46
CA HIS A 332 -10.16 -21.33 -41.85
C HIS A 332 -9.36 -20.28 -41.09
N CYS A 333 -8.93 -19.24 -41.81
CA CYS A 333 -8.18 -18.17 -41.19
C CYS A 333 -9.13 -17.17 -40.53
N ARG A 334 -8.59 -16.36 -39.62
CA ARG A 334 -9.35 -15.25 -39.06
C ARG A 334 -8.49 -14.00 -39.08
N LEU A 335 -9.16 -12.84 -39.09
CA LEU A 335 -8.45 -11.57 -38.99
C LEU A 335 -9.42 -10.55 -38.39
N HIS A 336 -9.25 -10.27 -37.11
CA HIS A 336 -10.13 -9.39 -36.34
C HIS A 336 -11.61 -9.65 -36.68
N GLY A 337 -12.04 -10.88 -36.40
CA GLY A 337 -13.41 -11.25 -36.69
C GLY A 337 -13.57 -12.12 -37.91
N HIS A 338 -13.92 -11.49 -39.04
CA HIS A 338 -14.35 -12.21 -40.23
C HIS A 338 -13.58 -13.50 -40.44
N LEU A 339 -14.32 -14.56 -40.78
CA LEU A 339 -13.78 -15.90 -40.96
C LEU A 339 -13.46 -16.10 -42.44
N TYR A 340 -12.18 -16.08 -42.78
CA TYR A 340 -11.75 -16.16 -44.16
C TYR A 340 -11.51 -17.62 -44.56
N THR A 341 -12.04 -17.98 -45.73
CA THR A 341 -11.93 -19.34 -46.23
C THR A 341 -10.52 -19.60 -46.76
N PRO A 342 -10.12 -20.87 -46.88
CA PRO A 342 -8.78 -21.17 -47.43
C PRO A 342 -8.67 -20.92 -48.92
N GLY A 343 -8.38 -19.67 -49.29
CA GLY A 343 -8.27 -19.27 -50.69
C GLY A 343 -8.72 -17.85 -50.92
N GLN A 344 -9.37 -17.25 -49.94
CA GLN A 344 -9.78 -15.86 -50.01
C GLN A 344 -8.60 -14.96 -49.67
N GLU A 345 -8.36 -13.95 -50.51
CA GLU A 345 -7.23 -13.07 -50.32
C GLU A 345 -7.65 -11.77 -49.64
N ILE A 346 -6.66 -11.04 -49.13
CA ILE A 346 -6.88 -9.73 -48.54
C ILE A 346 -5.64 -8.89 -48.78
N THR A 347 -5.80 -7.57 -48.68
CA THR A 347 -4.70 -6.62 -48.84
C THR A 347 -4.62 -5.78 -47.58
N ASN A 348 -3.56 -5.97 -46.81
CA ASN A 348 -3.33 -5.20 -45.59
C ASN A 348 -2.67 -3.87 -45.95
N ASP A 349 -2.17 -3.15 -44.95
CA ASP A 349 -1.66 -1.80 -45.16
C ASP A 349 -0.58 -1.75 -46.23
N CYS A 350 0.55 -2.43 -45.99
CA CYS A 350 1.67 -2.42 -46.93
C CYS A 350 1.95 -3.79 -47.52
N GLU A 351 1.05 -4.75 -47.36
CA GLU A 351 1.27 -6.11 -47.83
C GLU A 351 -0.06 -6.77 -48.15
N GLN A 352 0.01 -7.81 -48.98
CA GLN A 352 -1.15 -8.59 -49.36
C GLN A 352 -0.96 -10.04 -48.92
N CYS A 353 -2.02 -10.63 -48.36
CA CYS A 353 -1.94 -11.95 -47.77
C CYS A 353 -3.03 -12.84 -48.32
N VAL A 354 -2.77 -14.15 -48.30
CA VAL A 354 -3.71 -15.16 -48.77
C VAL A 354 -3.76 -16.27 -47.72
N CYS A 355 -4.97 -16.73 -47.41
CA CYS A 355 -5.16 -17.76 -46.40
C CYS A 355 -4.76 -19.12 -46.95
N ASN A 356 -3.56 -19.56 -46.62
CA ASN A 356 -3.13 -20.92 -46.91
C ASN A 356 -3.68 -21.83 -45.81
N ALA A 357 -3.18 -23.06 -45.71
CA ALA A 357 -3.76 -24.05 -44.80
C ALA A 357 -3.46 -23.64 -43.37
N GLY A 358 -4.37 -22.85 -42.80
CA GLY A 358 -4.30 -22.43 -41.42
C GLY A 358 -3.53 -21.15 -41.19
N ARG A 359 -2.51 -20.88 -42.00
CA ARG A 359 -1.62 -19.74 -41.82
C ARG A 359 -1.62 -18.87 -43.07
N TRP A 360 -1.55 -17.57 -42.86
CA TRP A 360 -1.49 -16.62 -43.96
C TRP A 360 -0.13 -16.71 -44.65
N VAL A 361 -0.12 -16.43 -45.95
CA VAL A 361 1.10 -16.22 -46.71
C VAL A 361 1.04 -14.79 -47.21
N CYS A 362 2.02 -13.99 -46.84
CA CYS A 362 2.01 -12.55 -47.08
C CYS A 362 3.16 -12.13 -47.96
N LYS A 363 2.94 -11.04 -48.70
CA LYS A 363 3.92 -10.51 -49.64
C LYS A 363 3.88 -8.99 -49.57
N ASP A 364 5.06 -8.38 -49.55
CA ASP A 364 5.17 -6.94 -49.31
C ASP A 364 4.67 -6.14 -50.51
N LEU A 365 4.14 -4.95 -50.22
CA LEU A 365 3.73 -3.98 -51.22
C LEU A 365 4.44 -2.66 -50.94
N PRO A 366 4.84 -1.92 -51.99
CA PRO A 366 5.48 -0.62 -51.76
C PRO A 366 4.54 0.34 -51.05
N CYS A 367 5.10 1.13 -50.14
CA CYS A 367 4.36 2.17 -49.45
C CYS A 367 5.36 3.19 -48.92
N PRO A 368 5.13 4.49 -49.13
CA PRO A 368 6.17 5.48 -48.84
C PRO A 368 6.34 5.77 -47.35
N GLY A 369 7.22 6.71 -47.02
CA GLY A 369 7.45 7.08 -45.64
C GLY A 369 7.25 8.55 -45.44
N THR A 370 7.02 8.93 -44.18
CA THR A 370 6.65 10.30 -43.83
C THR A 370 7.40 10.75 -42.58
N CYS A 371 8.10 11.88 -42.69
CA CYS A 371 8.62 12.58 -41.53
C CYS A 371 7.74 13.77 -41.22
N ALA A 372 7.57 14.07 -39.94
CA ALA A 372 6.69 15.15 -39.51
C ALA A 372 7.38 16.03 -38.48
N LEU A 373 7.31 17.34 -38.68
CA LEU A 373 7.77 18.33 -37.71
C LEU A 373 6.53 19.10 -37.28
N GLU A 374 6.07 18.85 -36.06
CA GLU A 374 4.81 19.34 -35.55
C GLU A 374 5.01 20.07 -34.23
N GLY A 375 4.04 20.91 -33.90
CA GLY A 375 4.14 21.71 -32.70
C GLY A 375 5.40 22.57 -32.73
N GLY A 376 5.72 23.17 -31.59
CA GLY A 376 6.93 23.94 -31.49
C GLY A 376 8.15 23.06 -31.72
N SER A 377 8.17 21.91 -31.05
CA SER A 377 9.26 20.94 -31.19
C SER A 377 8.69 19.55 -30.95
N HIS A 378 8.34 18.86 -32.04
CA HIS A 378 7.96 17.45 -31.97
C HIS A 378 8.28 16.83 -33.32
N ILE A 379 9.28 15.97 -33.35
CA ILE A 379 9.79 15.40 -34.59
C ILE A 379 9.51 13.91 -34.61
N THR A 380 8.77 13.48 -35.64
CA THR A 380 8.51 12.07 -35.88
C THR A 380 9.28 11.65 -37.13
N THR A 381 10.22 10.72 -36.94
CA THR A 381 11.10 10.30 -38.01
C THR A 381 10.34 9.44 -39.02
N PHE A 382 11.07 8.89 -39.98
CA PHE A 382 10.46 8.00 -40.96
C PHE A 382 10.11 6.65 -40.34
N ASP A 383 10.54 6.38 -39.12
CA ASP A 383 10.31 5.11 -38.43
C ASP A 383 9.82 5.36 -37.01
N GLY A 384 8.84 6.23 -36.86
CA GLY A 384 8.33 6.58 -35.54
C GLY A 384 9.35 7.37 -34.76
N LYS A 385 9.71 6.88 -33.57
CA LYS A 385 10.77 7.46 -32.76
C LYS A 385 10.52 8.95 -32.50
N THR A 386 9.43 9.20 -31.79
CA THR A 386 9.07 10.55 -31.39
C THR A 386 10.05 11.07 -30.33
N TYR A 387 10.39 12.36 -30.43
CA TYR A 387 11.21 13.00 -29.41
C TYR A 387 11.05 14.52 -29.51
N THR A 388 11.43 15.19 -28.43
CA THR A 388 11.25 16.63 -28.27
C THR A 388 12.62 17.30 -28.13
N PHE A 389 12.82 18.40 -28.84
CA PHE A 389 14.15 18.98 -28.99
C PHE A 389 14.31 20.35 -28.36
N HIS A 390 13.48 21.33 -28.70
CA HIS A 390 13.63 22.71 -28.22
C HIS A 390 14.98 23.29 -28.60
N GLY A 391 15.19 23.42 -29.92
CA GLY A 391 16.44 23.92 -30.45
C GLY A 391 16.41 25.41 -30.76
N ASP A 392 17.60 25.94 -31.09
CA ASP A 392 17.71 27.32 -31.57
C ASP A 392 18.88 27.40 -32.55
N CYS A 393 18.58 27.17 -33.83
CA CYS A 393 19.54 27.34 -34.92
C CYS A 393 18.86 26.98 -36.23
N TYR A 394 19.57 27.07 -37.35
CA TYR A 394 19.20 26.33 -38.55
C TYR A 394 19.67 24.89 -38.41
N TYR A 395 18.86 23.96 -38.89
CA TYR A 395 19.18 22.55 -38.82
C TYR A 395 18.90 21.90 -40.17
N VAL A 396 19.61 20.81 -40.44
CA VAL A 396 19.43 20.07 -41.69
C VAL A 396 18.37 19.00 -41.46
N LEU A 397 17.12 19.34 -41.79
CA LEU A 397 16.03 18.38 -41.61
C LEU A 397 16.24 17.12 -42.43
N ALA A 398 16.51 17.25 -43.73
CA ALA A 398 16.71 16.05 -44.54
C ALA A 398 17.34 16.40 -45.87
N LYS A 399 18.37 15.66 -46.26
CA LYS A 399 19.09 15.95 -47.49
C LYS A 399 19.61 14.66 -48.10
N GLY A 400 19.44 14.53 -49.42
CA GLY A 400 19.95 13.38 -50.13
C GLY A 400 21.45 13.25 -49.98
N ASP A 401 21.89 12.03 -49.71
CA ASP A 401 23.27 11.78 -49.32
C ASP A 401 24.26 11.77 -50.49
N HIS A 402 23.79 11.61 -51.73
CA HIS A 402 24.72 11.25 -52.79
C HIS A 402 25.81 12.31 -52.95
N ASN A 403 25.49 13.46 -53.55
CA ASN A 403 26.32 14.65 -53.34
C ASN A 403 25.51 15.94 -53.35
N ASP A 404 24.43 15.97 -54.12
CA ASP A 404 23.80 17.23 -54.51
C ASP A 404 22.28 17.18 -54.45
N SER A 405 21.68 15.99 -54.48
CA SER A 405 20.28 15.81 -54.86
C SER A 405 19.36 16.92 -54.36
N TYR A 406 19.44 17.25 -53.07
CA TYR A 406 18.55 18.26 -52.50
C TYR A 406 18.97 18.50 -51.06
N ALA A 407 18.28 19.45 -50.42
CA ALA A 407 18.43 19.68 -48.99
C ALA A 407 17.21 20.43 -48.49
N LEU A 408 16.74 20.07 -47.30
CA LEU A 408 15.58 20.68 -46.68
C LEU A 408 15.97 21.05 -45.25
N LEU A 409 15.88 22.35 -44.94
CA LEU A 409 16.30 22.91 -43.67
C LEU A 409 15.06 23.37 -42.89
N GLY A 410 15.31 23.99 -41.74
CA GLY A 410 14.22 24.51 -40.93
C GLY A 410 14.71 25.30 -39.73
N GLU A 411 14.10 26.46 -39.49
CA GLU A 411 14.52 27.35 -38.41
C GLU A 411 13.71 27.07 -37.16
N LEU A 412 14.35 26.47 -36.16
CA LEU A 412 13.77 26.28 -34.84
C LEU A 412 14.37 27.37 -33.97
N ALA A 413 13.54 28.16 -33.31
CA ALA A 413 14.03 29.27 -32.52
C ALA A 413 13.08 29.61 -31.37
N PRO A 414 13.58 30.27 -30.33
CA PRO A 414 12.70 30.66 -29.22
C PRO A 414 11.53 31.50 -29.72
N CYS A 415 10.38 31.31 -29.08
CA CYS A 415 9.11 31.77 -29.62
C CYS A 415 8.32 32.64 -28.66
N GLY A 416 8.48 32.44 -27.35
CA GLY A 416 7.75 33.23 -26.38
C GLY A 416 8.68 33.98 -25.44
N SER A 417 8.56 33.71 -24.14
CA SER A 417 9.36 34.38 -23.13
C SER A 417 10.62 33.58 -22.80
N THR A 418 10.46 32.34 -22.35
CA THR A 418 11.58 31.51 -21.94
C THR A 418 12.18 30.79 -23.14
N ASP A 419 13.31 30.12 -22.90
CA ASP A 419 13.91 29.26 -23.91
C ASP A 419 13.11 28.00 -24.16
N LYS A 420 12.19 27.64 -23.27
CA LYS A 420 11.43 26.41 -23.37
C LYS A 420 10.14 26.59 -24.14
N GLN A 421 10.04 27.61 -24.99
CA GLN A 421 8.87 27.84 -25.83
C GLN A 421 9.38 28.21 -27.22
N THR A 422 9.52 27.21 -28.07
CA THR A 422 10.15 27.36 -29.38
C THR A 422 9.12 27.26 -30.49
N CYS A 423 9.55 27.62 -31.69
CA CYS A 423 8.69 27.62 -32.86
C CYS A 423 9.53 27.38 -34.12
N LEU A 424 8.85 26.92 -35.17
CA LEU A 424 9.43 26.85 -36.50
C LEU A 424 9.12 28.14 -37.24
N LYS A 425 10.17 28.76 -37.80
CA LYS A 425 10.04 30.12 -38.30
C LYS A 425 10.22 30.23 -39.81
N THR A 426 10.92 29.29 -40.42
CA THR A 426 11.22 29.39 -41.85
C THR A 426 11.71 28.06 -42.38
N VAL A 427 11.30 27.73 -43.61
CA VAL A 427 11.71 26.49 -44.27
C VAL A 427 12.48 26.87 -45.53
N VAL A 428 13.68 26.32 -45.67
CA VAL A 428 14.56 26.63 -46.79
C VAL A 428 14.83 25.35 -47.57
N LEU A 429 14.63 25.40 -48.89
CA LEU A 429 14.84 24.27 -49.77
C LEU A 429 15.96 24.59 -50.74
N LEU A 430 16.91 23.68 -50.87
CA LEU A 430 18.07 23.84 -51.75
C LEU A 430 18.01 22.70 -52.77
N ALA A 431 17.62 23.02 -53.99
CA ALA A 431 17.39 22.02 -55.02
C ALA A 431 18.08 22.43 -56.33
N ASP A 432 17.95 21.56 -57.33
CA ASP A 432 18.56 21.74 -58.64
C ASP A 432 20.09 21.86 -58.50
N LYS A 433 20.68 20.77 -58.00
CA LYS A 433 22.11 20.73 -57.72
C LYS A 433 22.51 21.82 -56.74
N LYS A 434 21.62 22.13 -55.80
CA LYS A 434 21.81 23.24 -54.86
C LYS A 434 22.06 24.55 -55.60
N LYS A 435 21.48 24.69 -56.78
CA LYS A 435 21.55 25.92 -57.56
C LYS A 435 20.29 26.75 -57.48
N ASN A 436 19.31 26.33 -56.68
CA ASN A 436 18.07 27.08 -56.48
C ASN A 436 17.69 27.01 -55.01
N VAL A 437 17.47 28.17 -54.40
CA VAL A 437 17.11 28.28 -53.00
C VAL A 437 15.73 28.90 -52.90
N VAL A 438 14.79 28.15 -52.32
CA VAL A 438 13.41 28.60 -52.14
C VAL A 438 13.18 28.78 -50.64
N VAL A 439 12.41 29.79 -50.27
CA VAL A 439 12.19 30.15 -48.87
C VAL A 439 10.70 30.27 -48.61
N PHE A 440 10.22 29.59 -47.57
CA PHE A 440 8.86 29.69 -47.07
C PHE A 440 8.95 30.33 -45.69
N LYS A 441 8.34 31.50 -45.54
CA LYS A 441 8.23 32.14 -44.24
C LYS A 441 6.84 31.89 -43.67
N SER A 442 6.72 32.05 -42.35
CA SER A 442 5.44 31.81 -41.69
C SER A 442 4.52 33.02 -41.76
N ASP A 443 4.42 33.62 -42.96
CA ASP A 443 3.38 34.59 -43.25
C ASP A 443 2.91 34.46 -44.70
N GLY A 444 3.01 33.27 -45.27
CA GLY A 444 2.97 33.15 -46.72
C GLY A 444 4.25 33.68 -47.30
N SER A 445 4.13 34.57 -48.29
CA SER A 445 5.27 35.31 -48.83
C SER A 445 6.41 34.38 -49.24
N VAL A 446 6.05 33.24 -49.83
CA VAL A 446 7.04 32.37 -50.44
C VAL A 446 7.87 33.17 -51.42
N LEU A 447 9.18 32.92 -51.44
CA LEU A 447 10.07 33.67 -52.33
C LEU A 447 11.20 32.78 -52.84
N LEU A 448 11.58 33.00 -54.10
CA LEU A 448 12.60 32.21 -54.76
C LEU A 448 13.79 33.10 -55.07
N ASN A 449 14.98 32.65 -54.67
CA ASN A 449 16.22 33.40 -54.88
C ASN A 449 16.07 34.85 -54.42
N GLU A 450 15.66 35.02 -53.17
CA GLU A 450 15.54 36.34 -52.56
C GLU A 450 14.64 37.26 -53.38
N LEU A 451 13.61 36.69 -54.00
CA LEU A 451 12.67 37.45 -54.81
C LEU A 451 11.28 36.87 -54.63
N GLN A 452 10.30 37.74 -54.41
CA GLN A 452 8.93 37.28 -54.24
C GLN A 452 8.44 36.61 -55.52
N VAL A 453 7.59 35.60 -55.36
CA VAL A 453 7.08 34.82 -56.48
C VAL A 453 5.57 34.75 -56.38
N ASN A 454 4.95 34.40 -57.51
CA ASN A 454 3.50 34.30 -57.61
C ASN A 454 3.09 32.85 -57.79
N LEU A 455 1.96 32.48 -57.18
CA LEU A 455 1.49 31.10 -57.23
C LEU A 455 0.30 30.98 -58.18
N PRO A 456 0.09 29.84 -58.83
CA PRO A 456 0.98 28.66 -58.84
C PRO A 456 2.24 28.89 -59.66
N HIS A 457 3.29 28.10 -59.40
CA HIS A 457 4.55 28.22 -60.13
C HIS A 457 5.05 26.82 -60.43
N VAL A 458 4.86 26.38 -61.67
CA VAL A 458 5.25 25.05 -62.13
C VAL A 458 6.48 25.17 -63.01
N THR A 459 7.48 24.34 -62.76
CA THR A 459 8.69 24.29 -63.56
C THR A 459 8.93 22.86 -64.02
N ALA A 460 10.09 22.63 -64.65
CA ALA A 460 10.40 21.30 -65.16
C ALA A 460 10.80 20.35 -64.04
N SER A 461 11.57 20.83 -63.06
CA SER A 461 12.07 19.97 -62.00
C SER A 461 11.10 19.80 -60.84
N PHE A 462 10.47 20.88 -60.38
CA PHE A 462 9.54 20.80 -59.26
C PHE A 462 8.37 21.72 -59.54
N SER A 463 7.48 21.83 -58.54
CA SER A 463 6.33 22.71 -58.65
C SER A 463 5.82 23.02 -57.26
N VAL A 464 5.12 24.15 -57.14
CA VAL A 464 4.54 24.62 -55.88
C VAL A 464 3.10 25.03 -56.14
N PHE A 465 2.23 24.80 -55.15
CA PHE A 465 0.83 25.17 -55.25
C PHE A 465 0.35 25.69 -53.91
N ARG A 466 -0.74 26.47 -53.96
CA ARG A 466 -1.33 27.08 -52.76
C ARG A 466 -2.84 26.95 -52.86
N PRO A 467 -3.40 25.78 -52.55
CA PRO A 467 -4.82 25.55 -52.83
C PRO A 467 -5.79 26.33 -51.96
N SER A 468 -5.44 26.62 -50.69
CA SER A 468 -6.43 27.21 -49.79
C SER A 468 -5.86 28.32 -48.91
N SER A 469 -4.76 28.95 -49.31
CA SER A 469 -4.27 30.16 -48.65
C SER A 469 -3.73 29.91 -47.24
N TYR A 470 -3.90 28.69 -46.72
CA TYR A 470 -3.30 28.29 -45.45
C TYR A 470 -2.54 26.98 -45.58
N HIS A 471 -2.21 26.58 -46.80
CA HIS A 471 -1.47 25.34 -47.03
C HIS A 471 -0.70 25.48 -48.33
N ILE A 472 0.60 25.25 -48.26
CA ILE A 472 1.48 25.33 -49.43
C ILE A 472 2.04 23.94 -49.69
N MET A 473 1.79 23.42 -50.89
CA MET A 473 2.08 22.03 -51.22
C MET A 473 3.08 22.01 -52.37
N VAL A 474 4.24 21.39 -52.14
CA VAL A 474 5.34 21.39 -53.09
C VAL A 474 5.60 19.95 -53.52
N SER A 475 5.85 19.76 -54.82
CA SER A 475 6.18 18.45 -55.36
C SER A 475 7.51 18.54 -56.08
N MET A 476 8.37 17.54 -55.88
CA MET A 476 9.66 17.48 -56.51
C MET A 476 9.74 16.21 -57.36
N ALA A 477 10.24 16.36 -58.59
CA ALA A 477 10.31 15.24 -59.51
C ALA A 477 11.15 14.08 -58.99
N ILE A 478 12.06 14.33 -58.06
CA ILE A 478 12.92 13.27 -57.56
C ILE A 478 12.10 12.23 -56.81
N GLY A 479 11.03 12.65 -56.15
CA GLY A 479 10.26 11.76 -55.30
C GLY A 479 10.00 12.30 -53.92
N VAL A 480 10.17 13.61 -53.75
CA VAL A 480 9.94 14.28 -52.48
C VAL A 480 8.65 15.08 -52.57
N ARG A 481 7.87 15.06 -51.50
CA ARG A 481 6.65 15.86 -51.45
C ARG A 481 6.54 16.54 -50.09
N LEU A 482 6.16 17.83 -50.13
CA LEU A 482 6.18 18.69 -48.96
C LEU A 482 4.81 19.31 -48.76
N GLN A 483 4.35 19.32 -47.50
CA GLN A 483 3.18 20.10 -47.10
C GLN A 483 3.60 21.05 -46.00
N VAL A 484 3.27 22.33 -46.16
CA VAL A 484 3.54 23.36 -45.18
C VAL A 484 2.20 23.94 -44.75
N GLN A 485 1.91 23.87 -43.45
CA GLN A 485 0.69 24.43 -42.90
C GLN A 485 1.04 25.74 -42.20
N LEU A 486 0.27 26.79 -42.49
CA LEU A 486 0.59 28.12 -41.99
C LEU A 486 -0.30 28.59 -40.85
N ALA A 487 -1.24 27.76 -40.40
CA ALA A 487 -2.10 28.15 -39.30
C ALA A 487 -2.64 26.91 -38.60
N PRO A 488 -2.85 26.96 -37.27
CA PRO A 488 -2.56 28.09 -36.37
C PRO A 488 -1.08 28.23 -36.02
N VAL A 489 -0.31 27.18 -36.32
CA VAL A 489 1.12 27.17 -36.06
C VAL A 489 1.81 26.45 -37.21
N MET A 490 2.98 26.95 -37.60
CA MET A 490 3.67 26.42 -38.77
C MET A 490 4.12 25.00 -38.48
N GLN A 491 3.89 24.12 -39.44
CA GLN A 491 4.23 22.71 -39.35
C GLN A 491 4.75 22.22 -40.71
N LEU A 492 5.35 21.04 -40.72
CA LEU A 492 5.94 20.52 -41.95
C LEU A 492 5.75 19.01 -42.04
N PHE A 493 5.35 18.55 -43.23
CA PHE A 493 5.23 17.12 -43.48
C PHE A 493 5.99 16.78 -44.76
N VAL A 494 6.87 15.79 -44.69
CA VAL A 494 7.71 15.39 -45.81
C VAL A 494 7.42 13.92 -46.10
N THR A 495 7.13 13.61 -47.36
CA THR A 495 6.88 12.24 -47.78
C THR A 495 7.88 11.84 -48.86
N LEU A 496 8.45 10.65 -48.71
CA LEU A 496 9.43 10.08 -49.60
C LEU A 496 8.95 8.74 -50.14
N ASP A 497 9.33 8.44 -51.38
CA ASP A 497 9.03 7.15 -51.98
C ASP A 497 9.80 6.06 -51.25
N GLN A 498 9.60 4.80 -51.65
CA GLN A 498 10.20 3.66 -50.99
C GLN A 498 11.42 3.16 -51.77
N ALA A 499 11.85 3.91 -52.78
CA ALA A 499 13.06 3.60 -53.52
C ALA A 499 14.27 4.38 -53.01
N SER A 500 14.10 5.08 -51.88
CA SER A 500 15.17 5.86 -51.27
C SER A 500 15.34 5.41 -49.82
N GLN A 501 15.39 4.09 -49.64
CA GLN A 501 15.45 3.48 -48.32
C GLN A 501 16.91 3.38 -47.90
N GLY A 502 17.33 4.26 -47.00
CA GLY A 502 18.69 4.29 -46.50
C GLY A 502 19.57 5.34 -47.14
N GLN A 503 19.02 6.18 -48.02
CA GLN A 503 19.78 7.25 -48.67
C GLN A 503 19.31 8.64 -48.25
N VAL A 504 19.00 8.81 -46.96
CA VAL A 504 18.60 10.11 -46.43
C VAL A 504 19.21 10.27 -45.05
N GLN A 505 19.64 11.48 -44.75
CA GLN A 505 20.25 11.78 -43.46
C GLN A 505 19.80 13.16 -43.00
N GLY A 506 19.63 13.29 -41.69
CA GLY A 506 19.10 14.51 -41.11
C GLY A 506 18.38 14.19 -39.81
N LEU A 507 17.62 15.18 -39.33
CA LEU A 507 16.83 14.97 -38.12
C LEU A 507 15.70 13.97 -38.31
N CYS A 508 15.40 13.57 -39.55
CA CYS A 508 14.31 12.64 -39.84
C CYS A 508 14.77 11.20 -39.94
N GLY A 509 16.02 10.91 -39.59
CA GLY A 509 16.49 9.54 -39.58
C GLY A 509 16.94 9.05 -40.94
N ASN A 510 17.24 7.75 -40.98
CA ASN A 510 17.80 7.12 -42.16
C ASN A 510 16.78 6.35 -42.99
N PHE A 511 15.62 6.02 -42.43
CA PHE A 511 14.54 5.38 -43.18
C PHE A 511 14.99 4.04 -43.76
N ASN A 512 15.30 3.12 -42.85
CA ASN A 512 15.73 1.77 -43.21
C ASN A 512 14.92 0.67 -42.55
N GLY A 513 13.93 1.01 -41.73
CA GLY A 513 13.08 0.04 -41.09
C GLY A 513 13.37 -0.20 -39.62
N LEU A 514 14.56 0.19 -39.16
CA LEU A 514 14.93 0.03 -37.76
C LEU A 514 14.93 1.40 -37.09
N GLU A 515 14.29 1.48 -35.91
CA GLU A 515 14.12 2.74 -35.20
C GLU A 515 15.02 2.80 -33.96
N GLY A 516 16.15 2.10 -34.01
CA GLY A 516 17.11 2.14 -32.93
C GLY A 516 18.39 2.86 -33.34
N ASP A 517 18.67 2.85 -34.64
CA ASP A 517 19.83 3.54 -35.20
C ASP A 517 19.46 4.93 -35.72
N ASP A 518 18.24 5.38 -35.44
CA ASP A 518 17.81 6.70 -35.88
C ASP A 518 18.67 7.81 -35.32
N PHE A 519 19.15 7.64 -34.09
CA PHE A 519 20.06 8.61 -33.47
C PHE A 519 21.51 8.38 -33.88
N LYS A 520 21.76 7.60 -34.93
CA LYS A 520 23.13 7.33 -35.36
C LYS A 520 23.72 8.58 -36.00
N THR A 521 24.68 9.20 -35.31
CA THR A 521 25.32 10.39 -35.82
C THR A 521 25.99 10.11 -37.16
N ALA A 522 26.40 11.18 -37.83
CA ALA A 522 27.08 11.07 -39.12
C ALA A 522 28.54 10.68 -38.97
N SER A 523 28.99 10.42 -37.75
CA SER A 523 30.39 10.07 -37.48
C SER A 523 30.47 8.80 -36.67
N GLY A 524 29.69 7.79 -37.06
CA GLY A 524 29.80 6.47 -36.46
C GLY A 524 28.73 6.12 -35.46
N LEU A 525 29.05 6.21 -34.17
CA LEU A 525 28.29 5.59 -33.10
C LEU A 525 26.93 6.26 -32.91
N VAL A 526 26.11 5.63 -32.08
CA VAL A 526 24.75 6.08 -31.83
C VAL A 526 24.70 6.85 -30.53
N GLU A 527 23.85 7.88 -30.47
CA GLU A 527 23.67 8.66 -29.27
C GLU A 527 22.55 8.08 -28.41
N ALA A 528 22.40 8.65 -27.21
CA ALA A 528 21.40 8.17 -26.26
C ALA A 528 20.22 9.11 -26.10
N THR A 529 20.46 10.42 -26.02
CA THR A 529 19.40 11.39 -25.82
C THR A 529 18.96 11.96 -27.17
N GLY A 530 17.90 12.76 -27.13
CA GLY A 530 17.37 13.41 -28.30
C GLY A 530 18.07 14.70 -28.68
N ALA A 531 18.64 15.41 -27.72
CA ALA A 531 19.38 16.64 -27.99
C ALA A 531 20.81 16.39 -28.42
N GLY A 532 21.45 15.35 -27.87
CA GLY A 532 22.82 15.05 -28.27
C GLY A 532 22.94 14.78 -29.76
N PHE A 533 22.02 13.97 -30.30
CA PHE A 533 22.06 13.65 -31.72
C PHE A 533 21.78 14.89 -32.57
N ALA A 534 20.79 15.68 -32.18
CA ALA A 534 20.37 16.83 -32.97
C ALA A 534 21.45 17.89 -33.12
N ASN A 535 22.21 18.17 -32.06
CA ASN A 535 23.24 19.21 -32.13
C ASN A 535 24.26 18.97 -33.23
N THR A 536 24.48 17.73 -33.64
CA THR A 536 25.47 17.42 -34.67
C THR A 536 25.01 17.80 -36.06
N TRP A 537 23.77 18.25 -36.23
CA TRP A 537 23.23 18.64 -37.54
C TRP A 537 22.92 20.13 -37.59
N LYS A 538 23.76 20.96 -36.98
CA LYS A 538 23.59 22.40 -37.07
C LYS A 538 24.11 22.91 -38.40
N ALA A 539 23.39 23.85 -39.00
CA ALA A 539 23.79 24.46 -40.26
C ALA A 539 24.59 25.74 -40.06
N GLN A 540 24.80 26.17 -38.81
CA GLN A 540 25.59 27.36 -38.51
C GLN A 540 26.48 27.06 -37.32
N SER A 541 27.80 27.10 -37.55
CA SER A 541 28.76 26.72 -36.52
C SER A 541 28.66 27.59 -35.28
N SER A 542 28.13 28.80 -35.41
CA SER A 542 28.10 29.76 -34.30
C SER A 542 27.06 29.43 -33.24
N CYS A 543 26.05 28.63 -33.57
CA CYS A 543 25.00 28.32 -32.60
C CYS A 543 25.56 27.50 -31.45
N HIS A 544 24.90 27.60 -30.30
CA HIS A 544 25.29 26.88 -29.09
C HIS A 544 24.65 25.50 -29.07
N ASP A 545 24.97 24.75 -28.02
CA ASP A 545 24.42 23.42 -27.82
C ASP A 545 23.36 23.46 -26.73
N LYS A 546 22.28 22.71 -26.94
CA LYS A 546 21.18 22.62 -25.99
C LYS A 546 21.23 21.29 -25.26
N LEU A 547 20.40 21.17 -24.22
CA LEU A 547 20.29 19.96 -23.43
C LEU A 547 18.83 19.64 -23.22
N ASP A 548 18.55 18.37 -22.92
CA ASP A 548 17.19 17.93 -22.67
C ASP A 548 16.59 18.69 -21.50
N TRP A 549 15.26 18.60 -21.34
CA TRP A 549 14.56 19.32 -20.29
C TRP A 549 13.71 18.31 -19.53
N LEU A 550 14.16 17.97 -18.31
CA LEU A 550 13.50 16.94 -17.51
C LEU A 550 12.47 17.57 -16.56
N ASP A 551 11.38 18.06 -17.16
CA ASP A 551 10.27 18.63 -16.44
C ASP A 551 9.00 18.52 -17.26
N ASP A 552 7.86 18.65 -16.59
CA ASP A 552 6.56 18.66 -17.23
C ASP A 552 5.93 20.05 -17.09
N PRO A 553 5.61 20.73 -18.20
CA PRO A 553 5.05 22.08 -18.08
C PRO A 553 3.76 22.14 -17.29
N CYS A 554 3.01 21.04 -17.20
CA CYS A 554 1.76 21.03 -16.45
C CYS A 554 1.97 21.09 -14.94
N SER A 555 3.22 21.10 -14.49
CA SER A 555 3.53 21.23 -13.07
C SER A 555 4.06 22.60 -12.69
N LEU A 556 4.48 23.41 -13.65
CA LEU A 556 4.95 24.76 -13.38
C LEU A 556 3.87 25.82 -13.55
N ASN A 557 2.88 25.57 -14.41
CA ASN A 557 1.77 26.50 -14.64
C ASN A 557 0.51 25.80 -14.15
N ILE A 558 0.23 25.95 -12.85
CA ILE A 558 -0.90 25.25 -12.26
C ILE A 558 -2.23 25.76 -12.81
N GLU A 559 -2.35 27.08 -12.99
CA GLU A 559 -3.61 27.64 -13.46
C GLU A 559 -4.01 27.11 -14.83
N SER A 560 -3.06 26.60 -15.61
CA SER A 560 -3.34 26.08 -16.94
C SER A 560 -3.65 24.59 -16.95
N ALA A 561 -3.27 23.85 -15.92
CA ALA A 561 -3.46 22.41 -15.90
C ALA A 561 -4.92 22.01 -16.04
N ASN A 562 -5.82 22.61 -15.29
CA ASN A 562 -7.24 22.31 -15.41
C ASN A 562 -7.77 22.60 -16.80
N TYR A 563 -7.43 23.75 -17.37
CA TYR A 563 -7.83 24.07 -18.74
C TYR A 563 -7.31 23.04 -19.72
N ALA A 564 -6.02 22.72 -19.66
CA ALA A 564 -5.44 21.77 -20.59
C ALA A 564 -6.14 20.42 -20.49
N GLU A 565 -6.36 19.94 -19.27
CA GLU A 565 -6.99 18.64 -19.09
C GLU A 565 -8.42 18.66 -19.64
N HIS A 566 -9.21 19.66 -19.23
CA HIS A 566 -10.64 19.64 -19.53
C HIS A 566 -10.90 19.51 -21.03
N TRP A 567 -10.01 20.03 -21.86
CA TRP A 567 -10.17 19.93 -23.30
C TRP A 567 -9.39 18.79 -23.93
N CYS A 568 -8.10 18.65 -23.65
CA CYS A 568 -7.36 17.55 -24.25
C CYS A 568 -7.93 16.18 -23.89
N SER A 569 -8.66 16.05 -22.79
CA SER A 569 -9.27 14.78 -22.45
C SER A 569 -10.38 14.37 -23.42
N LEU A 570 -10.86 15.30 -24.26
CA LEU A 570 -11.89 14.96 -25.23
C LEU A 570 -11.44 13.87 -26.20
N LEU A 571 -10.14 13.67 -26.36
CA LEU A 571 -9.66 12.68 -27.32
C LEU A 571 -10.01 11.25 -26.93
N LYS A 572 -10.24 10.99 -25.65
CA LYS A 572 -10.56 9.64 -25.18
C LYS A 572 -12.05 9.41 -24.98
N LYS A 573 -12.88 10.42 -25.24
CA LYS A 573 -14.32 10.30 -25.06
C LYS A 573 -14.92 9.66 -26.30
N THR A 574 -15.45 8.45 -26.14
CA THR A 574 -15.96 7.68 -27.27
C THR A 574 -17.15 8.34 -27.95
N GLU A 575 -17.99 9.04 -27.20
CA GLU A 575 -19.14 9.72 -27.77
C GLU A 575 -18.75 10.93 -28.62
N THR A 576 -17.60 11.52 -28.38
CA THR A 576 -17.15 12.68 -29.13
C THR A 576 -16.78 12.27 -30.56
N PRO A 577 -16.75 13.23 -31.49
CA PRO A 577 -16.43 12.88 -32.88
C PRO A 577 -15.10 12.16 -33.03
N PHE A 578 -14.10 12.49 -32.22
CA PHE A 578 -12.83 11.78 -32.29
C PHE A 578 -12.96 10.33 -31.86
N GLY A 579 -14.05 9.99 -31.16
CA GLY A 579 -14.26 8.63 -30.72
C GLY A 579 -14.30 7.64 -31.87
N ARG A 580 -14.72 8.11 -33.04
CA ARG A 580 -14.77 7.24 -34.21
C ARG A 580 -13.38 6.72 -34.58
N CYS A 581 -12.38 7.59 -34.54
CA CYS A 581 -11.03 7.20 -34.96
C CYS A 581 -10.39 6.19 -34.02
N HIS A 582 -10.93 6.03 -32.80
CA HIS A 582 -10.31 5.12 -31.83
C HIS A 582 -10.05 3.74 -32.43
N SER A 583 -10.86 3.31 -33.39
CA SER A 583 -10.67 1.99 -34.00
C SER A 583 -9.32 1.91 -34.71
N ALA A 584 -8.95 2.97 -35.42
CA ALA A 584 -7.77 2.92 -36.28
C ALA A 584 -6.50 3.31 -35.53
N VAL A 585 -6.45 4.52 -34.99
CA VAL A 585 -5.24 5.09 -34.41
C VAL A 585 -5.45 5.32 -32.92
N ASP A 586 -4.51 4.82 -32.12
CA ASP A 586 -4.58 5.02 -30.67
C ASP A 586 -4.32 6.50 -30.34
N PRO A 587 -5.12 7.08 -29.44
CA PRO A 587 -4.99 8.52 -29.18
C PRO A 587 -4.08 8.89 -28.01
N ALA A 588 -3.49 7.89 -27.35
CA ALA A 588 -2.76 8.17 -26.11
C ALA A 588 -1.62 9.17 -26.33
N GLU A 589 -0.78 8.94 -27.35
CA GLU A 589 0.35 9.84 -27.57
C GLU A 589 -0.14 11.25 -27.88
N TYR A 590 -1.17 11.37 -28.72
CA TYR A 590 -1.71 12.68 -29.03
C TYR A 590 -2.28 13.36 -27.80
N TYR A 591 -2.92 12.60 -26.90
CA TYR A 591 -3.42 13.19 -25.66
C TYR A 591 -2.26 13.73 -24.81
N LYS A 592 -1.21 12.93 -24.65
CA LYS A 592 -0.08 13.39 -23.83
C LYS A 592 0.55 14.64 -24.43
N ARG A 593 0.75 14.66 -25.75
CA ARG A 593 1.33 15.84 -26.39
CA ARG A 593 1.34 15.84 -26.38
C ARG A 593 0.39 17.03 -26.33
N CYS A 594 -0.92 16.79 -26.38
CA CYS A 594 -1.88 17.88 -26.22
C CYS A 594 -1.73 18.53 -24.86
N LYS A 595 -1.67 17.72 -23.80
CA LYS A 595 -1.44 18.29 -22.48
C LYS A 595 -0.12 19.05 -22.43
N TYR A 596 0.95 18.45 -22.96
CA TYR A 596 2.26 19.10 -22.94
C TYR A 596 2.20 20.48 -23.60
N ASP A 597 1.69 20.54 -24.83
CA ASP A 597 1.66 21.80 -25.55
C ASP A 597 0.73 22.82 -24.90
N THR A 598 -0.46 22.39 -24.47
CA THR A 598 -1.38 23.34 -23.86
C THR A 598 -0.81 23.93 -22.60
N CYS A 599 -0.17 23.11 -21.75
CA CYS A 599 0.46 23.63 -20.55
C CYS A 599 1.65 24.53 -20.86
N ASN A 600 2.47 24.17 -21.84
CA ASN A 600 3.74 24.85 -22.06
C ASN A 600 3.60 26.25 -22.66
N CYS A 601 3.05 26.35 -23.87
CA CYS A 601 3.05 27.61 -24.60
C CYS A 601 2.13 28.63 -23.93
N GLN A 602 2.23 29.89 -24.38
CA GLN A 602 1.46 30.98 -23.78
C GLN A 602 0.21 31.34 -24.57
N ASN A 603 0.09 30.91 -25.82
CA ASN A 603 -1.16 30.99 -26.57
C ASN A 603 -1.82 29.62 -26.47
N ASN A 604 -2.46 29.38 -25.32
CA ASN A 604 -2.95 28.05 -25.00
C ASN A 604 -3.97 27.54 -26.01
N GLU A 605 -4.91 28.39 -26.43
CA GLU A 605 -5.91 27.95 -27.41
C GLU A 605 -5.28 27.61 -28.75
N ASP A 606 -4.31 28.40 -29.21
CA ASP A 606 -3.65 28.11 -30.48
C ASP A 606 -2.93 26.77 -30.45
N CYS A 607 -2.16 26.50 -29.39
CA CYS A 607 -1.51 25.21 -29.25
C CYS A 607 -2.51 24.06 -29.12
N LEU A 608 -3.60 24.27 -28.37
CA LEU A 608 -4.64 23.27 -28.28
C LEU A 608 -5.17 22.91 -29.66
N CYS A 609 -5.50 23.92 -30.46
CA CYS A 609 -6.04 23.65 -31.80
C CYS A 609 -4.99 23.04 -32.72
N ALA A 610 -3.73 23.45 -32.62
CA ALA A 610 -2.69 22.83 -33.44
C ALA A 610 -2.50 21.37 -33.11
N ALA A 611 -2.45 21.02 -31.82
CA ALA A 611 -2.34 19.62 -31.42
C ALA A 611 -3.58 18.82 -31.81
N LEU A 612 -4.77 19.37 -31.63
CA LEU A 612 -5.99 18.65 -31.95
C LEU A 612 -6.18 18.48 -33.45
N SER A 613 -5.49 19.26 -34.28
CA SER A 613 -5.60 19.13 -35.72
C SER A 613 -4.56 18.18 -36.31
N SER A 614 -3.69 17.62 -35.48
CA SER A 614 -2.78 16.58 -35.93
C SER A 614 -3.40 15.19 -35.87
N TYR A 615 -4.24 14.93 -34.86
CA TYR A 615 -4.99 13.69 -34.81
C TYR A 615 -5.94 13.56 -35.99
N ALA A 616 -6.64 14.65 -36.33
CA ALA A 616 -7.58 14.68 -37.44
C ALA A 616 -6.89 14.77 -38.79
N ARG A 617 -5.56 14.66 -38.84
CA ARG A 617 -4.85 14.41 -40.08
C ARG A 617 -4.34 12.98 -40.18
N ALA A 618 -3.81 12.43 -39.10
CA ALA A 618 -3.40 11.02 -39.11
C ALA A 618 -4.61 10.13 -39.35
N CYS A 619 -5.74 10.44 -38.71
CA CYS A 619 -6.94 9.62 -38.90
C CYS A 619 -7.48 9.76 -40.32
N THR A 620 -7.39 10.97 -40.89
CA THR A 620 -7.94 11.21 -42.21
C THR A 620 -7.05 10.63 -43.30
N ALA A 621 -5.95 10.00 -42.90
CA ALA A 621 -5.08 9.29 -43.84
C ALA A 621 -5.36 7.80 -43.93
N LYS A 622 -6.06 7.22 -42.95
CA LYS A 622 -6.43 5.81 -42.96
C LYS A 622 -7.91 5.61 -43.22
N GLY A 623 -8.51 6.45 -44.07
CA GLY A 623 -9.90 6.31 -44.43
C GLY A 623 -10.85 7.10 -43.56
N VAL A 624 -10.91 6.75 -42.28
CA VAL A 624 -11.83 7.45 -41.36
C VAL A 624 -11.53 8.94 -41.42
N MET A 625 -12.53 9.72 -41.84
CA MET A 625 -12.41 11.17 -41.91
C MET A 625 -13.35 11.79 -40.91
N LEU A 626 -12.81 12.63 -40.02
CA LEU A 626 -13.58 13.25 -38.95
C LEU A 626 -14.31 14.45 -39.55
N TRP A 627 -15.60 14.27 -39.83
CA TRP A 627 -16.43 15.35 -40.35
C TRP A 627 -16.99 16.18 -39.20
N GLY A 628 -16.94 17.49 -39.34
CA GLY A 628 -17.56 18.39 -38.39
C GLY A 628 -17.00 18.27 -36.99
N TRP A 629 -15.68 18.14 -36.87
CA TRP A 629 -15.04 18.15 -35.55
C TRP A 629 -14.79 19.56 -35.04
N ARG A 630 -15.04 20.58 -35.87
CA ARG A 630 -14.98 21.98 -35.44
C ARG A 630 -16.41 22.48 -35.22
N GLU A 631 -16.95 22.15 -34.05
CA GLU A 631 -18.27 22.66 -33.68
C GLU A 631 -18.25 23.23 -32.27
N HIS A 632 -17.31 22.75 -31.44
CA HIS A 632 -17.14 23.27 -30.08
C HIS A 632 -15.77 23.84 -29.80
N VAL A 633 -14.70 23.26 -30.35
CA VAL A 633 -13.35 23.49 -29.85
C VAL A 633 -12.68 24.65 -30.58
N CYS A 634 -12.50 24.52 -31.89
CA CYS A 634 -11.74 25.50 -32.67
C CYS A 634 -12.58 26.09 -33.79
N ASN A 635 -13.79 26.51 -33.42
CA ASN A 635 -14.68 27.21 -34.34
C ASN A 635 -14.43 28.70 -34.38
N LYS A 636 -13.24 29.14 -33.97
CA LYS A 636 -12.96 30.58 -33.92
C LYS A 636 -12.98 31.20 -35.30
N ASP A 637 -12.64 30.44 -36.34
CA ASP A 637 -12.60 30.94 -37.71
C ASP A 637 -13.44 30.14 -38.68
N VAL A 638 -14.21 29.17 -38.21
CA VAL A 638 -15.02 28.35 -39.11
C VAL A 638 -16.06 29.20 -39.83
N GLY A 639 -16.72 30.09 -39.11
CA GLY A 639 -17.75 30.95 -39.67
C GLY A 639 -17.25 32.22 -40.31
N SER A 640 -15.93 32.42 -40.40
CA SER A 640 -15.35 33.66 -40.91
C SER A 640 -15.03 33.58 -42.40
N CYS A 641 -15.45 32.52 -43.09
CA CYS A 641 -15.12 32.37 -44.49
C CYS A 641 -15.73 33.52 -45.30
N PRO A 642 -15.11 33.91 -46.43
CA PRO A 642 -15.64 35.05 -47.20
C PRO A 642 -17.00 34.79 -47.82
N ASN A 643 -17.46 35.74 -48.65
CA ASN A 643 -18.84 35.84 -49.09
C ASN A 643 -19.48 34.50 -49.44
N SER A 644 -18.95 33.81 -50.44
CA SER A 644 -19.53 32.54 -50.88
C SER A 644 -18.71 31.34 -50.41
N GLN A 645 -17.61 31.59 -49.70
CA GLN A 645 -16.75 30.51 -49.23
C GLN A 645 -17.30 29.94 -47.94
N VAL A 646 -17.05 28.65 -47.73
CA VAL A 646 -17.50 27.94 -46.54
C VAL A 646 -16.38 27.00 -46.12
N PHE A 647 -16.32 26.69 -44.83
CA PHE A 647 -15.29 25.80 -44.32
C PHE A 647 -15.56 24.37 -44.80
N LEU A 648 -14.62 23.80 -45.54
CA LEU A 648 -14.71 22.46 -46.07
C LEU A 648 -13.62 21.59 -45.48
N TYR A 649 -13.86 20.28 -45.43
CA TYR A 649 -12.91 19.31 -44.91
C TYR A 649 -12.25 18.48 -46.00
N ASN A 650 -12.76 18.53 -47.23
CA ASN A 650 -12.19 17.75 -48.34
C ASN A 650 -11.82 18.68 -49.49
N LEU A 651 -11.13 19.77 -49.17
CA LEU A 651 -10.69 20.74 -50.17
C LEU A 651 -9.34 20.28 -50.72
N THR A 652 -9.41 19.50 -51.80
CA THR A 652 -8.21 19.00 -52.45
C THR A 652 -7.70 20.01 -53.48
N THR A 653 -6.56 19.67 -54.10
CA THR A 653 -5.89 20.63 -54.97
C THR A 653 -6.75 20.99 -56.18
N CYS A 654 -7.24 20.00 -56.91
CA CYS A 654 -7.93 20.26 -58.18
C CYS A 654 -9.43 20.41 -57.99
N GLN A 655 -9.80 21.27 -57.04
CA GLN A 655 -11.11 21.89 -56.98
C GLN A 655 -10.98 23.38 -57.28
N GLN A 656 -10.00 23.73 -58.10
CA GLN A 656 -9.53 25.10 -58.28
C GLN A 656 -10.42 25.91 -59.21
N THR A 657 -9.92 27.06 -59.65
CA THR A 657 -10.70 28.02 -60.40
C THR A 657 -10.90 27.56 -61.84
N CYS A 658 -11.41 28.47 -62.66
CA CYS A 658 -11.67 28.19 -64.06
C CYS A 658 -10.42 27.79 -64.83
N ARG A 659 -9.29 28.47 -64.59
CA ARG A 659 -8.07 28.17 -65.32
C ARG A 659 -7.54 26.78 -64.99
N SER A 660 -7.79 26.30 -63.77
CA SER A 660 -7.40 24.92 -63.45
C SER A 660 -8.11 23.93 -64.37
N LEU A 661 -9.37 24.20 -64.70
CA LEU A 661 -10.07 23.40 -65.70
C LEU A 661 -9.61 23.72 -67.12
N SER A 662 -9.10 24.92 -67.36
CA SER A 662 -8.58 25.24 -68.68
C SER A 662 -7.47 24.27 -69.08
N GLU A 663 -6.56 23.96 -68.15
CA GLU A 663 -5.56 22.94 -68.39
C GLU A 663 -6.05 21.58 -67.90
N ALA A 664 -6.34 21.48 -66.60
CA ALA A 664 -6.99 20.31 -66.00
C ALA A 664 -6.04 19.11 -65.90
N ASP A 665 -4.83 19.24 -66.44
CA ASP A 665 -3.85 18.18 -66.32
C ASP A 665 -2.43 18.69 -66.07
N SER A 666 -2.23 20.00 -65.96
CA SER A 666 -0.91 20.54 -65.69
C SER A 666 -0.57 20.47 -64.21
N HIS A 667 -1.52 20.79 -63.35
CA HIS A 667 -1.32 20.80 -61.90
C HIS A 667 -2.45 20.02 -61.23
N CYS A 668 -2.31 18.70 -61.19
CA CYS A 668 -3.16 17.83 -60.37
C CYS A 668 -2.27 16.79 -59.70
N LEU A 669 -1.17 17.25 -59.10
CA LEU A 669 -0.27 16.35 -58.40
C LEU A 669 -1.04 15.42 -57.48
N GLU A 670 -0.62 14.16 -57.44
CA GLU A 670 -1.31 13.11 -56.68
C GLU A 670 -0.46 12.74 -55.48
N GLY A 671 -1.07 12.04 -54.53
CA GLY A 671 -0.37 11.62 -53.34
C GLY A 671 -0.44 12.63 -52.23
N PHE A 672 -1.32 13.62 -52.37
CA PHE A 672 -1.49 14.68 -51.39
C PHE A 672 -2.79 14.49 -50.63
N ALA A 673 -2.71 14.48 -49.30
CA ALA A 673 -3.88 14.28 -48.49
C ALA A 673 -4.84 15.45 -48.64
N PRO A 674 -6.16 15.21 -48.62
CA PRO A 674 -7.12 16.31 -48.63
C PRO A 674 -6.94 17.20 -47.41
N VAL A 675 -7.22 18.49 -47.57
CA VAL A 675 -7.06 19.46 -46.51
C VAL A 675 -8.31 20.32 -46.43
N ASP A 676 -8.50 20.97 -45.29
CA ASP A 676 -9.68 21.78 -45.02
C ASP A 676 -9.43 23.23 -45.42
N GLY A 677 -10.39 24.11 -45.14
CA GLY A 677 -10.25 25.54 -45.38
C GLY A 677 -11.45 26.11 -46.09
N CYS A 678 -11.37 27.42 -46.37
CA CYS A 678 -12.48 28.10 -47.01
C CYS A 678 -12.53 27.79 -48.50
N GLY A 679 -13.71 27.43 -48.98
CA GLY A 679 -13.93 27.18 -50.39
C GLY A 679 -15.38 26.86 -50.64
N CYS A 680 -15.72 26.77 -51.93
CA CYS A 680 -17.07 26.38 -52.35
C CYS A 680 -17.03 25.87 -53.78
N PRO A 681 -16.36 24.73 -54.04
CA PRO A 681 -16.52 24.08 -55.36
C PRO A 681 -17.75 23.20 -55.40
N ASP A 682 -18.89 23.70 -54.92
CA ASP A 682 -20.12 22.93 -54.82
C ASP A 682 -20.86 22.98 -56.17
N HIS A 683 -20.12 22.58 -57.21
CA HIS A 683 -20.55 22.73 -58.60
C HIS A 683 -20.57 24.20 -59.00
N THR A 684 -20.24 25.08 -58.05
CA THR A 684 -20.10 26.50 -58.32
C THR A 684 -18.61 26.82 -58.39
N PHE A 685 -18.03 26.68 -59.57
CA PHE A 685 -16.58 26.77 -59.73
C PHE A 685 -16.10 28.17 -59.36
N LEU A 686 -14.99 28.22 -58.62
CA LEU A 686 -14.44 29.49 -58.16
C LEU A 686 -14.33 30.47 -59.32
N ASP A 687 -14.78 31.70 -59.09
CA ASP A 687 -14.75 32.74 -60.10
C ASP A 687 -13.37 33.37 -60.14
N GLU A 688 -13.16 34.31 -61.07
CA GLU A 688 -11.88 35.02 -61.14
C GLU A 688 -11.60 35.78 -59.84
N LYS A 689 -12.65 36.16 -59.12
CA LYS A 689 -12.50 36.82 -57.84
C LYS A 689 -13.87 36.96 -57.20
N GLY A 690 -13.89 36.94 -55.86
CA GLY A 690 -15.14 37.09 -55.14
C GLY A 690 -15.88 35.78 -55.01
N ARG A 691 -17.20 35.82 -55.12
CA ARG A 691 -18.02 34.64 -54.93
C ARG A 691 -17.74 33.60 -56.01
N CYS A 692 -17.90 32.34 -55.64
CA CYS A 692 -17.71 31.21 -56.56
C CYS A 692 -18.97 31.09 -57.40
N VAL A 693 -18.87 31.49 -58.66
CA VAL A 693 -20.01 31.54 -59.59
C VAL A 693 -20.38 30.12 -60.00
N PRO A 694 -21.59 29.90 -60.53
CA PRO A 694 -21.95 28.55 -61.01
C PRO A 694 -21.14 28.15 -62.23
N LEU A 695 -21.26 26.89 -62.64
CA LEU A 695 -20.60 26.42 -63.84
C LEU A 695 -20.97 27.25 -65.06
N ALA A 696 -22.21 27.75 -65.13
CA ALA A 696 -22.69 28.39 -66.34
C ALA A 696 -21.78 29.54 -66.77
N LYS A 697 -21.33 30.37 -65.83
CA LYS A 697 -20.51 31.53 -66.12
C LYS A 697 -19.21 31.52 -65.32
N CYS A 698 -18.50 30.40 -65.32
CA CYS A 698 -17.26 30.31 -64.57
C CYS A 698 -16.31 31.40 -65.05
N SER A 699 -15.80 31.26 -66.27
CA SER A 699 -15.01 32.27 -66.95
C SER A 699 -14.55 31.65 -68.27
N CYS A 700 -13.85 32.44 -69.06
CA CYS A 700 -13.14 31.93 -70.24
C CYS A 700 -11.70 32.42 -70.16
N TYR A 701 -10.80 31.52 -69.76
CA TYR A 701 -9.41 31.87 -69.49
C TYR A 701 -8.58 31.87 -70.77
N GLY A 704 -2.79 34.64 -71.45
CA GLY A 704 -4.21 34.88 -71.61
C GLY A 704 -4.81 35.65 -70.46
N LEU A 705 -6.11 35.90 -70.53
CA LEU A 705 -6.83 36.63 -69.49
C LEU A 705 -8.22 36.04 -69.30
N TYR A 706 -8.77 36.20 -68.10
CA TYR A 706 -10.09 35.66 -67.77
C TYR A 706 -11.15 36.68 -68.14
N LEU A 707 -11.97 36.35 -69.14
CA LEU A 707 -13.00 37.26 -69.62
C LEU A 707 -14.34 36.99 -68.95
N GLU A 708 -15.27 37.91 -69.13
CA GLU A 708 -16.62 37.75 -68.61
C GLU A 708 -17.40 36.79 -69.50
N ALA A 709 -18.53 36.31 -69.00
CA ALA A 709 -19.31 35.28 -69.68
C ALA A 709 -20.22 35.88 -70.76
N GLY A 710 -19.63 36.69 -71.64
CA GLY A 710 -20.37 37.27 -72.76
C GLY A 710 -19.53 37.44 -74.00
N ASP A 711 -18.37 36.79 -74.05
CA ASP A 711 -17.40 37.00 -75.12
C ASP A 711 -17.37 35.80 -76.06
N VAL A 712 -16.79 36.00 -77.24
CA VAL A 712 -16.59 34.95 -78.22
C VAL A 712 -15.27 35.20 -78.92
N VAL A 713 -14.52 34.13 -79.19
CA VAL A 713 -13.24 34.25 -79.88
C VAL A 713 -13.48 34.41 -81.38
N ARG A 719 -14.07 31.44 -84.07
CA ARG A 719 -15.36 31.54 -83.39
C ARG A 719 -15.51 30.45 -82.34
N CYS A 720 -15.01 30.73 -81.13
CA CYS A 720 -15.08 29.78 -80.02
C CYS A 720 -15.90 30.44 -78.92
N VAL A 721 -17.18 30.12 -78.88
CA VAL A 721 -18.11 30.80 -78.00
C VAL A 721 -17.73 30.59 -76.54
N CYS A 722 -17.81 31.66 -75.74
CA CYS A 722 -17.57 31.55 -74.31
C CYS A 722 -18.76 30.90 -73.63
N ARG A 723 -18.51 29.94 -72.76
CA ARG A 723 -19.57 29.14 -72.15
C ARG A 723 -19.19 28.71 -70.74
N ASP A 724 -19.91 27.75 -70.19
CA ASP A 724 -19.71 27.34 -68.81
C ASP A 724 -18.37 26.63 -68.68
N GLY A 725 -17.35 27.36 -68.23
CA GLY A 725 -16.07 26.76 -67.93
C GLY A 725 -15.31 26.36 -69.17
N ARG A 726 -15.83 25.36 -69.88
CA ARG A 726 -15.18 24.82 -71.06
C ARG A 726 -15.45 25.71 -72.28
N LEU A 727 -14.66 25.46 -73.33
CA LEU A 727 -14.77 26.20 -74.58
C LEU A 727 -14.83 25.21 -75.74
N HIS A 728 -15.72 25.51 -76.69
CA HIS A 728 -15.92 24.65 -77.86
C HIS A 728 -15.04 25.16 -79.00
N CYS A 729 -13.74 25.21 -78.73
CA CYS A 729 -12.77 25.68 -79.73
C CYS A 729 -12.43 24.55 -80.69
N ASN B 15 12.93 40.93 5.40
CA ASN B 15 12.10 42.02 5.91
C ASN B 15 10.64 41.72 5.59
N VAL B 16 9.81 42.77 5.44
CA VAL B 16 8.38 42.63 5.28
C VAL B 16 7.95 43.30 3.98
N CYS B 17 7.20 42.58 3.16
CA CYS B 17 6.45 43.20 2.08
C CYS B 17 4.99 43.34 2.52
N SER B 18 4.35 44.42 2.11
CA SER B 18 3.02 44.71 2.62
C SER B 18 2.15 45.31 1.53
N THR B 19 0.84 45.15 1.68
CA THR B 19 -0.13 45.80 0.83
C THR B 19 -1.40 46.07 1.61
N TRP B 20 -1.97 47.25 1.40
CA TRP B 20 -3.10 47.69 2.22
C TRP B 20 -3.81 48.85 1.51
N GLY B 21 -4.89 49.32 2.14
CA GLY B 21 -5.47 50.60 1.79
C GLY B 21 -6.03 50.62 0.38
N ASN B 22 -6.00 51.81 -0.22
CA ASN B 22 -6.53 52.02 -1.56
C ASN B 22 -5.42 51.69 -2.56
N PHE B 23 -5.16 50.39 -2.71
CA PHE B 23 -4.18 49.89 -3.67
C PHE B 23 -2.78 50.41 -3.34
N HIS B 24 -2.46 50.48 -2.05
CA HIS B 24 -1.12 50.86 -1.62
C HIS B 24 -0.26 49.62 -1.42
N TYR B 25 0.97 49.70 -1.93
CA TYR B 25 1.92 48.59 -1.87
C TYR B 25 3.20 49.07 -1.21
N LYS B 26 3.99 48.11 -0.72
CA LYS B 26 5.28 48.44 -0.11
C LYS B 26 6.19 47.22 -0.26
N THR B 27 7.30 47.41 -0.97
CA THR B 27 8.23 46.35 -1.28
C THR B 27 9.11 46.03 -0.07
N PHE B 28 10.06 45.11 -0.26
CA PHE B 28 11.01 44.77 0.78
C PHE B 28 11.99 45.89 1.06
N ASP B 29 12.03 46.93 0.22
CA ASP B 29 12.93 48.06 0.36
C ASP B 29 12.14 49.35 0.29
N GLY B 30 11.05 49.42 1.05
CA GLY B 30 10.18 50.58 0.99
C GLY B 30 9.60 50.73 -0.39
N ASP B 31 9.77 51.92 -0.98
CA ASP B 31 9.34 52.20 -2.35
C ASP B 31 7.82 52.11 -2.47
N VAL B 32 7.17 52.85 -1.58
CA VAL B 32 5.70 52.90 -1.55
C VAL B 32 5.22 53.53 -2.85
N PHE B 33 4.26 52.88 -3.50
CA PHE B 33 3.65 53.40 -4.73
C PHE B 33 2.19 52.98 -4.72
N ARG B 34 1.52 53.16 -5.87
CA ARG B 34 0.11 52.83 -5.99
C ARG B 34 -0.11 52.22 -7.37
N PHE B 35 -0.51 50.96 -7.39
CA PHE B 35 -0.77 50.23 -8.64
C PHE B 35 -2.18 49.67 -8.60
N PRO B 36 -3.18 50.39 -9.12
CA PRO B 36 -4.57 49.92 -9.00
C PRO B 36 -4.92 48.81 -9.98
N GLY B 37 -4.08 47.78 -10.06
CA GLY B 37 -4.42 46.61 -10.85
C GLY B 37 -5.58 45.86 -10.23
N LEU B 38 -6.27 45.07 -11.07
CA LEU B 38 -7.48 44.38 -10.64
C LEU B 38 -7.59 42.94 -11.13
N CYS B 39 -6.65 42.45 -11.95
CA CYS B 39 -6.89 41.17 -12.59
C CYS B 39 -6.28 39.99 -11.83
N ASP B 40 -4.95 39.95 -11.76
CA ASP B 40 -4.21 38.92 -11.05
C ASP B 40 -2.74 39.25 -11.14
N TYR B 41 -1.94 38.94 -10.12
CA TYR B 41 -0.55 39.38 -10.11
C TYR B 41 0.30 38.41 -9.30
N ASN B 42 1.60 38.49 -9.53
CA ASN B 42 2.59 37.67 -8.84
C ASN B 42 3.14 38.45 -7.66
N PHE B 43 2.50 38.31 -6.50
CA PHE B 43 2.87 39.08 -5.32
C PHE B 43 4.31 38.83 -4.91
N ALA B 44 4.73 37.57 -4.90
CA ALA B 44 6.12 37.26 -4.53
C ALA B 44 6.48 35.90 -5.11
N SER B 45 7.79 35.67 -5.28
CA SER B 45 8.25 34.41 -5.84
C SER B 45 9.73 34.25 -5.53
N ASP B 46 10.25 33.06 -5.85
CA ASP B 46 11.66 32.74 -5.66
C ASP B 46 12.27 32.50 -7.04
N CYS B 47 12.87 33.53 -7.61
CA CYS B 47 13.54 33.43 -8.91
C CYS B 47 15.02 33.10 -8.72
N ARG B 48 15.27 31.96 -8.07
CA ARG B 48 16.63 31.45 -7.97
C ARG B 48 17.07 30.81 -9.28
N GLY B 49 16.12 30.30 -10.06
CA GLY B 49 16.41 29.78 -11.38
C GLY B 49 16.48 28.26 -11.41
N SER B 50 17.10 27.67 -10.40
CA SER B 50 17.24 26.22 -10.35
C SER B 50 15.95 25.54 -9.89
N TYR B 51 15.51 25.86 -8.67
CA TYR B 51 14.28 25.28 -8.13
C TYR B 51 13.49 26.38 -7.43
N LYS B 52 12.20 26.47 -7.76
CA LYS B 52 11.33 27.47 -7.17
C LYS B 52 10.82 26.97 -5.82
N GLU B 53 11.27 27.59 -4.74
CA GLU B 53 10.88 27.17 -3.41
C GLU B 53 9.43 27.51 -3.10
N PHE B 54 8.98 28.71 -3.48
CA PHE B 54 7.65 29.15 -3.11
C PHE B 54 7.20 30.22 -4.09
N ALA B 55 5.89 30.51 -4.06
CA ALA B 55 5.31 31.54 -4.91
C ALA B 55 3.97 31.96 -4.30
N VAL B 56 3.80 33.26 -4.09
CA VAL B 56 2.58 33.83 -3.54
C VAL B 56 1.93 34.66 -4.64
N HIS B 57 0.72 34.26 -5.04
CA HIS B 57 -0.05 34.92 -6.09
C HIS B 57 -1.24 35.62 -5.47
N LEU B 58 -1.40 36.90 -5.80
CA LEU B 58 -2.50 37.71 -5.28
C LEU B 58 -3.59 37.85 -6.33
N LYS B 59 -4.83 37.95 -5.87
CA LYS B 59 -5.99 38.12 -6.75
C LYS B 59 -6.88 39.22 -6.17
N ARG B 60 -6.85 40.38 -6.82
CA ARG B 60 -7.73 41.48 -6.43
C ARG B 60 -9.18 41.15 -6.78
N GLY B 61 -10.08 42.03 -6.36
CA GLY B 61 -11.48 41.89 -6.65
C GLY B 61 -11.87 42.58 -7.94
N PRO B 62 -13.16 42.57 -8.26
CA PRO B 62 -13.65 43.28 -9.46
C PRO B 62 -13.81 44.77 -9.24
N GLY B 63 -13.42 45.28 -8.07
CA GLY B 63 -13.67 46.65 -7.70
C GLY B 63 -14.83 46.73 -6.73
N GLN B 64 -14.53 46.79 -5.43
CA GLN B 64 -15.58 46.80 -4.43
C GLN B 64 -16.31 48.14 -4.43
N ALA B 65 -15.57 49.23 -4.25
CA ALA B 65 -16.13 50.57 -4.31
C ALA B 65 -14.96 51.55 -4.44
N GLU B 66 -15.27 52.84 -4.38
CA GLU B 66 -14.23 53.85 -4.57
C GLU B 66 -13.20 53.78 -3.46
N ALA B 67 -13.65 53.68 -2.20
CA ALA B 67 -12.74 53.73 -1.06
C ALA B 67 -12.00 52.41 -0.84
N PRO B 68 -12.70 51.28 -0.71
CA PRO B 68 -12.02 50.03 -0.34
C PRO B 68 -11.39 49.36 -1.55
N ALA B 69 -10.48 48.42 -1.26
CA ALA B 69 -9.84 47.60 -2.29
C ALA B 69 -9.54 46.24 -1.67
N GLY B 70 -10.45 45.29 -1.87
CA GLY B 70 -10.33 43.99 -1.24
C GLY B 70 -9.49 43.01 -2.03
N VAL B 71 -9.47 41.77 -1.54
CA VAL B 71 -8.76 40.67 -2.15
C VAL B 71 -9.69 39.47 -2.16
N GLU B 72 -9.82 38.81 -3.33
CA GLU B 72 -10.74 37.69 -3.42
C GLU B 72 -10.16 36.44 -2.78
N SER B 73 -8.99 36.01 -3.25
CA SER B 73 -8.39 34.77 -2.77
C SER B 73 -6.89 34.83 -2.98
N ILE B 74 -6.18 33.95 -2.28
CA ILE B 74 -4.74 33.89 -2.31
C ILE B 74 -4.31 32.46 -2.59
N LEU B 75 -3.39 32.30 -3.53
CA LEU B 75 -2.77 31.01 -3.83
C LEU B 75 -1.33 31.04 -3.37
N LEU B 76 -0.93 29.99 -2.65
CA LEU B 76 0.39 29.96 -2.02
C LEU B 76 0.94 28.56 -2.10
N THR B 77 1.98 28.36 -2.92
CA THR B 77 2.55 27.03 -3.14
C THR B 77 3.93 26.98 -2.49
N ILE B 78 4.18 25.95 -1.69
CA ILE B 78 5.47 25.79 -1.03
C ILE B 78 5.99 24.41 -1.41
N LYS B 79 6.68 24.36 -2.56
CA LYS B 79 7.64 23.34 -2.96
C LYS B 79 7.03 21.95 -3.15
N ASP B 80 5.86 21.70 -2.58
CA ASP B 80 5.10 20.48 -2.90
C ASP B 80 3.59 20.67 -2.90
N ASP B 81 3.05 21.66 -2.19
CA ASP B 81 1.62 21.73 -1.93
C ASP B 81 1.14 23.16 -2.11
N THR B 82 -0.15 23.28 -2.41
CA THR B 82 -0.79 24.57 -2.66
C THR B 82 -1.85 24.81 -1.60
N ILE B 83 -1.88 26.04 -1.09
CA ILE B 83 -2.91 26.51 -0.17
C ILE B 83 -3.72 27.57 -0.88
N TYR B 84 -5.04 27.43 -0.86
CA TYR B 84 -5.96 28.36 -1.49
C TYR B 84 -6.83 28.95 -0.40
N LEU B 85 -6.58 30.23 -0.07
CA LEU B 85 -7.28 30.91 1.00
C LEU B 85 -8.33 31.84 0.42
N THR B 86 -9.57 31.66 0.85
CA THR B 86 -10.70 32.48 0.43
C THR B 86 -11.20 33.30 1.61
N ARG B 87 -12.30 34.03 1.39
CA ARG B 87 -12.86 34.86 2.44
CA ARG B 87 -12.85 34.86 2.44
C ARG B 87 -13.40 34.03 3.59
N HIS B 88 -13.93 32.84 3.30
CA HIS B 88 -14.62 32.04 4.31
C HIS B 88 -13.93 30.72 4.62
N LEU B 89 -13.17 30.14 3.70
CA LEU B 89 -12.61 28.81 3.89
C LEU B 89 -11.20 28.75 3.32
N ALA B 90 -10.45 27.78 3.82
CA ALA B 90 -9.08 27.51 3.36
C ALA B 90 -9.01 26.08 2.84
N VAL B 91 -8.37 25.89 1.69
CA VAL B 91 -8.28 24.59 1.05
C VAL B 91 -6.80 24.22 0.93
N LEU B 92 -6.47 22.99 1.32
CA LEU B 92 -5.11 22.46 1.21
C LEU B 92 -5.15 21.25 0.29
N ASN B 93 -4.42 21.32 -0.83
CA ASN B 93 -4.33 20.23 -1.79
C ASN B 93 -5.71 19.74 -2.20
N GLY B 94 -6.62 20.67 -2.45
CA GLY B 94 -7.95 20.35 -2.94
C GLY B 94 -8.93 19.88 -1.88
N ALA B 95 -8.54 19.87 -0.61
CA ALA B 95 -9.40 19.41 0.47
C ALA B 95 -9.59 20.52 1.49
N VAL B 96 -10.82 20.66 1.98
CA VAL B 96 -11.11 21.65 3.01
C VAL B 96 -10.57 21.16 4.34
N VAL B 97 -9.87 22.04 5.05
CA VAL B 97 -9.23 21.70 6.32
C VAL B 97 -9.89 22.52 7.42
N SER B 98 -10.15 21.87 8.55
CA SER B 98 -10.71 22.55 9.71
C SER B 98 -9.58 23.21 10.51
N THR B 99 -9.50 24.52 10.41
CA THR B 99 -8.40 25.23 11.06
C THR B 99 -8.53 25.14 12.58
N PRO B 100 -7.41 25.12 13.32
CA PRO B 100 -6.03 25.10 12.83
C PRO B 100 -5.57 23.73 12.34
N HIS B 101 -4.45 23.69 11.62
CA HIS B 101 -3.88 22.45 11.12
C HIS B 101 -2.42 22.40 11.53
N TYR B 102 -1.91 21.19 11.81
CA TYR B 102 -0.60 21.03 12.44
C TYR B 102 0.28 20.03 11.70
N SER B 103 0.41 20.17 10.39
CA SER B 103 1.30 19.29 9.65
C SER B 103 2.76 19.56 10.05
N PRO B 104 3.65 18.59 9.86
CA PRO B 104 5.02 18.73 10.35
C PRO B 104 5.90 19.66 9.51
N GLY B 105 5.32 20.41 8.58
CA GLY B 105 6.09 21.34 7.79
C GLY B 105 5.32 22.60 7.43
N LEU B 106 4.19 22.82 8.10
CA LEU B 106 3.27 23.87 7.68
C LEU B 106 2.22 24.05 8.78
N LEU B 107 1.95 25.30 9.15
CA LEU B 107 0.95 25.62 10.16
C LEU B 107 -0.02 26.67 9.60
N ILE B 108 -1.30 26.37 9.69
CA ILE B 108 -2.37 27.29 9.27
C ILE B 108 -3.23 27.53 10.50
N GLU B 109 -3.50 28.81 10.80
CA GLU B 109 -4.38 29.14 11.89
C GLU B 109 -5.29 30.30 11.49
N LYS B 110 -6.51 30.29 12.01
CA LYS B 110 -7.55 31.25 11.63
C LYS B 110 -8.13 31.88 12.88
N SER B 111 -7.55 33.01 13.29
CA SER B 111 -8.14 33.82 14.35
C SER B 111 -9.30 34.63 13.77
N ASP B 112 -9.96 35.42 14.62
CA ASP B 112 -11.06 36.25 14.14
C ASP B 112 -10.58 37.47 13.38
N ALA B 113 -9.42 38.03 13.75
CA ALA B 113 -8.90 39.25 13.15
C ALA B 113 -7.87 38.98 12.07
N TYR B 114 -7.34 37.76 11.99
CA TYR B 114 -6.31 37.42 11.02
C TYR B 114 -6.42 35.97 10.59
N THR B 115 -5.74 35.66 9.50
CA THR B 115 -5.39 34.29 9.14
C THR B 115 -3.89 34.26 8.95
N LYS B 116 -3.22 33.29 9.58
CA LYS B 116 -1.78 33.21 9.61
C LYS B 116 -1.31 31.87 9.07
N VAL B 117 -0.21 31.90 8.32
CA VAL B 117 0.42 30.71 7.78
C VAL B 117 1.91 30.79 8.08
N TYR B 118 2.45 29.74 8.69
CA TYR B 118 3.87 29.63 9.02
C TYR B 118 4.45 28.44 8.28
N SER B 119 5.62 28.61 7.67
CA SER B 119 6.30 27.54 6.97
C SER B 119 7.72 27.39 7.50
N ARG B 120 8.26 26.19 7.37
CA ARG B 120 9.62 25.90 7.82
C ARG B 120 10.68 26.46 6.87
N ALA B 121 10.30 26.77 5.63
CA ALA B 121 11.24 27.35 4.67
C ALA B 121 11.62 28.78 5.01
N GLY B 122 10.94 29.39 5.97
CA GLY B 122 11.22 30.77 6.34
C GLY B 122 10.20 31.73 5.75
N LEU B 123 8.94 31.33 5.77
CA LEU B 123 7.87 32.12 5.19
C LEU B 123 6.77 32.31 6.24
N THR B 124 6.36 33.56 6.42
CA THR B 124 5.24 33.88 7.29
C THR B 124 4.28 34.78 6.52
N LEU B 125 3.00 34.44 6.53
CA LEU B 125 1.98 35.21 5.86
C LEU B 125 0.86 35.56 6.83
N MET B 126 0.48 36.83 6.88
CA MET B 126 -0.62 37.25 7.74
C MET B 126 -1.57 38.11 6.92
N TRP B 127 -2.85 37.76 6.96
CA TRP B 127 -3.84 38.42 6.11
C TRP B 127 -5.14 38.57 6.88
N ASN B 128 -5.61 39.81 7.05
CA ASN B 128 -6.99 40.00 7.46
C ASN B 128 -7.88 39.90 6.22
N ARG B 129 -9.05 39.28 6.41
CA ARG B 129 -9.84 38.82 5.29
C ARG B 129 -10.34 39.94 4.38
N GLU B 130 -10.13 41.22 4.70
CA GLU B 130 -10.67 42.31 3.90
C GLU B 130 -9.63 42.96 2.99
N ASP B 131 -8.61 43.62 3.54
CA ASP B 131 -7.74 44.43 2.69
C ASP B 131 -6.24 44.30 2.97
N ALA B 132 -5.86 44.02 4.22
CA ALA B 132 -4.47 44.15 4.63
C ALA B 132 -3.76 42.81 4.55
N LEU B 133 -2.57 42.81 3.95
CA LEU B 133 -1.79 41.59 3.76
C LEU B 133 -0.33 41.91 3.97
N MET B 134 0.40 41.03 4.66
CA MET B 134 1.82 41.21 4.85
C MET B 134 2.53 39.86 4.86
N LEU B 135 3.75 39.86 4.31
CA LEU B 135 4.56 38.67 4.14
C LEU B 135 5.97 38.95 4.66
N GLU B 136 6.50 37.98 5.40
CA GLU B 136 7.84 38.07 5.96
C GLU B 136 8.66 36.86 5.52
N LEU B 137 9.86 37.13 5.02
CA LEU B 137 10.81 36.10 4.63
C LEU B 137 12.08 36.23 5.46
N ASP B 138 12.82 35.15 5.56
CA ASP B 138 14.13 35.18 6.21
C ASP B 138 15.14 35.86 5.29
N THR B 139 16.39 35.90 5.73
CA THR B 139 17.46 36.50 4.94
C THR B 139 17.99 35.57 3.86
N LYS B 140 17.53 34.32 3.83
CA LYS B 140 18.03 33.37 2.85
C LYS B 140 17.68 33.76 1.42
N PHE B 141 16.55 34.45 1.23
CA PHE B 141 16.02 34.72 -0.10
C PHE B 141 16.44 36.07 -0.65
N ARG B 142 17.52 36.66 -0.15
CA ARG B 142 18.03 37.89 -0.73
C ARG B 142 18.56 37.63 -2.13
N ASN B 143 18.40 38.62 -3.00
CA ASN B 143 18.87 38.56 -4.39
C ASN B 143 18.15 37.49 -5.20
N HIS B 144 16.97 37.05 -4.75
CA HIS B 144 16.22 36.01 -5.46
C HIS B 144 14.76 36.34 -5.68
N THR B 145 14.14 37.17 -4.84
CA THR B 145 12.74 37.50 -5.02
C THR B 145 12.54 38.29 -6.32
N CYS B 146 11.45 38.00 -7.01
CA CYS B 146 11.20 38.59 -8.32
C CYS B 146 9.74 38.96 -8.53
N GLY B 147 8.91 38.91 -7.49
CA GLY B 147 7.50 39.21 -7.63
C GLY B 147 7.23 40.69 -7.60
N LEU B 148 5.95 41.03 -7.46
CA LEU B 148 5.54 42.42 -7.40
C LEU B 148 6.18 43.17 -6.23
N CYS B 149 6.62 42.46 -5.19
CA CYS B 149 7.33 43.06 -4.07
C CYS B 149 8.77 43.41 -4.39
N GLY B 150 9.18 43.35 -5.66
CA GLY B 150 10.54 43.66 -6.03
C GLY B 150 11.50 42.59 -5.52
N ASP B 151 12.79 42.83 -5.75
CA ASP B 151 13.82 41.92 -5.29
C ASP B 151 14.14 42.19 -3.82
N TYR B 152 14.91 41.29 -3.23
CA TYR B 152 15.23 41.36 -1.80
C TYR B 152 16.73 41.52 -1.59
N ASN B 153 17.35 42.39 -2.39
CA ASN B 153 18.77 42.71 -2.22
C ASN B 153 19.02 43.77 -1.16
N GLY B 154 17.97 44.42 -0.66
CA GLY B 154 18.11 45.48 0.31
C GLY B 154 18.35 46.86 -0.28
N LEU B 155 18.32 46.98 -1.60
CA LEU B 155 18.58 48.26 -2.26
C LEU B 155 17.28 49.03 -2.41
N GLN B 156 17.32 50.33 -2.10
CA GLN B 156 16.13 51.17 -2.14
C GLN B 156 15.82 51.59 -3.57
N SER B 157 14.85 50.93 -4.20
CA SER B 157 14.45 51.24 -5.57
C SER B 157 15.63 51.21 -6.53
N TYR B 158 16.54 50.26 -6.34
CA TYR B 158 17.72 50.19 -7.20
C TYR B 158 17.39 49.58 -8.55
N SER B 159 16.93 48.32 -8.55
CA SER B 159 16.62 47.60 -9.78
C SER B 159 15.12 47.46 -10.01
N GLU B 160 14.30 47.70 -9.00
CA GLU B 160 12.85 47.55 -9.16
C GLU B 160 12.31 48.52 -10.21
N PHE B 161 12.82 49.75 -10.21
CA PHE B 161 12.31 50.80 -11.09
C PHE B 161 13.34 51.32 -12.07
N LEU B 162 14.63 51.20 -11.76
CA LEU B 162 15.71 51.58 -12.67
C LEU B 162 16.54 50.33 -12.95
N SER B 163 16.15 49.58 -13.96
CA SER B 163 16.84 48.35 -14.32
C SER B 163 17.94 48.61 -15.35
N ASP B 164 17.58 49.19 -16.48
CA ASP B 164 18.50 49.50 -17.57
C ASP B 164 18.54 51.00 -17.83
N GLY B 165 18.57 51.80 -16.77
CA GLY B 165 18.60 53.24 -16.87
C GLY B 165 17.23 53.88 -16.97
N VAL B 166 16.25 53.18 -17.53
CA VAL B 166 14.91 53.72 -17.66
C VAL B 166 14.21 53.65 -16.31
N LEU B 167 13.73 54.79 -15.83
CA LEU B 167 13.01 54.86 -14.57
C LEU B 167 11.57 54.41 -14.79
N PHE B 168 11.27 53.17 -14.41
CA PHE B 168 9.96 52.60 -14.65
C PHE B 168 8.91 53.34 -13.83
N SER B 169 7.81 53.74 -14.47
CA SER B 169 6.68 54.25 -13.72
C SER B 169 5.99 53.09 -13.00
N PRO B 170 5.37 53.36 -11.85
CA PRO B 170 4.75 52.27 -11.08
C PRO B 170 3.75 51.45 -11.88
N LEU B 171 2.93 52.09 -12.72
CA LEU B 171 1.89 51.35 -13.42
C LEU B 171 2.46 50.33 -14.40
N GLU B 172 3.42 50.72 -15.23
CA GLU B 172 4.05 49.79 -16.16
C GLU B 172 4.83 48.70 -15.45
N PHE B 173 5.53 49.03 -14.35
CA PHE B 173 6.20 48.00 -13.58
C PHE B 173 5.21 46.98 -13.05
N GLY B 174 4.07 47.42 -12.53
CA GLY B 174 3.05 46.49 -12.07
C GLY B 174 2.46 45.66 -13.19
N ASN B 175 2.25 46.28 -14.36
CA ASN B 175 1.67 45.57 -15.49
C ASN B 175 2.50 44.36 -15.90
N MET B 176 3.83 44.46 -15.85
CA MET B 176 4.67 43.35 -16.27
C MET B 176 4.51 42.13 -15.37
N GLN B 177 4.05 42.30 -14.14
CA GLN B 177 3.95 41.21 -13.18
C GLN B 177 2.63 40.47 -13.26
N LYS B 178 1.95 40.52 -14.40
CA LYS B 178 0.67 39.85 -14.56
C LYS B 178 0.85 38.36 -14.80
N ILE B 179 -0.22 37.61 -14.57
CA ILE B 179 -0.26 36.17 -14.83
C ILE B 179 -1.40 35.90 -15.80
N ASN B 180 -1.11 35.15 -16.85
CA ASN B 180 -2.09 34.89 -17.91
C ASN B 180 -2.91 33.65 -17.58
N GLN B 181 -4.18 33.87 -17.24
CA GLN B 181 -5.11 32.76 -17.05
C GLN B 181 -5.70 32.39 -18.40
N PRO B 182 -5.54 31.14 -18.87
CA PRO B 182 -5.93 30.85 -20.26
C PRO B 182 -7.41 30.54 -20.41
N ASP B 183 -8.26 31.32 -19.75
CA ASP B 183 -9.70 31.28 -20.02
C ASP B 183 -10.36 32.65 -20.05
N VAL B 184 -9.75 33.69 -19.46
CA VAL B 184 -10.35 35.01 -19.35
C VAL B 184 -9.31 36.05 -19.76
N VAL B 185 -9.76 37.05 -20.52
CA VAL B 185 -8.92 38.19 -20.88
C VAL B 185 -9.33 39.36 -19.98
N CYS B 186 -8.34 39.96 -19.32
CA CYS B 186 -8.57 41.07 -18.41
C CYS B 186 -7.73 42.26 -18.85
N GLU B 187 -8.35 43.43 -18.94
CA GLU B 187 -7.69 44.61 -19.44
C GLU B 187 -6.91 45.30 -18.31
N ASP B 188 -5.68 45.70 -18.62
CA ASP B 188 -4.88 46.44 -17.66
C ASP B 188 -5.43 47.85 -17.48
N PRO B 189 -5.26 48.46 -16.31
CA PRO B 189 -5.72 49.83 -16.11
C PRO B 189 -4.96 50.80 -17.00
N GLU B 190 -5.64 51.86 -17.43
CA GLU B 190 -5.02 52.86 -18.29
C GLU B 190 -4.39 53.96 -17.45
N GLU B 191 -3.38 54.61 -18.03
CA GLU B 191 -2.69 55.69 -17.35
C GLU B 191 -3.66 56.81 -17.02
N GLU B 192 -3.85 57.09 -15.74
CA GLU B 192 -4.73 58.16 -15.33
C GLU B 192 -4.03 59.51 -15.46
N VAL B 193 -4.83 60.56 -15.65
CA VAL B 193 -4.30 61.90 -15.74
C VAL B 193 -3.67 62.29 -14.41
N ALA B 194 -2.44 62.79 -14.45
CA ALA B 194 -1.69 63.12 -13.24
C ALA B 194 -2.49 64.10 -12.38
N PRO B 195 -3.00 63.68 -11.24
CA PRO B 195 -3.75 64.59 -10.38
C PRO B 195 -2.81 65.49 -9.59
N ALA B 196 -3.37 66.56 -9.03
CA ALA B 196 -2.56 67.50 -8.26
C ALA B 196 -2.02 66.83 -7.01
N SER B 197 -0.81 67.23 -6.62
CA SER B 197 -0.21 66.72 -5.39
C SER B 197 -1.04 67.18 -4.21
N CYS B 198 -1.73 66.22 -3.57
CA CYS B 198 -2.67 66.53 -2.49
C CYS B 198 -1.90 66.90 -1.24
N SER B 199 -1.23 68.06 -1.29
CA SER B 199 -0.47 68.58 -0.16
C SER B 199 -1.30 69.51 0.72
N GLU B 200 -2.57 69.75 0.36
CA GLU B 200 -3.46 70.60 1.13
C GLU B 200 -3.97 69.91 2.40
N HIS B 201 -3.78 68.60 2.52
CA HIS B 201 -4.26 67.83 3.67
C HIS B 201 -3.08 67.27 4.46
N ARG B 202 -1.87 67.77 4.23
CA ARG B 202 -0.70 67.24 4.91
C ARG B 202 -0.78 67.44 6.41
N ALA B 203 -1.26 68.60 6.86
CA ALA B 203 -1.36 68.86 8.29
C ALA B 203 -2.27 67.86 8.99
N GLU B 204 -3.42 67.55 8.38
CA GLU B 204 -4.34 66.58 8.99
C GLU B 204 -3.67 65.22 9.15
N CYS B 205 -3.03 64.73 8.09
CA CYS B 205 -2.38 63.42 8.17
C CYS B 205 -1.27 63.41 9.21
N GLU B 206 -0.42 64.44 9.23
CA GLU B 206 0.65 64.49 10.21
C GLU B 206 0.11 64.54 11.63
N ARG B 207 -0.91 65.36 11.87
CA ARG B 207 -1.48 65.44 13.22
C ARG B 207 -2.09 64.12 13.65
N LEU B 208 -2.87 63.47 12.77
CA LEU B 208 -3.49 62.21 13.13
C LEU B 208 -2.45 61.13 13.40
N LEU B 209 -1.47 60.98 12.52
CA LEU B 209 -0.53 59.88 12.66
C LEU B 209 0.40 60.06 13.85
N THR B 210 0.89 61.27 14.09
CA THR B 210 1.85 61.52 15.17
C THR B 210 1.13 61.94 16.44
N ALA B 211 0.24 61.05 16.90
CA ALA B 211 -0.50 61.28 18.13
C ALA B 211 0.26 60.71 19.32
N GLU B 212 -0.38 60.68 20.48
CA GLU B 212 0.25 60.16 21.69
C GLU B 212 0.32 58.64 21.71
N ALA B 213 -0.69 57.95 21.17
CA ALA B 213 -0.72 56.50 21.23
C ALA B 213 0.40 55.85 20.44
N PHE B 214 1.09 56.60 19.58
CA PHE B 214 2.16 56.08 18.74
C PHE B 214 3.52 56.60 19.20
N ALA B 215 3.72 56.66 20.52
CA ALA B 215 4.94 57.24 21.06
C ALA B 215 6.16 56.37 20.77
N ASP B 216 6.16 55.14 21.26
CA ASP B 216 7.35 54.30 21.20
C ASP B 216 7.43 53.50 19.90
N CYS B 217 7.26 54.20 18.78
CA CYS B 217 7.61 53.66 17.47
C CYS B 217 8.15 54.72 16.54
N GLN B 218 8.32 55.96 17.01
CA GLN B 218 8.85 57.01 16.16
C GLN B 218 10.29 56.73 15.73
N ASP B 219 10.96 55.81 16.41
CA ASP B 219 12.32 55.40 16.04
C ASP B 219 12.37 54.03 15.39
N LEU B 220 11.27 53.28 15.39
CA LEU B 220 11.24 51.95 14.79
C LEU B 220 10.84 52.01 13.32
N VAL B 221 9.78 52.75 13.01
CA VAL B 221 9.29 52.87 11.64
C VAL B 221 9.44 54.31 11.18
N PRO B 222 9.85 54.56 9.93
CA PRO B 222 9.85 55.94 9.43
C PRO B 222 8.44 56.48 9.30
N LEU B 223 8.36 57.73 8.84
CA LEU B 223 7.10 58.47 8.77
C LEU B 223 6.76 58.99 7.38
N GLU B 224 7.77 59.37 6.58
CA GLU B 224 7.52 60.02 5.31
C GLU B 224 6.65 59.18 4.38
N PRO B 225 6.98 57.90 4.18
CA PRO B 225 6.19 57.08 3.24
C PRO B 225 4.73 56.96 3.64
N TYR B 226 4.48 56.68 4.91
CA TYR B 226 3.13 56.43 5.38
C TYR B 226 2.26 57.68 5.35
N LEU B 227 2.84 58.86 5.57
CA LEU B 227 2.10 60.10 5.43
C LEU B 227 1.90 60.49 3.97
N ARG B 228 2.92 60.26 3.12
CA ARG B 228 2.71 60.46 1.69
C ARG B 228 1.57 59.61 1.19
N ALA B 229 1.45 58.38 1.69
CA ALA B 229 0.30 57.53 1.37
C ALA B 229 -1.01 58.16 1.83
N CYS B 230 -1.04 58.74 3.03
CA CYS B 230 -2.22 59.43 3.51
C CYS B 230 -2.58 60.62 2.63
N GLN B 231 -1.59 61.24 1.99
CA GLN B 231 -1.87 62.39 1.13
C GLN B 231 -2.90 62.04 0.06
N GLN B 232 -2.58 61.09 -0.81
CA GLN B 232 -3.53 60.68 -1.83
C GLN B 232 -4.81 60.11 -1.20
N ASP B 233 -4.67 59.30 -0.15
CA ASP B 233 -5.83 58.70 0.49
C ASP B 233 -6.86 59.73 0.89
N ARG B 234 -6.44 60.88 1.43
CA ARG B 234 -7.37 61.88 1.92
C ARG B 234 -8.15 62.56 0.81
N CYS B 235 -7.51 62.88 -0.31
CA CYS B 235 -8.17 63.55 -1.42
C CYS B 235 -8.85 62.59 -2.38
N ARG B 236 -8.25 61.44 -2.65
CA ARG B 236 -8.85 60.44 -3.52
C ARG B 236 -10.09 59.80 -2.92
N CYS B 237 -10.35 60.00 -1.62
CA CYS B 237 -11.40 59.30 -0.90
C CYS B 237 -12.25 60.33 -0.18
N PRO B 238 -13.06 61.08 -0.91
CA PRO B 238 -13.90 62.10 -0.29
C PRO B 238 -15.03 61.47 0.52
N GLY B 239 -15.52 62.23 1.50
CA GLY B 239 -16.62 61.81 2.32
C GLY B 239 -16.21 60.98 3.52
N GLY B 240 -16.69 59.74 3.59
CA GLY B 240 -16.40 58.90 4.74
C GLY B 240 -14.92 58.64 4.89
N ASP B 241 -14.50 58.55 6.16
CA ASP B 241 -13.09 58.32 6.50
C ASP B 241 -12.86 56.82 6.65
N THR B 242 -13.27 56.07 5.63
CA THR B 242 -12.96 54.65 5.54
C THR B 242 -11.65 54.39 4.82
N CYS B 243 -10.98 55.42 4.32
CA CYS B 243 -9.82 55.27 3.45
C CYS B 243 -8.57 55.91 4.03
N VAL B 244 -8.70 56.75 5.06
CA VAL B 244 -7.54 57.33 5.71
C VAL B 244 -7.12 56.51 6.93
N CYS B 245 -8.07 56.01 7.71
CA CYS B 245 -7.77 55.26 8.92
C CYS B 245 -7.35 53.84 8.62
N SER B 246 -7.31 53.45 7.34
CA SER B 246 -6.73 52.19 6.93
C SER B 246 -5.23 52.27 6.72
N THR B 247 -4.64 53.46 6.78
CA THR B 247 -3.20 53.62 6.72
C THR B 247 -2.58 53.61 8.11
N VAL B 248 -3.10 54.45 9.02
CA VAL B 248 -2.63 54.44 10.39
C VAL B 248 -2.78 53.06 11.01
N ALA B 249 -3.76 52.27 10.55
CA ALA B 249 -3.82 50.87 10.98
C ALA B 249 -2.58 50.10 10.54
N GLU B 250 -2.15 50.30 9.28
CA GLU B 250 -0.91 49.71 8.83
C GLU B 250 0.29 50.26 9.60
N PHE B 251 0.28 51.56 9.91
CA PHE B 251 1.36 52.13 10.69
C PHE B 251 1.46 51.47 12.05
N SER B 252 0.33 51.27 12.71
CA SER B 252 0.28 50.56 13.99
C SER B 252 0.73 49.11 13.87
N ARG B 253 0.28 48.39 12.83
CA ARG B 253 0.75 47.02 12.62
C ARG B 253 2.26 46.96 12.47
N GLN B 254 2.85 47.87 11.70
CA GLN B 254 4.30 47.95 11.62
C GLN B 254 4.91 48.27 12.97
N CYS B 255 4.29 49.19 13.72
CA CYS B 255 4.75 49.52 15.06
C CYS B 255 4.78 48.27 15.94
N SER B 256 3.68 47.52 15.97
CA SER B 256 3.57 46.33 16.79
C SER B 256 4.53 45.22 16.36
N HIS B 257 4.72 45.05 15.05
CA HIS B 257 5.59 44.00 14.52
C HIS B 257 7.07 44.24 14.81
N ALA B 258 7.52 45.50 14.80
CA ALA B 258 8.91 45.77 15.09
C ALA B 258 9.28 45.39 16.52
N GLY B 259 8.38 45.62 17.46
CA GLY B 259 8.64 45.30 18.85
C GLY B 259 8.05 46.29 19.83
N GLY B 260 7.55 47.41 19.32
CA GLY B 260 6.95 48.42 20.15
C GLY B 260 5.54 48.05 20.56
N ARG B 261 4.88 49.01 21.20
CA ARG B 261 3.51 48.82 21.69
C ARG B 261 2.76 50.14 21.59
N PRO B 262 1.80 50.28 20.66
CA PRO B 262 1.02 51.51 20.58
C PRO B 262 -0.10 51.55 21.62
N GLY B 263 -0.63 52.74 21.83
CA GLY B 263 -1.78 52.94 22.68
C GLY B 263 -3.08 52.76 21.92
N ASN B 264 -4.14 53.33 22.51
CA ASN B 264 -5.45 53.32 21.87
C ASN B 264 -5.72 54.67 21.22
N TRP B 265 -6.11 54.65 19.95
CA TRP B 265 -6.43 55.86 19.21
C TRP B 265 -7.84 55.88 18.65
N ARG B 266 -8.40 54.73 18.26
CA ARG B 266 -9.76 54.67 17.74
C ARG B 266 -10.71 55.21 18.81
N THR B 267 -11.39 56.31 18.47
CA THR B 267 -12.44 56.85 19.32
C THR B 267 -13.79 56.50 18.70
N ALA B 268 -14.87 56.83 19.40
CA ALA B 268 -16.21 56.60 18.85
C ALA B 268 -16.46 57.40 17.58
N THR B 269 -15.66 58.45 17.33
CA THR B 269 -15.79 59.25 16.13
C THR B 269 -14.64 59.06 15.14
N LEU B 270 -13.65 58.23 15.47
CA LEU B 270 -12.48 58.00 14.62
C LEU B 270 -12.40 56.51 14.32
N CYS B 271 -13.12 56.08 13.29
CA CYS B 271 -13.15 54.70 12.84
C CYS B 271 -13.21 53.74 14.02
N PRO B 272 -14.27 53.77 14.81
CA PRO B 272 -14.40 52.81 15.91
C PRO B 272 -14.75 51.42 15.41
N LYS B 273 -14.63 50.45 16.32
CA LYS B 273 -14.96 49.06 16.03
C LYS B 273 -15.73 48.47 17.19
N THR B 274 -16.53 47.45 16.90
CA THR B 274 -17.43 46.84 17.87
C THR B 274 -17.21 45.35 17.93
N CYS B 275 -17.29 44.80 19.14
CA CYS B 275 -17.26 43.36 19.37
C CYS B 275 -18.35 43.01 20.38
N PRO B 276 -18.87 41.78 20.32
CA PRO B 276 -19.97 41.43 21.23
C PRO B 276 -19.49 41.35 22.66
N GLY B 277 -20.44 41.52 23.59
CA GLY B 277 -20.12 41.49 24.99
C GLY B 277 -19.28 42.69 25.41
N ASN B 278 -18.68 42.58 26.58
CA ASN B 278 -17.85 43.66 27.12
C ASN B 278 -16.42 43.56 26.62
N LEU B 279 -16.20 42.77 25.57
CA LEU B 279 -14.87 42.65 24.97
C LEU B 279 -14.43 44.02 24.48
N VAL B 280 -13.19 44.38 24.81
CA VAL B 280 -12.67 45.72 24.56
C VAL B 280 -11.67 45.64 23.42
N TYR B 281 -11.86 46.49 22.41
CA TYR B 281 -10.89 46.57 21.32
C TYR B 281 -9.64 47.30 21.80
N LEU B 282 -8.48 46.66 21.58
CA LEU B 282 -7.21 47.20 22.05
C LEU B 282 -6.15 46.99 20.97
N GLU B 283 -4.96 47.50 21.27
CA GLU B 283 -3.77 47.24 20.48
C GLU B 283 -2.67 46.70 21.38
N SER B 284 -1.86 45.81 20.84
CA SER B 284 -0.72 45.24 21.55
C SER B 284 -1.18 44.47 22.80
N GLY B 285 -1.93 43.40 22.57
CA GLY B 285 -2.31 42.49 23.63
C GLY B 285 -2.18 41.05 23.16
N SER B 286 -1.83 40.19 24.11
CA SER B 286 -1.54 38.81 23.78
C SER B 286 -2.79 38.11 23.22
N PRO B 287 -2.67 37.43 22.07
CA PRO B 287 -3.83 36.68 21.55
C PRO B 287 -4.25 35.51 22.44
N CYS B 288 -3.39 35.06 23.34
CA CYS B 288 -3.68 33.91 24.18
C CYS B 288 -4.61 34.33 25.30
N MET B 289 -5.81 33.74 25.32
CA MET B 289 -6.85 34.09 26.28
C MET B 289 -7.18 32.90 27.16
N ASP B 290 -7.55 33.18 28.41
CA ASP B 290 -8.05 32.16 29.31
C ASP B 290 -9.56 32.07 29.14
N THR B 291 -10.07 30.88 28.84
CA THR B 291 -11.42 30.72 28.32
C THR B 291 -12.27 29.80 29.20
N CYS B 292 -12.10 29.87 30.51
CA CYS B 292 -13.04 29.24 31.45
C CYS B 292 -12.98 27.72 31.45
N SER B 293 -12.29 27.12 30.48
CA SER B 293 -11.94 25.70 30.52
C SER B 293 -10.43 25.51 30.39
N HIS B 294 -9.84 26.08 29.35
CA HIS B 294 -8.40 26.01 29.13
CA HIS B 294 -8.39 26.01 29.13
C HIS B 294 -7.76 27.20 29.85
N LEU B 295 -7.55 27.04 31.15
CA LEU B 295 -6.88 28.10 31.90
C LEU B 295 -5.39 28.08 31.62
N GLU B 296 -4.68 29.06 32.20
CA GLU B 296 -3.21 29.14 32.13
C GLU B 296 -2.70 28.98 30.69
N VAL B 297 -3.41 29.56 29.74
CA VAL B 297 -2.96 29.48 28.34
C VAL B 297 -1.73 30.36 28.14
N SER B 298 -1.73 31.55 28.73
CA SER B 298 -0.65 32.50 28.51
C SER B 298 0.71 31.95 28.91
N SER B 299 0.76 31.02 29.86
CA SER B 299 2.03 30.42 30.27
C SER B 299 2.71 29.64 29.15
N LEU B 300 1.95 29.20 28.14
CA LEU B 300 2.48 28.43 27.02
C LEU B 300 2.18 29.13 25.70
N CYS B 301 2.35 30.45 25.67
CA CYS B 301 1.94 31.26 24.52
C CYS B 301 3.17 31.57 23.68
N GLU B 302 3.32 30.86 22.56
CA GLU B 302 4.44 31.06 21.65
C GLU B 302 4.07 31.98 20.49
N GLU B 303 3.63 33.19 20.80
CA GLU B 303 3.28 34.17 19.78
C GLU B 303 3.44 35.58 20.36
N HIS B 304 3.87 36.52 19.51
CA HIS B 304 3.88 37.91 19.90
C HIS B 304 2.48 38.49 19.72
N ARG B 305 2.33 39.78 20.04
CA ARG B 305 1.02 40.36 20.27
C ARG B 305 0.63 41.31 19.13
N MET B 306 -0.64 41.21 18.75
CA MET B 306 -1.26 42.09 17.77
C MET B 306 -2.43 42.80 18.45
N ASP B 307 -3.18 43.55 17.66
CA ASP B 307 -4.39 44.20 18.13
C ASP B 307 -5.57 43.23 18.05
N GLY B 308 -6.71 43.67 18.57
CA GLY B 308 -7.92 42.87 18.55
C GLY B 308 -8.77 43.07 19.77
N CYS B 309 -9.94 42.42 19.81
CA CYS B 309 -10.86 42.52 20.93
C CYS B 309 -10.46 41.51 22.00
N PHE B 310 -10.33 41.98 23.23
CA PHE B 310 -9.82 41.16 24.32
C PHE B 310 -10.76 41.24 25.52
N CYS B 311 -10.33 40.69 26.65
CA CYS B 311 -11.09 40.74 27.89
C CYS B 311 -10.40 41.66 28.90
N PRO B 312 -11.07 42.01 29.98
CA PRO B 312 -10.44 42.84 31.01
C PRO B 312 -9.30 42.11 31.70
N GLU B 313 -8.69 42.75 32.71
CA GLU B 313 -7.56 42.13 33.39
C GLU B 313 -7.89 40.72 33.85
N GLY B 314 -9.03 40.54 34.49
CA GLY B 314 -9.51 39.22 34.86
C GLY B 314 -10.67 38.80 33.99
N THR B 315 -11.63 38.08 34.58
CA THR B 315 -12.87 37.72 33.91
C THR B 315 -12.60 36.93 32.62
N VAL B 316 -12.05 35.73 32.84
CA VAL B 316 -11.76 34.83 31.73
C VAL B 316 -12.99 34.68 30.84
N TYR B 317 -12.76 34.61 29.54
CA TYR B 317 -13.83 34.47 28.57
C TYR B 317 -14.59 33.17 28.80
N ASP B 318 -15.91 33.22 28.59
CA ASP B 318 -16.76 32.06 28.75
C ASP B 318 -16.88 31.31 27.43
N ASP B 319 -16.49 30.04 27.41
CA ASP B 319 -16.61 29.23 26.22
C ASP B 319 -17.67 28.13 26.35
N ILE B 320 -17.84 27.57 27.55
CA ILE B 320 -18.89 26.57 27.74
C ILE B 320 -20.24 27.20 27.46
N GLY B 321 -20.49 28.39 27.97
CA GLY B 321 -21.71 29.12 27.67
C GLY B 321 -21.53 30.02 26.46
N ASP B 322 -22.23 31.15 26.46
CA ASP B 322 -22.13 32.10 25.35
C ASP B 322 -22.03 33.55 25.80
N SER B 323 -21.81 33.81 27.09
CA SER B 323 -21.73 35.18 27.59
C SER B 323 -20.37 35.77 27.24
N GLY B 324 -20.12 36.98 27.70
CA GLY B 324 -18.88 37.70 27.44
C GLY B 324 -17.81 37.38 28.46
N CYS B 325 -16.95 38.37 28.71
CA CYS B 325 -15.84 38.20 29.66
C CYS B 325 -16.41 38.23 31.07
N VAL B 326 -17.05 37.13 31.44
CA VAL B 326 -17.65 36.98 32.76
C VAL B 326 -16.55 36.75 33.78
N PRO B 327 -16.78 37.01 35.06
CA PRO B 327 -15.78 36.70 36.08
C PRO B 327 -15.55 35.19 36.18
N VAL B 328 -14.50 34.83 36.92
CA VAL B 328 -14.11 33.43 37.02
C VAL B 328 -15.17 32.61 37.73
N SER B 329 -15.78 33.14 38.79
CA SER B 329 -16.68 32.35 39.62
C SER B 329 -18.11 32.34 39.08
N GLN B 330 -18.22 32.09 37.77
CA GLN B 330 -19.51 31.83 37.14
C GLN B 330 -19.41 30.71 36.11
N CYS B 331 -18.26 30.05 35.99
CA CYS B 331 -18.08 29.04 34.96
C CYS B 331 -19.03 27.86 35.17
N HIS B 332 -20.05 27.78 34.34
CA HIS B 332 -20.98 26.65 34.40
C HIS B 332 -20.28 25.38 33.97
N CYS B 333 -20.67 24.26 34.57
CA CYS B 333 -20.06 22.98 34.23
C CYS B 333 -20.84 22.33 33.08
N ARG B 334 -20.21 21.34 32.45
CA ARG B 334 -20.89 20.57 31.43
C ARG B 334 -20.59 19.09 31.65
N LEU B 335 -21.55 18.24 31.26
CA LEU B 335 -21.38 16.80 31.43
C LEU B 335 -22.26 16.11 30.38
N HIS B 336 -21.63 15.68 29.29
CA HIS B 336 -22.30 15.05 28.15
C HIS B 336 -23.59 15.80 27.80
N GLY B 337 -23.42 17.07 27.44
CA GLY B 337 -24.56 17.89 27.07
C GLY B 337 -25.00 18.87 28.15
N HIS B 338 -26.03 18.49 28.89
CA HIS B 338 -26.67 19.39 29.85
C HIS B 338 -25.67 20.31 30.53
N LEU B 339 -25.97 21.61 30.49
CA LEU B 339 -25.12 22.64 31.09
C LEU B 339 -25.58 22.86 32.53
N TYR B 340 -24.74 22.42 33.47
CA TYR B 340 -25.10 22.46 34.88
C TYR B 340 -24.64 23.77 35.51
N THR B 341 -25.49 24.34 36.36
CA THR B 341 -25.23 25.64 36.97
C THR B 341 -24.19 25.51 38.08
N PRO B 342 -23.54 26.62 38.47
CA PRO B 342 -22.57 26.55 39.57
C PRO B 342 -23.21 26.37 40.93
N GLY B 343 -23.46 25.12 41.30
CA GLY B 343 -24.06 24.79 42.58
C GLY B 343 -24.98 23.58 42.50
N GLN B 344 -25.40 23.23 41.29
CA GLN B 344 -26.22 22.05 41.07
C GLN B 344 -25.35 20.80 41.23
N GLU B 345 -25.81 19.86 42.05
CA GLU B 345 -25.06 18.64 42.28
C GLU B 345 -25.55 17.53 41.35
N ILE B 346 -24.80 16.44 41.31
CA ILE B 346 -25.13 15.28 40.50
C ILE B 346 -24.52 14.05 41.15
N THR B 347 -25.07 12.89 40.82
CA THR B 347 -24.59 11.60 41.33
C THR B 347 -24.20 10.74 40.13
N ASN B 348 -22.92 10.39 40.05
CA ASN B 348 -22.41 9.56 38.98
C ASN B 348 -22.51 8.09 39.40
N ASP B 349 -21.88 7.19 38.65
CA ASP B 349 -21.97 5.76 38.90
C ASP B 349 -21.68 5.43 40.36
N CYS B 350 -20.49 5.76 40.85
CA CYS B 350 -20.08 5.44 42.22
C CYS B 350 -19.57 6.67 42.96
N GLU B 351 -19.92 7.88 42.52
CA GLU B 351 -19.48 9.10 43.17
C GLU B 351 -20.51 10.20 42.93
N GLN B 352 -20.43 11.25 43.75
CA GLN B 352 -21.30 12.41 43.62
C GLN B 352 -20.45 13.68 43.56
N CYS B 353 -20.84 14.60 42.68
CA CYS B 353 -20.05 15.78 42.40
C CYS B 353 -20.90 17.03 42.49
N VAL B 354 -20.24 18.16 42.73
CA VAL B 354 -20.87 19.47 42.81
C VAL B 354 -20.12 20.42 41.88
N CYS B 355 -20.86 21.18 41.09
CA CYS B 355 -20.25 22.09 40.12
C CYS B 355 -19.72 23.32 40.85
N ASN B 356 -18.40 23.38 41.02
CA ASN B 356 -17.74 24.56 41.56
C ASN B 356 -17.39 25.48 40.38
N ALA B 357 -16.53 26.48 40.60
CA ALA B 357 -16.25 27.50 39.60
C ALA B 357 -15.44 26.87 38.46
N GLY B 358 -16.16 26.30 37.49
CA GLY B 358 -15.57 25.73 36.31
C GLY B 358 -15.19 24.27 36.44
N ARG B 359 -14.72 23.85 37.62
CA ARG B 359 -14.26 22.49 37.85
C ARG B 359 -15.12 21.82 38.91
N TRP B 360 -15.58 20.61 38.59
CA TRP B 360 -16.36 19.82 39.53
C TRP B 360 -15.52 19.50 40.76
N VAL B 361 -16.21 19.32 41.88
CA VAL B 361 -15.61 18.79 43.10
C VAL B 361 -16.37 17.51 43.42
N CYS B 362 -15.67 16.37 43.39
CA CYS B 362 -16.30 15.06 43.47
C CYS B 362 -15.95 14.38 44.79
N LYS B 363 -16.77 13.41 45.15
CA LYS B 363 -16.63 12.67 46.41
C LYS B 363 -17.10 11.24 46.18
N ASP B 364 -16.36 10.30 46.78
CA ASP B 364 -16.59 8.88 46.53
C ASP B 364 -17.85 8.39 47.25
N LEU B 365 -18.40 7.30 46.72
CA LEU B 365 -19.50 6.58 47.32
C LEU B 365 -19.16 5.09 47.39
N PRO B 366 -19.68 4.36 48.38
CA PRO B 366 -19.51 2.90 48.37
C PRO B 366 -20.23 2.27 47.19
N CYS B 367 -19.64 1.21 46.65
CA CYS B 367 -20.24 0.44 45.56
C CYS B 367 -19.52 -0.89 45.47
N PRO B 368 -20.24 -2.01 45.27
CA PRO B 368 -19.62 -3.33 45.39
C PRO B 368 -18.74 -3.73 44.21
N GLY B 369 -18.21 -4.93 44.25
CA GLY B 369 -17.41 -5.45 43.16
C GLY B 369 -17.94 -6.79 42.69
N THR B 370 -17.58 -7.14 41.45
CA THR B 370 -18.14 -8.31 40.78
C THR B 370 -17.03 -9.14 40.17
N CYS B 371 -17.09 -10.46 40.39
CA CYS B 371 -16.28 -11.41 39.64
C CYS B 371 -17.20 -12.31 38.83
N ALA B 372 -16.97 -12.37 37.53
CA ALA B 372 -17.85 -13.10 36.62
C ALA B 372 -17.10 -14.25 35.99
N LEU B 373 -17.76 -15.40 35.86
CA LEU B 373 -17.21 -16.55 35.17
C LEU B 373 -18.26 -17.00 34.16
N GLU B 374 -18.02 -16.68 32.90
CA GLU B 374 -18.91 -16.99 31.80
C GLU B 374 -18.25 -17.96 30.83
N GLY B 375 -19.09 -18.59 30.01
CA GLY B 375 -18.59 -19.55 29.05
C GLY B 375 -17.78 -20.64 29.73
N GLY B 376 -17.13 -21.45 28.91
CA GLY B 376 -16.25 -22.48 29.45
C GLY B 376 -15.11 -21.87 30.21
N SER B 377 -14.52 -20.81 29.65
CA SER B 377 -13.42 -20.08 30.29
C SER B 377 -13.47 -18.63 29.85
N HIS B 378 -14.12 -17.80 30.66
CA HIS B 378 -14.06 -16.34 30.48
C HIS B 378 -14.23 -15.72 31.87
N ILE B 379 -13.12 -15.32 32.46
CA ILE B 379 -13.11 -14.84 33.85
C ILE B 379 -12.85 -13.33 33.84
N THR B 380 -13.80 -12.58 34.38
CA THR B 380 -13.65 -11.14 34.59
C THR B 380 -13.45 -10.90 36.08
N THR B 381 -12.28 -10.36 36.43
CA THR B 381 -11.92 -10.15 37.82
C THR B 381 -12.71 -8.98 38.40
N PHE B 382 -12.39 -8.61 39.63
CA PHE B 382 -13.06 -7.49 40.28
C PHE B 382 -12.61 -6.15 39.71
N ASP B 383 -11.62 -6.14 38.83
CA ASP B 383 -11.06 -4.93 38.26
C ASP B 383 -11.00 -5.02 36.74
N GLY B 384 -11.90 -5.79 36.15
CA GLY B 384 -11.87 -6.00 34.71
C GLY B 384 -10.95 -7.14 34.35
N LYS B 385 -9.90 -6.83 33.61
CA LYS B 385 -8.80 -7.77 33.33
C LYS B 385 -9.34 -9.13 32.87
N THR B 386 -10.02 -9.10 31.74
CA THR B 386 -10.55 -10.31 31.13
C THR B 386 -9.41 -11.19 30.63
N TYR B 387 -9.62 -12.50 30.68
CA TYR B 387 -8.66 -13.44 30.12
C TYR B 387 -9.29 -14.83 30.03
N THR B 388 -8.71 -15.66 29.17
CA THR B 388 -9.23 -16.99 28.87
C THR B 388 -8.22 -18.05 29.32
N PHE B 389 -8.72 -19.12 29.93
CA PHE B 389 -7.85 -20.07 30.62
C PHE B 389 -7.86 -21.48 30.04
N HIS B 390 -9.03 -22.10 29.88
CA HIS B 390 -9.14 -23.48 29.39
C HIS B 390 -8.36 -24.45 30.28
N GLY B 391 -8.82 -24.57 31.52
CA GLY B 391 -8.19 -25.44 32.49
C GLY B 391 -8.91 -26.78 32.64
N ASP B 392 -8.31 -27.66 33.45
CA ASP B 392 -8.94 -28.92 33.81
C ASP B 392 -8.50 -29.29 35.23
N CYS B 393 -9.27 -28.84 36.22
CA CYS B 393 -9.05 -29.19 37.62
C CYS B 393 -10.10 -28.51 38.50
N TYR B 394 -10.05 -28.74 39.80
CA TYR B 394 -10.69 -27.84 40.76
C TYR B 394 -9.76 -26.69 41.08
N TYR B 395 -10.25 -25.46 40.88
CA TYR B 395 -9.47 -24.25 41.13
C TYR B 395 -10.19 -23.39 42.15
N VAL B 396 -9.40 -22.72 42.98
CA VAL B 396 -9.95 -21.85 44.03
C VAL B 396 -10.35 -20.54 43.38
N LEU B 397 -11.64 -20.42 43.03
CA LEU B 397 -12.12 -19.18 42.43
C LEU B 397 -11.96 -17.99 43.36
N ALA B 398 -12.32 -18.12 44.63
CA ALA B 398 -12.11 -17.01 45.56
C ALA B 398 -12.30 -17.47 46.99
N LYS B 399 -11.31 -17.20 47.83
CA LYS B 399 -11.37 -17.67 49.22
C LYS B 399 -10.95 -16.54 50.15
N GLY B 400 -11.70 -16.40 51.24
CA GLY B 400 -11.38 -15.39 52.23
C GLY B 400 -9.98 -15.55 52.77
N ASP B 401 -9.37 -14.44 53.14
CA ASP B 401 -7.94 -14.40 53.39
C ASP B 401 -7.55 -14.63 54.85
N HIS B 402 -8.39 -14.27 55.81
CA HIS B 402 -7.90 -14.23 57.18
C HIS B 402 -7.47 -15.62 57.65
N ASN B 403 -8.41 -16.52 57.94
CA ASN B 403 -8.07 -17.93 58.04
C ASN B 403 -9.18 -18.85 57.54
N ASP B 404 -10.43 -18.43 57.67
CA ASP B 404 -11.56 -19.35 57.60
C ASP B 404 -12.74 -18.82 56.79
N SER B 405 -12.82 -17.50 56.59
CA SER B 405 -14.06 -16.84 56.19
C SER B 405 -14.91 -17.66 55.24
N TYR B 406 -14.33 -18.13 54.13
CA TYR B 406 -15.05 -18.98 53.20
C TYR B 406 -14.07 -19.53 52.18
N ALA B 407 -14.61 -20.28 51.21
CA ALA B 407 -13.83 -20.70 50.05
C ALA B 407 -14.80 -21.13 48.96
N LEU B 408 -14.70 -20.47 47.80
CA LEU B 408 -15.58 -20.73 46.67
C LEU B 408 -14.73 -21.35 45.57
N LEU B 409 -14.99 -22.63 45.28
CA LEU B 409 -14.25 -23.41 44.31
C LEU B 409 -15.05 -23.53 43.02
N GLY B 410 -14.56 -24.36 42.11
CA GLY B 410 -15.25 -24.60 40.86
C GLY B 410 -14.61 -25.69 40.03
N GLU B 411 -15.37 -26.28 39.11
CA GLU B 411 -14.87 -27.33 38.24
C GLU B 411 -14.83 -26.85 36.80
N LEU B 412 -13.63 -26.68 36.26
CA LEU B 412 -13.40 -26.40 34.86
C LEU B 412 -12.83 -27.69 34.28
N ALA B 413 -13.45 -28.22 33.25
CA ALA B 413 -13.00 -29.47 32.66
C ALA B 413 -13.45 -29.61 31.22
N PRO B 414 -12.77 -30.44 30.42
CA PRO B 414 -13.19 -30.63 29.04
C PRO B 414 -14.62 -31.16 28.95
N CYS B 415 -15.35 -30.67 27.95
CA CYS B 415 -16.73 -31.07 27.74
C CYS B 415 -17.03 -31.47 26.30
N GLY B 416 -16.20 -31.04 25.35
CA GLY B 416 -16.35 -31.44 23.97
C GLY B 416 -15.40 -32.55 23.60
N SER B 417 -14.81 -32.47 22.41
CA SER B 417 -13.85 -33.47 21.95
C SER B 417 -12.42 -33.08 22.31
N THR B 418 -11.98 -31.90 21.86
CA THR B 418 -10.62 -31.45 22.10
C THR B 418 -10.52 -30.80 23.47
N ASP B 419 -9.29 -30.69 23.97
CA ASP B 419 -9.03 -30.03 25.25
C ASP B 419 -9.37 -28.55 25.23
N LYS B 420 -9.50 -27.95 24.05
CA LYS B 420 -9.74 -26.53 23.91
C LYS B 420 -11.20 -26.16 24.08
N GLN B 421 -12.08 -27.16 24.27
CA GLN B 421 -13.51 -26.94 24.49
C GLN B 421 -13.80 -27.36 25.93
N THR B 422 -13.64 -26.42 26.86
CA THR B 422 -13.84 -26.67 28.27
C THR B 422 -15.19 -26.14 28.72
N CYS B 423 -15.58 -26.52 29.93
CA CYS B 423 -16.87 -26.13 30.47
C CYS B 423 -16.80 -26.10 31.99
N LEU B 424 -17.74 -25.35 32.58
CA LEU B 424 -17.96 -25.37 34.02
C LEU B 424 -18.98 -26.46 34.36
N LYS B 425 -18.67 -27.27 35.35
CA LYS B 425 -19.46 -28.47 35.62
C LYS B 425 -20.08 -28.44 37.01
N THR B 426 -19.31 -28.03 38.02
CA THR B 426 -19.76 -28.06 39.40
C THR B 426 -19.27 -26.81 40.09
N VAL B 427 -20.04 -26.29 41.04
CA VAL B 427 -19.61 -25.17 41.87
C VAL B 427 -19.79 -25.56 43.32
N VAL B 428 -18.73 -25.38 44.11
CA VAL B 428 -18.68 -25.85 45.49
C VAL B 428 -18.37 -24.67 46.39
N LEU B 429 -18.98 -24.65 47.57
CA LEU B 429 -18.79 -23.59 48.54
C LEU B 429 -18.49 -24.20 49.90
N LEU B 430 -17.50 -23.64 50.59
CA LEU B 430 -17.10 -24.08 51.92
C LEU B 430 -17.27 -22.89 52.85
N ALA B 431 -18.20 -22.99 53.80
CA ALA B 431 -18.55 -21.89 54.68
C ALA B 431 -18.66 -22.38 56.12
N ASP B 432 -19.03 -21.46 57.01
CA ASP B 432 -19.18 -21.73 58.44
C ASP B 432 -17.87 -22.27 59.01
N LYS B 433 -16.83 -21.43 58.91
CA LYS B 433 -15.48 -21.82 59.28
C LYS B 433 -15.04 -23.07 58.52
N LYS B 434 -15.45 -23.17 57.26
CA LYS B 434 -15.24 -24.37 56.45
C LYS B 434 -15.75 -25.62 57.16
N LYS B 435 -16.92 -25.50 57.80
CA LYS B 435 -17.59 -26.63 58.43
C LYS B 435 -18.82 -27.09 57.66
N ASN B 436 -19.24 -26.35 56.63
CA ASN B 436 -20.38 -26.70 55.80
C ASN B 436 -19.95 -26.67 54.35
N VAL B 437 -20.24 -27.75 53.62
CA VAL B 437 -19.90 -27.89 52.21
C VAL B 437 -21.18 -27.96 51.41
N VAL B 438 -21.34 -27.05 50.45
CA VAL B 438 -22.54 -26.97 49.62
C VAL B 438 -22.12 -27.18 48.18
N VAL B 439 -22.85 -28.02 47.45
CA VAL B 439 -22.50 -28.41 46.09
C VAL B 439 -23.68 -28.10 45.18
N PHE B 440 -23.39 -27.45 44.04
CA PHE B 440 -24.36 -27.28 42.97
C PHE B 440 -23.77 -27.96 41.75
N LYS B 441 -24.48 -28.95 41.22
CA LYS B 441 -24.10 -29.59 39.98
C LYS B 441 -24.84 -28.91 38.82
N SER B 442 -24.37 -29.17 37.60
CA SER B 442 -25.00 -28.56 36.43
C SER B 442 -26.20 -29.36 35.95
N ASP B 443 -27.07 -29.76 36.88
CA ASP B 443 -28.41 -30.25 36.55
C ASP B 443 -29.42 -29.80 37.61
N GLY B 444 -29.16 -28.69 38.28
CA GLY B 444 -29.83 -28.42 39.54
C GLY B 444 -29.15 -29.22 40.62
N SER B 445 -29.92 -30.04 41.33
CA SER B 445 -29.37 -31.07 42.21
C SER B 445 -28.52 -30.45 43.32
N VAL B 446 -28.91 -29.27 43.79
CA VAL B 446 -28.26 -28.67 44.94
C VAL B 446 -28.25 -29.66 46.09
N LEU B 447 -27.14 -29.75 46.80
CA LEU B 447 -27.04 -30.68 47.92
C LEU B 447 -26.06 -30.16 48.97
N LEU B 448 -26.31 -30.51 50.22
CA LEU B 448 -25.49 -30.08 51.35
C LEU B 448 -24.98 -31.31 52.09
N ASN B 449 -23.68 -31.33 52.36
CA ASN B 449 -23.04 -32.43 53.09
C ASN B 449 -23.40 -33.78 52.47
N GLU B 450 -23.28 -33.86 51.14
CA GLU B 450 -23.56 -35.09 50.41
C GLU B 450 -24.98 -35.58 50.65
N LEU B 451 -25.90 -34.64 50.84
CA LEU B 451 -27.30 -34.97 51.12
C LEU B 451 -28.19 -33.95 50.43
N GLN B 452 -29.10 -34.44 49.60
CA GLN B 452 -29.95 -33.55 48.82
C GLN B 452 -30.83 -32.72 49.75
N VAL B 453 -31.07 -31.46 49.35
CA VAL B 453 -31.82 -30.52 50.15
C VAL B 453 -32.90 -29.89 49.27
N ASN B 454 -33.89 -29.30 49.93
CA ASN B 454 -35.05 -28.72 49.25
C ASN B 454 -34.91 -27.20 49.21
N LEU B 455 -35.32 -26.61 48.09
CA LEU B 455 -35.29 -25.17 47.90
C LEU B 455 -36.69 -24.58 48.06
N PRO B 456 -36.85 -23.46 48.78
CA PRO B 456 -35.83 -22.70 49.51
C PRO B 456 -35.32 -23.42 50.75
N HIS B 457 -34.18 -22.97 51.27
CA HIS B 457 -33.60 -23.49 52.51
C HIS B 457 -32.91 -22.33 53.20
N VAL B 458 -33.61 -21.68 54.11
CA VAL B 458 -33.12 -20.48 54.79
C VAL B 458 -32.52 -20.90 56.13
N THR B 459 -31.30 -20.44 56.40
CA THR B 459 -30.60 -20.73 57.64
C THR B 459 -30.14 -19.43 58.27
N ALA B 460 -29.33 -19.54 59.33
CA ALA B 460 -28.88 -18.37 60.06
C ALA B 460 -27.82 -17.59 59.29
N SER B 461 -26.88 -18.29 58.65
CA SER B 461 -25.73 -17.64 58.03
C SER B 461 -25.90 -17.35 56.54
N PHE B 462 -26.76 -18.09 55.84
CA PHE B 462 -26.92 -17.89 54.41
C PHE B 462 -28.31 -18.36 53.99
N SER B 463 -28.66 -18.09 52.74
CA SER B 463 -29.95 -18.47 52.20
C SER B 463 -29.81 -18.77 50.71
N VAL B 464 -30.71 -19.63 50.21
CA VAL B 464 -30.71 -20.08 48.83
C VAL B 464 -32.13 -20.02 48.30
N PHE B 465 -32.28 -19.70 47.02
CA PHE B 465 -33.58 -19.57 46.38
C PHE B 465 -33.50 -20.00 44.92
N ARG B 466 -34.64 -20.49 44.42
CA ARG B 466 -34.75 -20.94 43.02
C ARG B 466 -36.01 -20.35 42.42
N PRO B 467 -35.97 -19.09 42.00
CA PRO B 467 -37.22 -18.42 41.57
C PRO B 467 -37.71 -18.80 40.18
N SER B 468 -36.85 -19.34 39.32
CA SER B 468 -37.25 -19.55 37.92
C SER B 468 -36.81 -20.89 37.35
N SER B 469 -36.35 -21.82 38.19
CA SER B 469 -36.01 -23.18 37.77
C SER B 469 -34.76 -23.22 36.89
N TYR B 470 -34.19 -22.05 36.54
CA TYR B 470 -32.95 -21.96 35.80
C TYR B 470 -31.97 -21.01 36.46
N HIS B 471 -32.33 -20.46 37.63
CA HIS B 471 -31.48 -19.50 38.31
C HIS B 471 -31.45 -19.86 39.78
N ILE B 472 -30.26 -19.98 40.36
CA ILE B 472 -30.09 -20.22 41.78
C ILE B 472 -29.45 -18.98 42.39
N MET B 473 -30.06 -18.46 43.44
CA MET B 473 -29.68 -17.19 44.05
C MET B 473 -29.29 -17.47 45.49
N VAL B 474 -28.05 -17.13 45.86
CA VAL B 474 -27.52 -17.45 47.17
C VAL B 474 -27.02 -16.17 47.81
N SER B 475 -27.31 -15.98 49.09
CA SER B 475 -26.85 -14.84 49.85
C SER B 475 -26.16 -15.31 51.11
N MET B 476 -25.10 -14.59 51.51
CA MET B 476 -24.36 -14.91 52.73
C MET B 476 -24.36 -13.69 53.65
N ALA B 477 -24.31 -13.96 54.96
CA ALA B 477 -24.32 -12.89 55.95
C ALA B 477 -23.04 -12.06 55.91
N ILE B 478 -21.92 -12.61 55.46
CA ILE B 478 -20.68 -11.85 55.41
C ILE B 478 -20.81 -10.70 54.41
N GLY B 479 -21.55 -10.92 53.32
CA GLY B 479 -21.71 -9.90 52.31
C GLY B 479 -21.50 -10.44 50.91
N VAL B 480 -21.42 -11.76 50.77
CA VAL B 480 -21.11 -12.43 49.51
C VAL B 480 -22.42 -12.87 48.88
N ARG B 481 -22.63 -12.48 47.62
CA ARG B 481 -23.83 -12.86 46.89
C ARG B 481 -23.44 -13.65 45.65
N LEU B 482 -24.18 -14.72 45.37
CA LEU B 482 -23.90 -15.60 44.24
C LEU B 482 -25.14 -15.77 43.38
N GLN B 483 -24.94 -15.76 42.07
CA GLN B 483 -26.00 -16.08 41.12
C GLN B 483 -25.45 -17.15 40.18
N VAL B 484 -26.19 -18.25 40.06
CA VAL B 484 -25.80 -19.36 39.20
C VAL B 484 -26.87 -19.51 38.13
N GLN B 485 -26.45 -19.39 36.87
CA GLN B 485 -27.33 -19.63 35.74
C GLN B 485 -27.07 -21.03 35.20
N LEU B 486 -28.14 -21.71 34.83
CA LEU B 486 -28.06 -23.12 34.45
C LEU B 486 -28.36 -23.39 32.98
N ALA B 487 -28.89 -22.42 32.24
CA ALA B 487 -29.17 -22.60 30.83
C ALA B 487 -28.78 -21.35 30.06
N PRO B 488 -28.36 -21.49 28.78
CA PRO B 488 -28.13 -22.75 28.08
C PRO B 488 -26.88 -23.47 28.61
N VAL B 489 -25.97 -22.71 29.20
CA VAL B 489 -24.77 -23.24 29.81
C VAL B 489 -24.64 -22.66 31.22
N MET B 490 -23.82 -23.31 32.04
CA MET B 490 -23.69 -22.93 33.43
C MET B 490 -22.77 -21.72 33.56
N GLN B 491 -23.23 -20.69 34.25
CA GLN B 491 -22.47 -19.45 34.42
C GLN B 491 -22.56 -19.01 35.87
N LEU B 492 -21.53 -18.29 36.34
CA LEU B 492 -21.46 -17.89 37.73
C LEU B 492 -21.17 -16.41 37.85
N PHE B 493 -21.83 -15.77 38.82
CA PHE B 493 -21.57 -14.37 39.15
C PHE B 493 -21.44 -14.24 40.65
N VAL B 494 -20.40 -13.54 41.10
CA VAL B 494 -20.11 -13.35 42.52
C VAL B 494 -20.00 -11.85 42.79
N THR B 495 -20.62 -11.41 43.88
CA THR B 495 -20.66 -10.00 44.23
C THR B 495 -20.19 -9.83 45.68
N LEU B 496 -19.28 -8.89 45.88
CA LEU B 496 -18.72 -8.58 47.18
C LEU B 496 -19.01 -7.13 47.56
N ASP B 497 -19.12 -6.88 48.85
CA ASP B 497 -19.20 -5.51 49.34
C ASP B 497 -17.85 -4.82 49.21
N GLN B 498 -17.87 -3.50 49.25
CA GLN B 498 -16.65 -2.71 49.12
C GLN B 498 -15.86 -2.63 50.41
N ALA B 499 -16.34 -3.24 51.50
CA ALA B 499 -15.57 -3.27 52.73
C ALA B 499 -14.36 -4.19 52.62
N SER B 500 -14.52 -5.35 51.99
CA SER B 500 -13.44 -6.30 51.81
C SER B 500 -12.60 -5.97 50.59
N GLN B 501 -11.88 -4.85 50.65
CA GLN B 501 -11.07 -4.37 49.54
C GLN B 501 -9.61 -4.74 49.80
N GLY B 502 -8.99 -5.41 48.84
CA GLY B 502 -7.65 -5.91 49.02
C GLY B 502 -7.53 -6.97 50.08
N GLN B 503 -8.54 -7.83 50.23
CA GLN B 503 -8.56 -8.88 51.25
C GLN B 503 -9.12 -10.18 50.69
N VAL B 504 -8.97 -10.40 49.39
CA VAL B 504 -9.40 -11.63 48.75
C VAL B 504 -8.28 -12.14 47.85
N GLN B 505 -8.34 -13.43 47.53
CA GLN B 505 -7.33 -14.06 46.69
C GLN B 505 -7.96 -15.20 45.92
N GLY B 506 -7.47 -15.41 44.70
CA GLY B 506 -8.03 -16.43 43.84
C GLY B 506 -7.98 -15.97 42.39
N LEU B 507 -8.72 -16.69 41.55
CA LEU B 507 -8.80 -16.35 40.13
C LEU B 507 -9.64 -15.11 39.87
N CYS B 508 -10.11 -14.42 40.92
CA CYS B 508 -10.86 -13.17 40.76
C CYS B 508 -10.04 -11.94 41.10
N GLY B 509 -8.79 -12.12 41.53
CA GLY B 509 -7.94 -11.00 41.83
C GLY B 509 -8.02 -10.56 43.28
N ASN B 510 -7.25 -9.52 43.59
CA ASN B 510 -7.15 -9.00 44.94
C ASN B 510 -8.13 -7.87 45.24
N PHE B 511 -8.76 -7.29 44.23
CA PHE B 511 -9.78 -6.27 44.41
C PHE B 511 -9.23 -5.08 45.22
N ASN B 512 -8.21 -4.45 44.62
CA ASN B 512 -7.61 -3.26 45.19
C ASN B 512 -7.64 -2.05 44.27
N GLY B 513 -8.46 -2.07 43.23
CA GLY B 513 -8.55 -0.94 42.32
C GLY B 513 -7.63 -1.05 41.12
N LEU B 514 -6.43 -1.58 41.33
CA LEU B 514 -5.45 -1.71 40.28
C LEU B 514 -5.59 -3.07 39.59
N GLU B 515 -5.77 -3.04 38.27
CA GLU B 515 -5.93 -4.26 37.48
C GLU B 515 -4.61 -4.78 36.93
N GLY B 516 -3.51 -4.06 37.15
CA GLY B 516 -2.23 -4.50 36.64
C GLY B 516 -1.58 -5.62 37.44
N ASP B 517 -1.99 -5.81 38.69
CA ASP B 517 -1.40 -6.82 39.56
C ASP B 517 -2.33 -8.00 39.80
N ASP B 518 -3.43 -8.09 39.06
CA ASP B 518 -4.37 -9.19 39.26
C ASP B 518 -3.70 -10.55 39.08
N PHE B 519 -2.68 -10.64 38.23
CA PHE B 519 -1.95 -11.88 38.02
C PHE B 519 -0.85 -12.08 39.05
N LYS B 520 -0.86 -11.31 40.14
CA LYS B 520 0.16 -11.46 41.18
C LYS B 520 -0.07 -12.78 41.91
N THR B 521 0.87 -13.71 41.76
CA THR B 521 0.76 -15.00 42.41
C THR B 521 0.96 -14.85 43.93
N ALA B 522 0.72 -15.94 44.64
CA ALA B 522 0.84 -15.97 46.09
C ALA B 522 2.28 -16.18 46.55
N SER B 523 3.25 -16.00 45.68
CA SER B 523 4.66 -16.21 46.03
C SER B 523 5.49 -15.02 45.54
N GLY B 524 4.89 -13.84 45.52
CA GLY B 524 5.61 -12.63 45.16
C GLY B 524 5.30 -12.08 43.79
N LEU B 525 6.20 -12.31 42.85
CA LEU B 525 6.24 -11.63 41.56
C LEU B 525 4.95 -11.81 40.78
N VAL B 526 4.78 -10.96 39.77
CA VAL B 526 3.62 -11.01 38.88
C VAL B 526 3.93 -11.91 37.71
N GLU B 527 2.93 -12.63 37.23
CA GLU B 527 3.07 -13.47 36.06
C GLU B 527 2.71 -12.70 34.80
N ALA B 528 3.10 -13.25 33.65
CA ALA B 528 2.93 -12.56 32.38
C ALA B 528 1.68 -13.00 31.63
N THR B 529 1.29 -14.26 31.76
CA THR B 529 0.14 -14.81 31.05
C THR B 529 -0.85 -15.41 32.04
N GLY B 530 -2.12 -15.41 31.64
CA GLY B 530 -3.16 -15.93 32.50
C GLY B 530 -3.02 -17.41 32.81
N ALA B 531 -2.69 -18.22 31.81
CA ALA B 531 -2.53 -19.65 32.02
C ALA B 531 -1.33 -19.99 32.89
N GLY B 532 -0.43 -19.03 33.12
CA GLY B 532 0.68 -19.27 34.01
C GLY B 532 0.34 -18.91 35.44
N PHE B 533 -0.47 -17.86 35.60
CA PHE B 533 -0.92 -17.49 36.94
C PHE B 533 -1.93 -18.50 37.48
N ALA B 534 -2.91 -18.88 36.66
CA ALA B 534 -3.98 -19.75 37.10
C ALA B 534 -3.50 -21.11 37.61
N ASN B 535 -2.40 -21.63 37.07
CA ASN B 535 -1.94 -22.96 37.46
C ASN B 535 -1.45 -23.01 38.90
N THR B 536 -1.27 -21.88 39.56
CA THR B 536 -0.84 -21.87 40.95
C THR B 536 -2.00 -21.97 41.92
N TRP B 537 -3.24 -21.96 41.44
CA TRP B 537 -4.43 -22.09 42.28
C TRP B 537 -5.13 -23.42 42.07
N LYS B 538 -4.36 -24.50 41.87
CA LYS B 538 -4.95 -25.83 41.76
C LYS B 538 -5.40 -26.31 43.13
N ALA B 539 -6.54 -26.98 43.17
CA ALA B 539 -7.04 -27.59 44.39
C ALA B 539 -6.58 -29.04 44.55
N GLN B 540 -6.16 -29.68 43.46
CA GLN B 540 -5.71 -31.07 43.50
C GLN B 540 -4.30 -31.15 42.93
N SER B 541 -3.38 -31.68 43.72
CA SER B 541 -1.97 -31.68 43.35
C SER B 541 -1.65 -32.58 42.16
N SER B 542 -2.58 -33.43 41.75
CA SER B 542 -2.34 -34.39 40.67
C SER B 542 -2.73 -33.86 39.30
N CYS B 543 -3.36 -32.69 39.22
CA CYS B 543 -3.77 -32.12 37.94
C CYS B 543 -2.54 -31.67 37.17
N HIS B 544 -2.64 -31.72 35.85
CA HIS B 544 -1.53 -31.32 34.99
C HIS B 544 -1.55 -29.82 34.75
N ASP B 545 -0.42 -29.30 34.25
CA ASP B 545 -0.31 -27.90 33.89
C ASP B 545 -0.84 -27.68 32.48
N LYS B 546 -1.52 -26.55 32.29
CA LYS B 546 -2.01 -26.15 30.99
C LYS B 546 -1.18 -24.98 30.45
N LEU B 547 -1.38 -24.67 29.18
CA LEU B 547 -0.62 -23.63 28.51
C LEU B 547 -1.55 -22.84 27.61
N ASP B 548 -1.11 -21.63 27.26
CA ASP B 548 -1.92 -20.75 26.42
C ASP B 548 -2.20 -21.42 25.08
N TRP B 549 -3.15 -20.85 24.33
CA TRP B 549 -3.55 -21.39 23.04
C TRP B 549 -3.64 -20.22 22.06
N LEU B 550 -2.57 -20.01 21.30
CA LEU B 550 -2.45 -18.86 20.42
C LEU B 550 -3.07 -19.17 19.05
N ASP B 551 -4.38 -19.40 19.05
CA ASP B 551 -5.13 -19.66 17.83
C ASP B 551 -6.52 -19.05 17.94
N ASP B 552 -7.10 -18.76 16.77
CA ASP B 552 -8.46 -18.27 16.69
C ASP B 552 -9.37 -19.37 16.18
N PRO B 553 -10.35 -19.83 16.99
CA PRO B 553 -11.18 -20.97 16.55
C PRO B 553 -11.87 -20.74 15.23
N CYS B 554 -12.30 -19.51 14.92
CA CYS B 554 -13.02 -19.24 13.69
C CYS B 554 -12.19 -19.54 12.44
N SER B 555 -10.86 -19.57 12.56
CA SER B 555 -10.00 -19.93 11.44
C SER B 555 -9.82 -21.43 11.28
N LEU B 556 -9.97 -22.20 12.37
CA LEU B 556 -9.85 -23.64 12.28
C LEU B 556 -11.16 -24.31 11.87
N ASN B 557 -12.25 -23.55 11.81
CA ASN B 557 -13.57 -24.08 11.44
C ASN B 557 -14.23 -23.10 10.50
N ILE B 558 -14.02 -23.30 9.20
CA ILE B 558 -14.57 -22.38 8.20
C ILE B 558 -16.09 -22.39 8.18
N GLU B 559 -16.72 -23.56 8.24
CA GLU B 559 -18.17 -23.65 8.16
C GLU B 559 -18.86 -22.88 9.28
N SER B 560 -18.25 -22.80 10.47
CA SER B 560 -18.86 -22.12 11.59
C SER B 560 -18.62 -20.61 11.58
N ALA B 561 -17.58 -20.14 10.89
CA ALA B 561 -17.26 -18.72 10.85
C ALA B 561 -18.36 -17.87 10.25
N ASN B 562 -18.94 -18.28 9.11
CA ASN B 562 -20.03 -17.54 8.51
C ASN B 562 -21.28 -17.54 9.39
N TYR B 563 -21.61 -18.69 9.99
CA TYR B 563 -22.76 -18.75 10.89
C TYR B 563 -22.57 -17.85 12.10
N ALA B 564 -21.40 -17.89 12.72
CA ALA B 564 -21.16 -17.07 13.91
C ALA B 564 -21.25 -15.59 13.59
N GLU B 565 -20.70 -15.16 12.45
CA GLU B 565 -20.74 -13.76 12.08
C GLU B 565 -22.18 -13.27 11.93
N HIS B 566 -22.98 -13.98 11.13
CA HIS B 566 -24.30 -13.49 10.77
C HIS B 566 -25.14 -13.19 12.01
N TRP B 567 -24.91 -13.92 13.09
CA TRP B 567 -25.70 -13.74 14.31
C TRP B 567 -25.03 -12.86 15.34
N CYS B 568 -23.75 -13.05 15.63
CA CYS B 568 -23.06 -12.17 16.57
C CYS B 568 -23.01 -10.73 16.09
N SER B 569 -23.10 -10.49 14.78
CA SER B 569 -23.13 -9.11 14.29
C SER B 569 -24.33 -8.33 14.80
N LEU B 570 -25.39 -9.02 15.23
CA LEU B 570 -26.58 -8.32 15.70
C LEU B 570 -26.29 -7.42 16.89
N LEU B 571 -25.21 -7.68 17.64
CA LEU B 571 -24.85 -6.83 18.75
C LEU B 571 -24.36 -5.45 18.30
N LYS B 572 -23.81 -5.35 17.08
CA LYS B 572 -23.21 -4.11 16.62
C LYS B 572 -24.16 -3.24 15.81
N LYS B 573 -25.09 -3.82 15.07
CA LYS B 573 -26.04 -3.06 14.28
C LYS B 573 -27.18 -2.57 15.16
N THR B 574 -27.60 -1.32 14.92
CA THR B 574 -28.59 -0.65 15.76
C THR B 574 -30.03 -0.99 15.41
N GLU B 575 -30.29 -1.53 14.21
CA GLU B 575 -31.66 -1.90 13.84
C GLU B 575 -32.25 -2.92 14.80
N THR B 576 -31.45 -3.84 15.29
CA THR B 576 -31.92 -4.84 16.25
C THR B 576 -32.19 -4.18 17.60
N PRO B 577 -32.95 -4.84 18.48
CA PRO B 577 -33.18 -4.27 19.81
C PRO B 577 -31.96 -4.37 20.71
N PHE B 578 -30.80 -3.95 20.20
CA PHE B 578 -29.58 -3.86 20.98
C PHE B 578 -28.91 -2.50 20.86
N GLY B 579 -29.22 -1.72 19.81
CA GLY B 579 -28.70 -0.38 19.70
C GLY B 579 -29.07 0.52 20.86
N ARG B 580 -30.16 0.19 21.56
CA ARG B 580 -30.51 0.93 22.76
C ARG B 580 -29.38 0.91 23.78
N CYS B 581 -28.67 -0.21 23.88
CA CYS B 581 -27.58 -0.36 24.83
C CYS B 581 -26.25 0.17 24.30
N HIS B 582 -26.15 0.44 23.00
CA HIS B 582 -24.88 0.92 22.45
C HIS B 582 -24.44 2.24 23.07
N SER B 583 -25.38 3.01 23.62
CA SER B 583 -25.04 4.27 24.28
C SER B 583 -24.53 4.07 25.70
N ALA B 584 -24.54 2.84 26.20
CA ALA B 584 -24.14 2.57 27.57
C ALA B 584 -23.09 1.46 27.69
N VAL B 585 -23.18 0.41 26.86
CA VAL B 585 -22.41 -0.79 27.08
C VAL B 585 -21.24 -0.94 26.11
N ASP B 586 -21.30 -0.36 24.91
CA ASP B 586 -20.20 -0.48 23.98
C ASP B 586 -19.93 -1.95 23.67
N PRO B 587 -20.80 -2.62 22.91
CA PRO B 587 -20.66 -4.08 22.73
C PRO B 587 -19.41 -4.51 21.97
N ALA B 588 -18.50 -3.57 21.67
CA ALA B 588 -17.32 -3.93 20.88
C ALA B 588 -16.50 -5.03 21.53
N GLU B 589 -16.57 -5.20 22.85
CA GLU B 589 -15.83 -6.24 23.53
C GLU B 589 -16.59 -7.56 23.61
N TYR B 590 -17.91 -7.53 23.53
CA TYR B 590 -18.68 -8.78 23.57
C TYR B 590 -18.79 -9.43 22.20
N TYR B 591 -18.61 -8.66 21.12
CA TYR B 591 -18.75 -9.21 19.78
C TYR B 591 -17.67 -10.25 19.49
N LYS B 592 -16.41 -9.93 19.78
CA LYS B 592 -15.35 -10.88 19.52
C LYS B 592 -15.51 -12.14 20.37
N ARG B 593 -15.94 -11.99 21.62
CA ARG B 593 -16.17 -13.16 22.46
CA ARG B 593 -16.17 -13.16 22.46
C ARG B 593 -17.33 -13.99 21.94
N CYS B 594 -18.37 -13.35 21.41
CA CYS B 594 -19.47 -14.09 20.80
C CYS B 594 -18.94 -14.93 19.65
N LYS B 595 -18.14 -14.33 18.77
CA LYS B 595 -17.56 -15.09 17.67
C LYS B 595 -16.68 -16.23 18.19
N TYR B 596 -15.84 -15.95 19.18
CA TYR B 596 -14.96 -16.97 19.74
C TYR B 596 -15.75 -18.17 20.24
N ASP B 597 -16.73 -17.92 21.11
CA ASP B 597 -17.51 -19.00 21.68
C ASP B 597 -18.30 -19.75 20.62
N THR B 598 -18.93 -19.03 19.68
CA THR B 598 -19.69 -19.70 18.64
C THR B 598 -18.80 -20.60 17.79
N CYS B 599 -17.61 -20.12 17.44
CA CYS B 599 -16.70 -20.92 16.62
C CYS B 599 -16.11 -22.10 17.38
N ASN B 600 -15.87 -21.95 18.69
CA ASN B 600 -15.16 -22.97 19.45
C ASN B 600 -16.03 -24.15 19.86
N CYS B 601 -17.08 -23.92 20.64
CA CYS B 601 -17.83 -25.01 21.23
C CYS B 601 -18.57 -25.80 20.15
N GLN B 602 -18.71 -27.11 20.40
CA GLN B 602 -19.36 -28.00 19.44
C GLN B 602 -20.84 -27.67 19.29
N ASN B 603 -21.54 -27.37 20.39
CA ASN B 603 -22.94 -26.97 20.34
C ASN B 603 -22.96 -25.45 20.26
N ASN B 604 -23.02 -24.94 19.02
CA ASN B 604 -22.80 -23.53 18.78
C ASN B 604 -23.98 -22.65 19.21
N GLU B 605 -25.21 -23.12 19.00
CA GLU B 605 -26.38 -22.30 19.31
C GLU B 605 -26.48 -21.98 20.79
N ASP B 606 -26.17 -22.95 21.66
CA ASP B 606 -26.18 -22.70 23.09
C ASP B 606 -25.18 -21.61 23.49
N CYS B 607 -23.96 -21.67 22.96
CA CYS B 607 -22.97 -20.62 23.22
C CYS B 607 -23.42 -19.28 22.67
N LEU B 608 -24.02 -19.27 21.48
CA LEU B 608 -24.57 -18.04 20.93
C LEU B 608 -25.56 -17.39 21.89
N CYS B 609 -26.54 -18.17 22.36
CA CYS B 609 -27.51 -17.63 23.29
C CYS B 609 -26.89 -17.23 24.62
N ALA B 610 -25.93 -18.00 25.13
CA ALA B 610 -25.26 -17.62 26.38
C ALA B 610 -24.53 -16.30 26.24
N ALA B 611 -23.81 -16.11 25.13
CA ALA B 611 -23.15 -14.84 24.88
C ALA B 611 -24.12 -13.67 24.78
N LEU B 612 -25.22 -13.83 24.04
CA LEU B 612 -26.19 -12.75 23.97
C LEU B 612 -26.82 -12.44 25.32
N SER B 613 -27.16 -13.47 26.10
CA SER B 613 -27.69 -13.27 27.44
C SER B 613 -26.71 -12.57 28.35
N SER B 614 -25.41 -12.84 28.22
CA SER B 614 -24.41 -12.08 28.97
C SER B 614 -24.47 -10.59 28.69
N TYR B 615 -24.52 -10.19 27.41
CA TYR B 615 -24.63 -8.77 27.09
C TYR B 615 -25.94 -8.20 27.60
N ALA B 616 -27.03 -8.96 27.49
CA ALA B 616 -28.31 -8.47 27.99
C ALA B 616 -28.25 -8.21 29.50
N ARG B 617 -27.66 -9.14 30.25
CA ARG B 617 -27.51 -8.95 31.69
C ARG B 617 -26.63 -7.75 32.00
N ALA B 618 -25.53 -7.61 31.27
CA ALA B 618 -24.64 -6.47 31.47
C ALA B 618 -25.33 -5.14 31.21
N CYS B 619 -26.12 -5.04 30.14
CA CYS B 619 -26.87 -3.81 29.87
C CYS B 619 -27.95 -3.56 30.92
N THR B 620 -28.69 -4.60 31.32
CA THR B 620 -29.68 -4.42 32.37
C THR B 620 -29.05 -3.95 33.67
N ALA B 621 -27.81 -4.35 33.93
CA ALA B 621 -27.13 -3.88 35.14
C ALA B 621 -27.00 -2.37 35.19
N LYS B 622 -27.02 -1.68 34.05
CA LYS B 622 -26.85 -0.24 33.98
C LYS B 622 -28.16 0.46 33.64
N GLY B 623 -29.27 -0.09 34.11
CA GLY B 623 -30.56 0.60 34.00
C GLY B 623 -31.34 0.40 32.72
N VAL B 624 -30.65 0.11 31.62
CA VAL B 624 -31.31 -0.10 30.34
C VAL B 624 -31.67 -1.58 30.23
N MET B 625 -32.96 -1.87 30.17
CA MET B 625 -33.46 -3.23 30.07
C MET B 625 -33.94 -3.49 28.65
N LEU B 626 -33.47 -4.59 28.05
CA LEU B 626 -33.87 -4.97 26.70
C LEU B 626 -35.07 -5.91 26.81
N TRP B 627 -36.26 -5.34 26.73
CA TRP B 627 -37.49 -6.13 26.79
C TRP B 627 -37.77 -6.73 25.41
N GLY B 628 -38.12 -8.00 25.38
CA GLY B 628 -38.49 -8.66 24.15
C GLY B 628 -37.35 -8.82 23.16
N TRP B 629 -36.17 -9.19 23.65
CA TRP B 629 -35.04 -9.45 22.76
C TRP B 629 -34.98 -10.89 22.28
N ARG B 630 -35.86 -11.76 22.77
CA ARG B 630 -35.94 -13.14 22.31
C ARG B 630 -37.12 -13.26 21.34
N GLU B 631 -36.89 -12.81 20.11
CA GLU B 631 -37.91 -12.94 19.07
C GLU B 631 -37.38 -13.44 17.73
N HIS B 632 -36.08 -13.32 17.44
CA HIS B 632 -35.50 -13.94 16.25
C HIS B 632 -34.32 -14.86 16.54
N VAL B 633 -33.64 -14.70 17.68
CA VAL B 633 -32.35 -15.33 17.92
C VAL B 633 -32.47 -16.47 18.91
N CYS B 634 -33.03 -16.22 20.09
CA CYS B 634 -33.06 -17.20 21.17
C CYS B 634 -34.48 -17.35 21.70
N ASN B 635 -35.45 -17.48 20.81
CA ASN B 635 -36.84 -17.73 21.18
C ASN B 635 -37.19 -19.21 21.11
N LYS B 636 -36.21 -20.08 21.31
CA LYS B 636 -36.43 -21.52 21.27
C LYS B 636 -37.12 -22.05 22.51
N ASP B 637 -37.25 -21.24 23.56
CA ASP B 637 -37.94 -21.65 24.78
C ASP B 637 -38.87 -20.58 25.32
N VAL B 638 -39.05 -19.47 24.61
CA VAL B 638 -39.94 -18.42 25.08
C VAL B 638 -41.38 -18.92 25.14
N GLY B 639 -41.81 -19.62 24.10
CA GLY B 639 -43.17 -20.13 24.01
C GLY B 639 -43.44 -21.43 24.71
N SER B 640 -42.44 -21.98 25.42
CA SER B 640 -42.59 -23.26 26.11
C SER B 640 -43.08 -23.11 27.54
N CYS B 641 -43.44 -21.90 27.96
CA CYS B 641 -43.85 -21.68 29.33
C CYS B 641 -45.22 -22.31 29.60
N PRO B 642 -45.55 -22.53 30.89
CA PRO B 642 -46.84 -23.15 31.21
C PRO B 642 -48.04 -22.36 30.71
N ASN B 643 -49.24 -22.92 30.89
CA ASN B 643 -50.44 -22.33 30.31
C ASN B 643 -50.71 -20.94 30.85
N SER B 644 -50.75 -20.79 32.17
CA SER B 644 -51.04 -19.50 32.80
C SER B 644 -49.79 -18.69 33.10
N GLN B 645 -48.61 -19.29 32.94
CA GLN B 645 -47.35 -18.64 33.23
C GLN B 645 -46.64 -18.31 31.92
N VAL B 646 -46.34 -17.01 31.74
CA VAL B 646 -45.76 -16.52 30.49
C VAL B 646 -44.28 -16.25 30.71
N PHE B 647 -43.53 -16.10 29.61
CA PHE B 647 -42.11 -15.77 29.70
C PHE B 647 -41.95 -14.30 30.04
N LEU B 648 -41.05 -14.01 30.98
CA LEU B 648 -40.81 -12.66 31.46
C LEU B 648 -39.35 -12.28 31.25
N TYR B 649 -39.10 -10.97 31.31
CA TYR B 649 -37.76 -10.43 31.26
C TYR B 649 -37.35 -9.75 32.57
N ASN B 650 -38.29 -9.58 33.51
CA ASN B 650 -38.01 -8.92 34.78
C ASN B 650 -38.54 -9.74 35.93
N LEU B 651 -38.48 -11.07 35.80
CA LEU B 651 -38.84 -11.96 36.90
C LEU B 651 -37.90 -11.71 38.07
N THR B 652 -38.46 -11.66 39.28
CA THR B 652 -37.71 -11.30 40.47
C THR B 652 -37.93 -12.34 41.56
N THR B 653 -36.99 -12.40 42.50
CA THR B 653 -37.08 -13.35 43.60
C THR B 653 -38.32 -13.08 44.45
N CYS B 654 -38.60 -11.80 44.71
CA CYS B 654 -39.71 -11.42 45.59
C CYS B 654 -41.02 -11.32 44.82
N GLN B 655 -41.35 -12.39 44.09
CA GLN B 655 -42.59 -12.50 43.33
C GLN B 655 -43.15 -13.91 43.41
N GLN B 656 -42.93 -14.59 44.54
CA GLN B 656 -43.30 -15.99 44.69
C GLN B 656 -44.77 -16.12 45.10
N THR B 657 -45.15 -17.33 45.51
CA THR B 657 -46.53 -17.60 45.89
C THR B 657 -46.87 -16.82 47.17
N CYS B 658 -48.10 -16.99 47.63
CA CYS B 658 -48.52 -16.37 48.89
C CYS B 658 -47.89 -17.04 50.11
N ARG B 659 -47.27 -18.21 49.94
CA ARG B 659 -46.47 -18.77 51.01
C ARG B 659 -45.32 -17.85 51.38
N SER B 660 -44.68 -17.24 50.37
CA SER B 660 -43.69 -16.22 50.64
C SER B 660 -44.32 -15.00 51.30
N LEU B 661 -45.52 -14.61 50.85
CA LEU B 661 -46.22 -13.47 51.46
C LEU B 661 -46.57 -13.73 52.91
N SER B 662 -46.66 -14.99 53.32
CA SER B 662 -46.94 -15.28 54.73
C SER B 662 -45.87 -14.69 55.63
N GLU B 663 -44.60 -14.88 55.28
CA GLU B 663 -43.53 -14.19 55.98
C GLU B 663 -43.33 -12.79 55.42
N ALA B 664 -42.97 -12.70 54.13
CA ALA B 664 -42.90 -11.43 53.40
C ALA B 664 -41.76 -10.54 53.90
N ASP B 665 -41.05 -10.98 54.93
CA ASP B 665 -39.93 -10.20 55.46
C ASP B 665 -38.75 -11.06 55.90
N SER B 666 -38.84 -12.39 55.76
CA SER B 666 -37.75 -13.27 56.15
C SER B 666 -36.84 -13.59 54.97
N HIS B 667 -37.42 -13.65 53.76
CA HIS B 667 -36.67 -13.99 52.55
C HIS B 667 -37.17 -13.13 51.40
N CYS B 668 -36.52 -12.00 51.18
CA CYS B 668 -36.68 -11.20 49.97
C CYS B 668 -35.34 -10.89 49.32
N LEU B 669 -34.31 -10.60 50.11
CA LEU B 669 -32.94 -10.50 49.61
C LEU B 669 -32.83 -9.46 48.51
N GLU B 670 -33.08 -8.21 48.90
CA GLU B 670 -32.87 -7.10 47.98
C GLU B 670 -31.40 -6.99 47.61
N GLY B 671 -31.14 -6.59 46.37
CA GLY B 671 -29.79 -6.46 45.87
C GLY B 671 -29.41 -7.42 44.76
N PHE B 672 -30.32 -8.28 44.30
CA PHE B 672 -30.06 -9.17 43.18
C PHE B 672 -30.69 -8.57 41.91
N ALA B 673 -30.35 -9.14 40.77
CA ALA B 673 -30.88 -8.66 39.49
C ALA B 673 -32.02 -9.54 39.03
N PRO B 674 -33.05 -8.97 38.39
CA PRO B 674 -34.12 -9.80 37.83
C PRO B 674 -33.61 -10.67 36.70
N VAL B 675 -34.25 -11.83 36.56
CA VAL B 675 -33.89 -12.80 35.53
C VAL B 675 -35.08 -12.98 34.60
N ASP B 676 -34.80 -13.47 33.40
CA ASP B 676 -35.83 -13.76 32.41
C ASP B 676 -36.23 -15.22 32.55
N GLY B 677 -37.52 -15.49 32.38
CA GLY B 677 -38.03 -16.84 32.51
C GLY B 677 -39.54 -16.85 32.51
N CYS B 678 -40.09 -18.02 32.83
CA CYS B 678 -41.53 -18.20 32.84
C CYS B 678 -42.11 -17.61 34.12
N GLY B 679 -42.91 -16.56 33.97
CA GLY B 679 -43.54 -15.92 35.11
C GLY B 679 -44.92 -15.44 34.77
N CYS B 680 -45.68 -15.15 35.82
CA CYS B 680 -47.06 -14.68 35.68
C CYS B 680 -47.11 -13.16 35.68
N PRO B 681 -48.20 -12.57 35.18
CA PRO B 681 -48.23 -11.11 34.99
C PRO B 681 -48.20 -10.34 36.30
N ASP B 682 -48.33 -9.01 36.20
CA ASP B 682 -48.22 -8.14 37.38
C ASP B 682 -49.13 -8.57 38.51
N HIS B 683 -50.17 -9.35 38.22
CA HIS B 683 -51.08 -9.84 39.24
C HIS B 683 -51.24 -11.35 39.09
N THR B 684 -52.20 -11.93 39.82
CA THR B 684 -52.43 -13.38 39.80
C THR B 684 -51.18 -14.13 40.27
N PHE B 685 -50.86 -13.91 41.55
CA PHE B 685 -49.68 -14.52 42.14
C PHE B 685 -49.78 -16.04 42.08
N LEU B 686 -48.60 -16.67 42.03
CA LEU B 686 -48.51 -18.12 41.87
C LEU B 686 -49.24 -18.83 42.99
N ASP B 687 -50.01 -19.85 42.62
CA ASP B 687 -50.74 -20.65 43.59
C ASP B 687 -49.80 -21.69 44.20
N GLU B 688 -50.36 -22.60 45.00
CA GLU B 688 -49.54 -23.66 45.59
C GLU B 688 -48.93 -24.55 44.52
N LYS B 689 -49.70 -24.88 43.49
CA LYS B 689 -49.22 -25.72 42.40
C LYS B 689 -50.02 -25.40 41.14
N GLY B 690 -49.44 -25.70 40.00
CA GLY B 690 -50.12 -25.51 38.72
C GLY B 690 -50.19 -24.04 38.35
N ARG B 691 -51.30 -23.64 37.74
CA ARG B 691 -51.46 -22.28 37.26
C ARG B 691 -51.50 -21.31 38.44
N CYS B 692 -51.17 -20.04 38.14
CA CYS B 692 -51.16 -18.97 39.14
C CYS B 692 -52.56 -18.38 39.21
N VAL B 693 -53.31 -18.76 40.24
CA VAL B 693 -54.69 -18.32 40.42
C VAL B 693 -54.69 -16.85 40.84
N PRO B 694 -55.81 -16.14 40.69
CA PRO B 694 -55.84 -14.73 41.12
C PRO B 694 -55.56 -14.58 42.61
N LEU B 695 -55.33 -13.33 43.04
CA LEU B 695 -55.02 -13.07 44.44
C LEU B 695 -56.15 -13.47 45.38
N ALA B 696 -57.39 -13.44 44.91
CA ALA B 696 -58.53 -13.68 45.80
C ALA B 696 -58.45 -15.06 46.45
N LYS B 697 -58.18 -16.09 45.65
CA LYS B 697 -58.11 -17.47 46.13
C LYS B 697 -56.70 -18.02 46.00
N CYS B 698 -55.70 -17.19 46.30
CA CYS B 698 -54.31 -17.57 46.12
C CYS B 698 -53.95 -18.79 46.97
N SER B 699 -53.95 -18.63 48.30
CA SER B 699 -53.66 -19.72 49.23
C SER B 699 -53.68 -19.13 50.64
N CYS B 700 -53.53 -20.02 51.62
CA CYS B 700 -53.33 -19.62 53.01
C CYS B 700 -52.27 -20.55 53.60
N TYR B 701 -51.00 -20.13 53.52
CA TYR B 701 -49.90 -20.96 53.99
C TYR B 701 -49.78 -20.91 55.50
N GLY B 704 -46.64 -24.85 58.70
CA GLY B 704 -48.04 -25.02 58.32
C GLY B 704 -48.20 -25.55 56.90
N LEU B 705 -49.37 -26.10 56.61
CA LEU B 705 -49.68 -26.62 55.29
C LEU B 705 -50.52 -25.61 54.52
N TYR B 706 -50.30 -25.56 53.20
CA TYR B 706 -50.98 -24.58 52.37
C TYR B 706 -52.44 -24.94 52.25
N LEU B 707 -53.29 -24.27 53.03
CA LEU B 707 -54.71 -24.53 53.03
C LEU B 707 -55.37 -23.94 51.80
N GLU B 708 -56.51 -24.51 51.43
CA GLU B 708 -57.29 -24.02 50.30
C GLU B 708 -57.98 -22.71 50.68
N ALA B 709 -58.66 -22.10 49.71
CA ALA B 709 -59.36 -20.84 49.95
C ALA B 709 -60.80 -21.08 50.40
N GLY B 710 -60.96 -21.97 51.37
CA GLY B 710 -62.26 -22.22 51.98
C GLY B 710 -62.16 -22.57 53.44
N ASP B 711 -60.97 -22.38 54.03
CA ASP B 711 -60.67 -22.84 55.36
C ASP B 711 -60.77 -21.71 56.38
N VAL B 712 -61.40 -22.01 57.50
CA VAL B 712 -61.56 -21.06 58.60
C VAL B 712 -60.91 -21.67 59.84
N VAL B 713 -60.04 -20.90 60.48
CA VAL B 713 -59.36 -21.38 61.68
C VAL B 713 -60.27 -21.23 62.89
N ARG B 719 -60.05 -18.64 64.63
CA ARG B 719 -61.02 -18.02 63.74
C ARG B 719 -60.33 -17.11 62.73
N CYS B 720 -59.88 -17.69 61.62
CA CYS B 720 -59.20 -16.96 60.56
C CYS B 720 -59.73 -17.45 59.22
N VAL B 721 -60.67 -16.72 58.63
CA VAL B 721 -61.20 -17.08 57.33
C VAL B 721 -60.12 -16.89 56.28
N CYS B 722 -59.87 -17.95 55.50
CA CYS B 722 -58.86 -17.87 54.45
C CYS B 722 -59.28 -16.83 53.42
N ARG B 723 -58.33 -15.98 53.03
CA ARG B 723 -58.63 -14.88 52.12
C ARG B 723 -57.50 -14.67 51.13
N ASP B 724 -57.52 -13.54 50.43
CA ASP B 724 -56.52 -13.24 49.40
C ASP B 724 -55.19 -12.92 50.07
N GLY B 725 -54.30 -13.92 50.13
CA GLY B 725 -52.98 -13.70 50.68
C GLY B 725 -52.96 -13.62 52.18
N ARG B 726 -53.61 -12.60 52.73
CA ARG B 726 -53.62 -12.37 54.16
C ARG B 726 -54.70 -13.20 54.85
N LEU B 727 -54.58 -13.30 56.17
CA LEU B 727 -55.51 -14.05 57.00
C LEU B 727 -56.14 -13.12 58.03
N HIS B 728 -57.42 -13.38 58.34
CA HIS B 728 -58.15 -12.58 59.31
C HIS B 728 -57.86 -13.10 60.72
N CYS B 729 -56.63 -12.86 61.17
CA CYS B 729 -56.20 -13.29 62.49
C CYS B 729 -55.93 -12.08 63.38
N ARG C 760 33.00 30.98 -44.03
CA ARG C 760 33.60 29.65 -43.99
C ARG C 760 34.32 29.43 -42.67
N ALA C 761 33.64 28.75 -41.73
CA ALA C 761 34.18 28.46 -40.40
C ALA C 761 33.69 27.08 -39.98
N LEU C 762 34.52 26.07 -40.16
CA LEU C 762 34.18 24.71 -39.75
C LEU C 762 34.45 24.55 -38.25
N SER C 763 33.80 23.54 -37.65
CA SER C 763 33.84 23.40 -36.20
C SER C 763 33.98 21.97 -35.71
N CYS C 764 34.33 21.02 -36.56
CA CYS C 764 34.47 19.61 -36.20
C CYS C 764 33.14 18.96 -35.82
N GLN C 765 32.04 19.70 -35.84
CA GLN C 765 30.74 19.12 -35.56
C GLN C 765 29.79 19.39 -36.73
N THR C 766 30.10 20.43 -37.50
CA THR C 766 29.40 20.73 -38.75
C THR C 766 30.18 20.20 -39.95
N LEU C 767 31.04 19.21 -39.73
CA LEU C 767 31.84 18.66 -40.82
C LEU C 767 30.95 18.06 -41.90
N ALA C 768 29.98 17.24 -41.51
CA ALA C 768 29.07 16.63 -42.45
C ALA C 768 27.87 17.51 -42.78
N ALA C 769 27.67 18.59 -42.04
CA ALA C 769 26.53 19.47 -42.31
C ALA C 769 26.63 20.06 -43.72
N GLY C 770 27.63 20.89 -43.95
CA GLY C 770 27.84 21.47 -45.27
C GLY C 770 28.16 22.94 -45.27
N TYR C 771 27.95 23.63 -44.14
CA TYR C 771 28.21 25.06 -44.04
C TYR C 771 27.40 25.83 -45.09
N TYR C 772 26.08 25.75 -44.93
CA TYR C 772 25.15 26.28 -45.93
C TYR C 772 24.92 27.77 -45.75
N HIS C 773 24.46 28.17 -44.57
CA HIS C 773 24.10 29.57 -44.31
C HIS C 773 25.25 30.51 -44.63
N VAL C 781 37.76 34.44 -34.65
CA VAL C 781 37.46 33.05 -34.97
C VAL C 781 38.65 32.40 -35.66
N CYS C 782 38.49 31.16 -36.09
CA CYS C 782 39.58 30.45 -36.74
C CYS C 782 39.82 31.00 -38.14
N PRO C 783 41.07 30.99 -38.62
CA PRO C 783 41.33 31.42 -40.00
C PRO C 783 41.09 30.29 -40.99
N ASP C 784 41.38 30.55 -42.27
CA ASP C 784 41.28 29.50 -43.27
C ASP C 784 42.22 28.35 -42.92
N GLY C 785 41.78 27.12 -43.20
CA GLY C 785 42.53 25.96 -42.82
C GLY C 785 42.08 25.40 -41.48
N LEU C 786 42.78 25.78 -40.41
CA LEU C 786 42.43 25.32 -39.07
C LEU C 786 40.93 25.45 -38.83
N MET C 787 40.39 24.55 -38.02
CA MET C 787 38.97 24.54 -37.71
C MET C 787 38.81 24.43 -36.20
N ASP C 788 37.76 25.08 -35.69
CA ASP C 788 37.47 25.02 -34.27
C ASP C 788 37.17 23.58 -33.86
N ASP C 789 37.67 23.22 -32.68
CA ASP C 789 37.48 21.88 -32.13
C ASP C 789 36.49 21.83 -30.99
N GLY C 790 36.07 22.97 -30.45
CA GLY C 790 35.18 23.00 -29.30
C GLY C 790 35.86 22.85 -27.97
N ARG C 791 37.13 22.44 -27.95
CA ARG C 791 37.91 22.32 -26.73
C ARG C 791 38.73 23.56 -26.42
N GLY C 792 39.06 24.37 -27.43
CA GLY C 792 39.91 25.52 -27.24
C GLY C 792 40.40 26.09 -28.55
N GLY C 793 41.70 26.33 -28.65
CA GLY C 793 42.29 26.91 -29.83
C GLY C 793 41.97 26.11 -31.08
N CYS C 794 42.25 26.73 -32.23
CA CYS C 794 41.95 26.14 -33.52
C CYS C 794 42.92 25.00 -33.79
N VAL C 795 42.45 23.97 -34.50
CA VAL C 795 43.24 22.78 -34.79
C VAL C 795 43.04 22.42 -36.26
N VAL C 796 44.02 21.68 -36.80
CA VAL C 796 43.95 21.20 -38.18
C VAL C 796 42.89 20.11 -38.26
N GLU C 797 42.46 19.78 -39.47
CA GLU C 797 41.48 18.72 -39.65
C GLU C 797 41.98 17.37 -39.16
N LYS C 798 43.28 17.09 -39.31
CA LYS C 798 43.82 15.77 -38.95
C LYS C 798 43.66 15.49 -37.46
N GLU C 799 43.92 16.47 -36.61
CA GLU C 799 43.88 16.30 -35.16
C GLU C 799 42.53 16.69 -34.58
N CYS C 800 41.48 16.64 -35.39
CA CYS C 800 40.14 17.01 -34.96
C CYS C 800 39.56 15.92 -34.05
N PRO C 801 39.04 16.28 -32.89
CA PRO C 801 38.60 15.27 -31.91
C PRO C 801 37.24 14.69 -32.28
N CYS C 802 36.77 13.78 -31.42
CA CYS C 802 35.48 13.11 -31.58
C CYS C 802 34.62 13.39 -30.36
N VAL C 803 33.31 13.21 -30.52
CA VAL C 803 32.33 13.41 -29.46
C VAL C 803 31.48 12.16 -29.34
N HIS C 804 31.01 11.89 -28.12
CA HIS C 804 30.11 10.76 -27.89
C HIS C 804 29.45 10.96 -26.53
N ASN C 805 28.12 10.97 -26.50
CA ASN C 805 27.36 11.13 -25.26
C ASN C 805 27.90 12.29 -24.43
N ASN C 806 27.99 13.46 -25.07
CA ASN C 806 28.40 14.70 -24.40
C ASN C 806 29.80 14.60 -23.80
N ASP C 807 30.62 13.67 -24.27
CA ASP C 807 32.00 13.53 -23.85
C ASP C 807 32.92 13.73 -25.06
N LEU C 808 34.01 14.44 -24.82
CA LEU C 808 34.92 14.85 -25.88
C LEU C 808 36.21 14.04 -25.76
N TYR C 809 36.47 13.21 -26.77
CA TYR C 809 37.65 12.35 -26.79
C TYR C 809 38.61 12.84 -27.87
N SER C 810 39.89 12.92 -27.53
CA SER C 810 40.90 13.34 -28.47
C SER C 810 41.17 12.23 -29.48
N SER C 811 42.14 12.48 -30.38
CA SER C 811 42.47 11.51 -31.41
C SER C 811 43.15 10.28 -30.81
N GLY C 812 42.92 9.14 -31.43
CA GLY C 812 43.59 7.92 -31.03
C GLY C 812 43.09 7.29 -29.75
N ALA C 813 41.86 7.59 -29.34
CA ALA C 813 41.29 7.02 -28.12
C ALA C 813 40.70 5.65 -28.40
N LYS C 814 40.18 5.02 -27.35
CA LYS C 814 39.57 3.70 -27.44
C LYS C 814 38.35 3.63 -26.53
N ILE C 815 37.28 3.00 -27.03
CA ILE C 815 36.09 2.72 -26.24
C ILE C 815 35.44 1.45 -26.77
N LYS C 816 34.64 0.83 -25.91
CA LYS C 816 33.94 -0.41 -26.23
C LYS C 816 32.44 -0.17 -26.26
N VAL C 817 31.74 -0.85 -27.18
CA VAL C 817 30.29 -0.80 -27.25
C VAL C 817 29.78 -2.25 -27.25
N ASP C 818 29.64 -2.81 -26.05
CA ASP C 818 28.83 -3.98 -25.73
C ASP C 818 29.29 -5.30 -26.34
N CYS C 819 30.07 -5.27 -27.43
CA CYS C 819 30.89 -6.42 -27.79
C CYS C 819 32.16 -6.01 -28.52
N ASN C 820 32.21 -4.77 -29.00
CA ASN C 820 33.26 -4.31 -29.90
C ASN C 820 34.15 -3.27 -29.23
N THR C 821 35.08 -2.73 -30.01
CA THR C 821 35.96 -1.65 -29.57
C THR C 821 36.11 -0.66 -30.71
N CYS C 822 36.19 0.63 -30.38
CA CYS C 822 36.22 1.70 -31.37
C CYS C 822 37.45 2.57 -31.17
N THR C 823 37.64 3.51 -32.10
CA THR C 823 38.81 4.38 -32.09
C THR C 823 38.47 5.68 -32.79
N CYS C 824 38.80 6.80 -32.14
CA CYS C 824 38.65 8.12 -32.75
C CYS C 824 39.83 8.35 -33.69
N LYS C 825 39.58 8.29 -35.00
CA LYS C 825 40.64 8.34 -36.00
C LYS C 825 40.89 9.75 -36.52
N ARG C 826 39.89 10.38 -37.13
CA ARG C 826 40.05 11.65 -37.79
C ARG C 826 38.87 12.56 -37.45
N GLY C 827 38.47 12.52 -36.18
CA GLY C 827 37.17 13.03 -35.80
C GLY C 827 36.04 12.09 -36.11
N ARG C 828 36.34 10.90 -36.63
CA ARG C 828 35.37 9.88 -36.97
C ARG C 828 35.75 8.57 -36.29
N TRP C 829 34.74 7.79 -35.93
CA TRP C 829 34.94 6.55 -35.21
C TRP C 829 35.11 5.39 -36.17
N VAL C 830 36.07 4.52 -35.88
CA VAL C 830 36.31 3.28 -36.62
C VAL C 830 36.18 2.15 -35.62
N CYS C 831 35.27 1.21 -35.88
CA CYS C 831 34.92 0.17 -34.93
C CYS C 831 35.04 -1.20 -35.58
N THR C 832 35.33 -2.20 -34.75
CA THR C 832 35.30 -3.58 -35.20
C THR C 832 33.85 -4.00 -35.46
N GLN C 833 33.69 -5.05 -36.26
CA GLN C 833 32.37 -5.52 -36.68
C GLN C 833 32.19 -6.96 -36.25
N ALA C 834 31.70 -7.14 -35.02
CA ALA C 834 31.23 -8.42 -34.52
C ALA C 834 29.81 -8.25 -34.03
N VAL C 835 29.03 -9.32 -34.13
CA VAL C 835 27.60 -9.27 -33.81
C VAL C 835 27.44 -9.58 -32.33
N CYS C 836 26.93 -8.60 -31.59
CA CYS C 836 26.63 -8.78 -30.17
C CYS C 836 25.44 -9.72 -30.02
N HIS C 837 25.25 -10.23 -28.80
CA HIS C 837 24.10 -11.08 -28.53
C HIS C 837 22.81 -10.28 -28.65
N GLY C 838 21.69 -10.99 -28.61
CA GLY C 838 20.36 -10.36 -28.65
C GLY C 838 19.70 -10.48 -27.29
N THR C 839 18.97 -9.43 -26.89
CA THR C 839 18.41 -9.33 -25.56
C THR C 839 16.94 -8.93 -25.61
N CYS C 840 16.10 -9.67 -24.89
CA CYS C 840 14.72 -9.30 -24.64
C CYS C 840 14.51 -9.10 -23.15
N SER C 841 13.68 -8.11 -22.81
CA SER C 841 13.45 -7.74 -21.42
C SER C 841 11.97 -7.79 -21.09
N ILE C 842 11.66 -8.41 -19.94
CA ILE C 842 10.31 -8.40 -19.39
C ILE C 842 10.41 -7.86 -17.97
N TYR C 843 9.62 -6.85 -17.64
CA TYR C 843 9.72 -6.29 -16.30
C TYR C 843 8.46 -5.54 -15.93
N GLY C 844 8.31 -5.30 -14.63
CA GLY C 844 7.23 -4.47 -14.13
C GLY C 844 5.87 -5.15 -14.28
N SER C 845 4.83 -4.33 -14.27
CA SER C 845 3.45 -4.81 -14.43
C SER C 845 3.08 -4.91 -15.90
N GLY C 846 3.90 -5.67 -16.64
CA GLY C 846 3.63 -5.92 -18.04
C GLY C 846 4.30 -4.94 -18.98
N HIS C 847 5.61 -4.74 -18.83
CA HIS C 847 6.39 -3.94 -19.76
C HIS C 847 7.36 -4.84 -20.50
N TYR C 848 7.35 -4.74 -21.83
CA TYR C 848 8.13 -5.61 -22.69
C TYR C 848 9.04 -4.79 -23.59
N ILE C 849 10.26 -5.28 -23.77
CA ILE C 849 11.21 -4.74 -24.73
C ILE C 849 11.68 -5.89 -25.60
N THR C 850 11.41 -5.82 -26.91
CA THR C 850 11.74 -6.91 -27.81
C THR C 850 13.22 -6.86 -28.19
N PHE C 851 13.64 -7.84 -28.99
CA PHE C 851 15.04 -7.95 -29.36
C PHE C 851 15.51 -6.76 -30.19
N ASP C 852 14.61 -6.13 -30.94
CA ASP C 852 14.99 -5.05 -31.84
C ASP C 852 14.67 -3.67 -31.27
N GLY C 853 14.34 -3.58 -29.99
CA GLY C 853 14.15 -2.28 -29.36
C GLY C 853 12.81 -1.64 -29.66
N LYS C 854 11.72 -2.26 -29.23
CA LYS C 854 10.39 -1.71 -29.39
C LYS C 854 9.62 -1.91 -28.10
N TYR C 855 9.56 -0.86 -27.27
CA TYR C 855 8.89 -0.91 -25.98
C TYR C 855 7.39 -1.09 -26.20
N TYR C 856 6.74 -1.80 -25.29
CA TYR C 856 5.28 -1.78 -25.26
C TYR C 856 4.78 -2.38 -23.96
N ASP C 857 3.46 -2.39 -23.82
CA ASP C 857 2.79 -2.84 -22.61
C ASP C 857 1.72 -3.87 -22.98
N PHE C 858 1.42 -4.78 -22.06
CA PHE C 858 0.42 -5.79 -22.28
C PHE C 858 0.10 -6.45 -20.96
N ASP C 859 -1.19 -6.57 -20.64
CA ASP C 859 -1.65 -7.07 -19.34
C ASP C 859 -2.59 -8.24 -19.57
N GLY C 860 -2.03 -9.44 -19.60
CA GLY C 860 -2.78 -10.66 -19.82
C GLY C 860 -2.79 -11.54 -18.57
N HIS C 861 -3.72 -12.50 -18.56
CA HIS C 861 -3.82 -13.49 -17.49
C HIS C 861 -3.91 -14.88 -18.12
N CYS C 862 -2.76 -15.42 -18.50
CA CYS C 862 -2.65 -16.77 -19.05
C CYS C 862 -1.16 -17.07 -19.19
N SER C 863 -0.83 -18.20 -19.80
CA SER C 863 0.55 -18.56 -20.09
C SER C 863 0.87 -18.22 -21.54
N TYR C 864 1.86 -17.36 -21.73
CA TYR C 864 2.17 -16.81 -23.03
C TYR C 864 3.56 -17.27 -23.48
N VAL C 865 3.75 -17.38 -24.79
CA VAL C 865 5.04 -17.78 -25.34
C VAL C 865 5.96 -16.58 -25.35
N ALA C 866 6.93 -16.58 -24.43
CA ALA C 866 7.93 -15.52 -24.42
C ALA C 866 8.84 -15.61 -25.64
N VAL C 867 9.38 -16.79 -25.90
CA VAL C 867 10.18 -17.04 -27.10
C VAL C 867 10.08 -18.51 -27.46
N GLN C 868 10.36 -18.84 -28.72
CA GLN C 868 10.44 -20.24 -29.11
C GLN C 868 11.02 -20.33 -30.52
N ASP C 869 11.26 -21.55 -30.96
CA ASP C 869 11.89 -21.83 -32.23
C ASP C 869 10.99 -22.65 -33.14
N TYR C 870 9.78 -22.98 -32.68
CA TYR C 870 8.82 -23.75 -33.47
C TYR C 870 8.00 -22.81 -34.36
N CYS C 871 8.72 -21.99 -35.12
CA CYS C 871 8.14 -20.94 -35.94
C CYS C 871 7.89 -21.50 -37.34
N GLY C 872 6.79 -22.21 -37.49
CA GLY C 872 6.42 -22.79 -38.77
C GLY C 872 7.53 -23.59 -39.43
N LEU C 877 12.86 -29.34 -36.74
CA LEU C 877 11.66 -28.64 -36.28
C LEU C 877 11.85 -28.11 -34.86
N GLY C 878 12.49 -26.96 -34.75
CA GLY C 878 12.61 -26.28 -33.47
C GLY C 878 13.49 -27.02 -32.48
N SER C 879 14.04 -26.30 -31.51
CA SER C 879 14.90 -26.90 -30.50
C SER C 879 14.62 -26.46 -29.07
N PHE C 880 13.78 -25.45 -28.83
CA PHE C 880 13.55 -24.99 -27.47
C PHE C 880 12.27 -24.16 -27.42
N SER C 881 11.99 -23.65 -26.21
CA SER C 881 10.84 -22.78 -25.99
C SER C 881 10.94 -22.21 -24.58
N ILE C 882 10.55 -20.96 -24.42
CA ILE C 882 10.56 -20.27 -23.13
C ILE C 882 9.19 -19.63 -22.94
N ILE C 883 8.47 -20.08 -21.92
CA ILE C 883 7.11 -19.65 -21.63
C ILE C 883 7.15 -18.76 -20.39
N THR C 884 6.04 -18.08 -20.11
CA THR C 884 5.91 -17.24 -18.93
C THR C 884 4.50 -17.39 -18.36
N GLU C 885 4.35 -17.06 -17.07
CA GLU C 885 3.08 -17.18 -16.38
C GLU C 885 2.75 -15.85 -15.72
N ASN C 886 1.76 -15.15 -16.29
CA ASN C 886 1.32 -13.85 -15.79
C ASN C 886 0.07 -14.05 -14.96
N VAL C 887 0.01 -13.41 -13.80
CA VAL C 887 -1.15 -13.47 -12.93
C VAL C 887 -1.46 -12.06 -12.46
N PRO C 888 -2.70 -11.79 -12.05
CA PRO C 888 -3.03 -10.46 -11.53
C PRO C 888 -2.25 -10.17 -10.26
N CYS C 889 -1.82 -8.92 -10.12
CA CYS C 889 -1.18 -8.42 -8.90
C CYS C 889 -1.64 -6.98 -8.70
N GLY C 890 -2.64 -6.82 -7.82
CA GLY C 890 -3.32 -5.57 -7.58
C GLY C 890 -4.81 -5.76 -7.73
N THR C 891 -5.54 -4.64 -7.73
CA THR C 891 -6.98 -4.66 -7.96
C THR C 891 -7.40 -3.81 -9.15
N THR C 892 -6.47 -3.20 -9.86
CA THR C 892 -6.78 -2.37 -11.01
C THR C 892 -6.81 -3.15 -12.31
N GLY C 893 -6.52 -4.44 -12.29
CA GLY C 893 -6.56 -5.27 -13.46
C GLY C 893 -5.22 -5.57 -14.10
N VAL C 894 -4.15 -4.89 -13.68
CA VAL C 894 -2.83 -5.15 -14.24
C VAL C 894 -2.36 -6.53 -13.81
N THR C 895 -1.43 -7.10 -14.57
CA THR C 895 -0.90 -8.43 -14.33
C THR C 895 0.61 -8.41 -14.44
N CYS C 896 1.26 -9.33 -13.74
CA CYS C 896 2.71 -9.42 -13.71
C CYS C 896 3.15 -10.88 -13.76
N SER C 897 4.37 -11.09 -14.24
CA SER C 897 4.96 -12.42 -14.35
C SER C 897 5.35 -12.92 -12.97
N LYS C 898 5.15 -14.22 -12.73
CA LYS C 898 5.55 -14.81 -11.45
C LYS C 898 6.17 -16.19 -11.57
N ALA C 899 6.39 -16.70 -12.78
CA ALA C 899 7.06 -17.98 -12.95
C ALA C 899 7.59 -18.07 -14.37
N ILE C 900 8.56 -18.96 -14.58
CA ILE C 900 9.15 -19.18 -15.89
C ILE C 900 9.30 -20.66 -16.13
N LYS C 901 9.17 -21.09 -17.38
CA LYS C 901 9.38 -22.47 -17.78
C LYS C 901 10.30 -22.50 -18.98
N ILE C 902 11.28 -23.41 -18.97
CA ILE C 902 12.28 -23.50 -20.02
C ILE C 902 12.28 -24.94 -20.53
N PHE C 903 11.92 -25.11 -21.79
CA PHE C 903 11.95 -26.41 -22.46
C PHE C 903 13.21 -26.46 -23.32
N MET C 904 14.10 -27.40 -23.02
CA MET C 904 15.34 -27.57 -23.79
C MET C 904 15.40 -29.04 -24.19
N GLY C 905 15.27 -29.32 -25.48
CA GLY C 905 15.18 -30.70 -25.90
C GLY C 905 13.98 -31.34 -25.25
N ARG C 906 14.23 -32.17 -24.25
CA ARG C 906 13.17 -32.78 -23.45
C ARG C 906 13.17 -32.35 -22.00
N THR C 907 14.26 -31.77 -21.50
CA THR C 907 14.30 -31.33 -20.12
C THR C 907 13.46 -30.08 -19.94
N GLU C 908 12.86 -29.93 -18.74
CA GLU C 908 12.01 -28.78 -18.45
C GLU C 908 12.45 -28.18 -17.12
N LEU C 909 13.11 -27.03 -17.17
CA LEU C 909 13.39 -26.28 -15.97
C LEU C 909 12.20 -25.38 -15.64
N LYS C 910 12.01 -25.11 -14.35
CA LYS C 910 10.96 -24.18 -13.96
C LYS C 910 11.50 -23.29 -12.85
N LEU C 911 11.43 -21.98 -13.07
CA LEU C 911 11.85 -20.99 -12.09
C LEU C 911 10.59 -20.52 -11.38
N GLU C 912 10.55 -20.73 -10.06
CA GLU C 912 9.31 -20.59 -9.31
C GLU C 912 9.64 -20.56 -7.82
N ASP C 913 8.92 -19.73 -7.07
CA ASP C 913 9.09 -19.64 -5.62
C ASP C 913 10.56 -19.48 -5.24
N LYS C 914 11.26 -18.60 -5.95
CA LYS C 914 12.64 -18.26 -5.65
C LYS C 914 13.57 -19.45 -5.77
N HIS C 915 13.18 -20.47 -6.54
CA HIS C 915 13.99 -21.68 -6.69
C HIS C 915 13.86 -22.21 -8.11
N ARG C 916 14.84 -23.03 -8.48
CA ARG C 916 14.84 -23.71 -9.77
C ARG C 916 14.52 -25.19 -9.55
N VAL C 917 13.54 -25.69 -10.32
CA VAL C 917 13.08 -27.06 -10.19
C VAL C 917 13.24 -27.76 -11.54
N VAL C 918 13.92 -28.88 -11.55
CA VAL C 918 14.10 -29.69 -12.76
C VAL C 918 12.91 -30.63 -12.89
N ILE C 919 12.47 -30.85 -14.13
CA ILE C 919 11.34 -31.74 -14.40
C ILE C 919 11.64 -32.51 -15.69
N GLN C 920 11.25 -33.77 -15.71
CA GLN C 920 11.32 -34.62 -16.91
C GLN C 920 12.72 -34.57 -17.51
N ARG C 921 13.71 -34.72 -16.62
CA ARG C 921 15.10 -34.77 -17.03
C ARG C 921 15.27 -35.94 -17.99
N ASP C 922 15.78 -35.67 -19.19
CA ASP C 922 15.90 -36.69 -20.21
C ASP C 922 16.95 -37.72 -19.81
N GLU C 923 16.77 -38.94 -20.31
CA GLU C 923 17.50 -40.09 -19.78
C GLU C 923 19.00 -39.98 -20.03
N GLY C 924 19.42 -39.66 -21.26
CA GLY C 924 20.83 -39.70 -21.58
C GLY C 924 21.33 -38.58 -22.48
N HIS C 925 20.45 -37.67 -22.87
CA HIS C 925 20.87 -36.52 -23.67
C HIS C 925 21.39 -35.41 -22.77
N HIS C 926 20.57 -35.00 -21.81
CA HIS C 926 20.94 -34.04 -20.77
C HIS C 926 21.79 -32.90 -21.34
N VAL C 927 21.16 -32.14 -22.24
CA VAL C 927 21.80 -30.97 -22.84
C VAL C 927 22.46 -30.17 -21.73
N ALA C 928 23.75 -29.87 -21.90
CA ALA C 928 24.53 -29.25 -20.84
C ALA C 928 24.01 -27.85 -20.55
N TYR C 929 23.60 -27.61 -19.31
CA TYR C 929 23.28 -26.28 -18.83
C TYR C 929 24.06 -26.01 -17.56
N THR C 930 23.80 -24.84 -16.96
CA THR C 930 24.52 -24.43 -15.77
C THR C 930 23.71 -23.37 -15.05
N THR C 931 23.37 -23.64 -13.79
CA THR C 931 22.59 -22.73 -12.96
C THR C 931 23.49 -22.22 -11.86
N ARG C 932 23.52 -20.90 -11.66
CA ARG C 932 24.28 -20.32 -10.56
C ARG C 932 23.65 -19.01 -10.16
N GLU C 933 24.20 -18.40 -9.11
CA GLU C 933 23.61 -17.21 -8.50
C GLU C 933 24.67 -16.13 -8.42
N VAL C 934 24.43 -15.01 -9.11
CA VAL C 934 25.38 -13.92 -9.19
C VAL C 934 24.67 -12.68 -8.64
N GLY C 935 25.27 -12.06 -7.63
CA GLY C 935 24.63 -10.91 -7.01
C GLY C 935 23.26 -11.29 -6.47
N GLN C 936 22.26 -10.50 -6.79
CA GLN C 936 20.88 -10.78 -6.41
C GLN C 936 20.13 -11.60 -7.45
N TYR C 937 20.79 -11.99 -8.53
CA TYR C 937 20.14 -12.62 -9.67
C TYR C 937 20.51 -14.08 -9.77
N LEU C 938 19.62 -14.84 -10.41
CA LEU C 938 19.80 -16.24 -10.71
C LEU C 938 19.99 -16.39 -12.21
N VAL C 939 21.09 -17.02 -12.61
CA VAL C 939 21.50 -17.09 -14.01
C VAL C 939 21.50 -18.54 -14.43
N VAL C 940 20.75 -18.84 -15.51
CA VAL C 940 20.72 -20.16 -16.11
C VAL C 940 21.23 -20.05 -17.54
N GLU C 941 22.33 -20.73 -17.82
CA GLU C 941 22.92 -20.73 -19.16
C GLU C 941 22.82 -22.13 -19.74
N SER C 942 22.78 -22.19 -21.07
CA SER C 942 22.76 -23.46 -21.79
C SER C 942 23.95 -23.50 -22.74
N SER C 943 24.54 -24.68 -22.86
CA SER C 943 25.70 -24.84 -23.73
C SER C 943 25.36 -24.55 -25.19
N THR C 944 24.09 -24.57 -25.56
CA THR C 944 23.67 -24.32 -26.92
C THR C 944 23.73 -22.84 -27.29
N GLY C 945 23.58 -21.94 -26.31
CA GLY C 945 23.59 -20.51 -26.57
C GLY C 945 22.38 -19.74 -26.07
N ILE C 946 21.69 -20.23 -25.05
CA ILE C 946 20.54 -19.56 -24.46
C ILE C 946 20.93 -19.14 -23.05
N ILE C 947 20.47 -17.95 -22.63
CA ILE C 947 20.77 -17.45 -21.30
C ILE C 947 19.53 -16.79 -20.73
N VAL C 948 19.23 -17.08 -19.46
CA VAL C 948 18.09 -16.49 -18.76
C VAL C 948 18.60 -15.90 -17.45
N ILE C 949 18.25 -14.65 -17.19
CA ILE C 949 18.63 -13.94 -15.97
C ILE C 949 17.36 -13.52 -15.27
N TRP C 950 17.22 -13.92 -14.00
CA TRP C 950 15.97 -13.77 -13.27
C TRP C 950 16.26 -13.17 -11.91
N ASP C 951 15.56 -12.09 -11.56
CA ASP C 951 15.78 -11.39 -10.30
C ASP C 951 14.97 -11.97 -9.15
N LYS C 952 14.23 -13.04 -9.41
CA LYS C 952 13.45 -13.81 -8.42
C LYS C 952 12.13 -13.15 -8.03
N ARG C 953 11.80 -11.96 -8.53
CA ARG C 953 10.50 -11.37 -8.25
C ARG C 953 9.66 -11.18 -9.50
N THR C 954 10.08 -10.32 -10.44
CA THR C 954 9.32 -10.14 -11.68
C THR C 954 10.18 -9.93 -12.91
N THR C 955 11.45 -9.57 -12.79
CA THR C 955 12.25 -9.17 -13.94
C THR C 955 12.83 -10.40 -14.63
N VAL C 956 12.98 -10.32 -15.95
CA VAL C 956 13.54 -11.41 -16.73
C VAL C 956 14.30 -10.82 -17.91
N PHE C 957 15.51 -11.33 -18.16
CA PHE C 957 16.27 -11.01 -19.34
C PHE C 957 16.57 -12.30 -20.08
N ILE C 958 16.27 -12.35 -21.37
CA ILE C 958 16.61 -13.48 -22.22
C ILE C 958 17.67 -13.04 -23.21
N LYS C 959 18.81 -13.72 -23.21
CA LYS C 959 19.88 -13.46 -24.14
C LYS C 959 20.10 -14.65 -25.06
N LEU C 960 20.26 -14.35 -26.34
CA LEU C 960 20.43 -15.35 -27.38
C LEU C 960 21.70 -15.07 -28.18
N ALA C 961 22.36 -16.14 -28.60
CA ALA C 961 23.56 -16.02 -29.40
C ALA C 961 23.19 -15.62 -30.83
N PRO C 962 24.13 -15.07 -31.60
CA PRO C 962 23.79 -14.56 -32.93
C PRO C 962 23.56 -15.65 -33.97
N SER C 963 23.55 -16.91 -33.56
CA SER C 963 23.26 -18.00 -34.48
C SER C 963 21.76 -18.26 -34.62
N TYR C 964 20.93 -17.64 -33.79
CA TYR C 964 19.48 -17.80 -33.84
C TYR C 964 18.83 -16.68 -34.65
N LYS C 965 19.63 -15.85 -35.31
CA LYS C 965 19.12 -14.63 -35.92
C LYS C 965 18.01 -14.96 -36.92
N GLY C 966 16.87 -14.30 -36.76
CA GLY C 966 15.76 -14.47 -37.69
C GLY C 966 15.18 -15.85 -37.77
N THR C 967 15.14 -16.59 -36.65
CA THR C 967 14.54 -17.92 -36.62
C THR C 967 13.75 -18.17 -35.34
N VAL C 968 13.29 -17.12 -34.67
CA VAL C 968 12.48 -17.24 -33.48
C VAL C 968 11.20 -16.43 -33.69
N CYS C 969 10.27 -16.58 -32.76
CA CYS C 969 9.02 -15.83 -32.78
C CYS C 969 8.41 -15.90 -31.38
N GLY C 970 7.68 -14.85 -31.01
CA GLY C 970 7.07 -14.74 -29.71
C GLY C 970 6.94 -13.29 -29.31
N LEU C 971 6.49 -13.06 -28.09
CA LEU C 971 6.34 -11.72 -27.56
C LEU C 971 7.61 -10.89 -27.64
N CYS C 972 8.77 -11.51 -27.85
CA CYS C 972 10.04 -10.80 -27.93
C CYS C 972 10.50 -10.56 -29.36
N GLY C 973 9.59 -10.62 -30.33
CA GLY C 973 9.95 -10.39 -31.71
C GLY C 973 10.78 -11.53 -32.28
N ASN C 974 11.24 -11.34 -33.51
CA ASN C 974 11.96 -12.38 -34.23
C ASN C 974 13.44 -12.07 -34.45
N PHE C 975 13.97 -11.01 -33.85
CA PHE C 975 15.41 -10.81 -33.74
C PHE C 975 16.11 -10.90 -35.10
N ASP C 976 15.80 -9.92 -35.97
CA ASP C 976 16.40 -9.86 -37.30
C ASP C 976 16.95 -8.47 -37.61
N HIS C 977 17.21 -7.65 -36.59
CA HIS C 977 17.71 -6.29 -36.79
CA HIS C 977 17.71 -6.29 -36.79
C HIS C 977 16.76 -5.47 -37.65
N ARG C 978 15.47 -5.59 -37.38
CA ARG C 978 14.46 -4.85 -38.14
C ARG C 978 13.19 -4.82 -37.29
N SER C 979 12.78 -3.64 -36.88
CA SER C 979 11.77 -3.50 -35.83
C SER C 979 10.43 -3.00 -36.35
N ASN C 980 10.15 -3.11 -37.65
CA ASN C 980 8.84 -2.81 -38.18
C ASN C 980 8.00 -4.05 -38.41
N ASN C 981 8.48 -5.22 -37.98
CA ASN C 981 7.75 -6.47 -38.12
C ASN C 981 7.84 -7.33 -36.87
N ASP C 982 7.99 -6.72 -35.69
CA ASP C 982 8.01 -7.48 -34.46
C ASP C 982 6.61 -7.76 -33.94
N PHE C 983 5.59 -7.14 -34.51
CA PHE C 983 4.20 -7.46 -34.19
C PHE C 983 3.65 -8.49 -35.17
N THR C 984 4.33 -9.63 -35.27
CA THR C 984 3.88 -10.74 -36.10
C THR C 984 3.12 -11.73 -35.23
N THR C 985 1.86 -11.99 -35.60
CA THR C 985 1.01 -12.85 -34.80
C THR C 985 1.40 -14.32 -35.02
N ARG C 986 0.66 -15.21 -34.36
CA ARG C 986 1.00 -16.63 -34.42
C ARG C 986 0.91 -17.18 -35.82
N ASP C 987 -0.03 -16.68 -36.63
CA ASP C 987 -0.26 -17.17 -37.98
C ASP C 987 0.41 -16.32 -39.05
N HIS C 988 1.55 -15.71 -38.74
CA HIS C 988 2.39 -15.05 -39.73
C HIS C 988 1.67 -13.87 -40.39
N MET C 989 1.00 -13.07 -39.57
CA MET C 989 0.35 -11.85 -40.03
C MET C 989 0.90 -10.68 -39.22
N VAL C 990 1.09 -9.55 -39.88
CA VAL C 990 1.63 -8.36 -39.22
C VAL C 990 0.46 -7.44 -38.87
N VAL C 991 0.34 -7.13 -37.59
CA VAL C 991 -0.76 -6.30 -37.09
C VAL C 991 -0.17 -4.98 -36.59
N SER C 992 -1.06 -4.06 -36.22
CA SER C 992 -0.68 -2.75 -35.73
C SER C 992 -1.15 -2.49 -34.31
N SER C 993 -1.76 -3.48 -33.65
CA SER C 993 -2.31 -3.31 -32.32
C SER C 993 -1.60 -4.20 -31.32
N GLU C 994 -1.25 -3.63 -30.17
CA GLU C 994 -0.64 -4.39 -29.10
C GLU C 994 -1.55 -5.50 -28.61
N LEU C 995 -2.83 -5.22 -28.41
CA LEU C 995 -3.77 -6.16 -27.80
C LEU C 995 -4.15 -7.30 -28.74
N ASP C 996 -3.93 -7.16 -30.03
CA ASP C 996 -4.12 -8.28 -30.96
C ASP C 996 -2.87 -9.13 -31.10
N PHE C 997 -1.70 -8.49 -31.11
CA PHE C 997 -0.46 -9.24 -31.12
C PHE C 997 -0.32 -10.08 -29.86
N GLY C 998 -0.61 -9.49 -28.69
CA GLY C 998 -0.50 -10.22 -27.45
C GLY C 998 -1.48 -11.37 -27.33
N ASN C 999 -2.74 -11.13 -27.69
CA ASN C 999 -3.78 -12.13 -27.49
C ASN C 999 -3.58 -13.39 -28.33
N SER C 1000 -2.79 -13.33 -29.39
CA SER C 1000 -2.63 -14.47 -30.27
C SER C 1000 -1.55 -15.44 -29.82
N TRP C 1001 -0.80 -15.11 -28.76
CA TRP C 1001 0.25 -15.98 -28.25
C TRP C 1001 -0.11 -16.62 -26.92
N LYS C 1002 -1.37 -16.56 -26.50
CA LYS C 1002 -1.77 -17.29 -25.31
C LYS C 1002 -1.72 -18.78 -25.58
N GLU C 1003 -1.60 -19.56 -24.51
CA GLU C 1003 -1.47 -21.01 -24.63
C GLU C 1003 -2.80 -21.73 -24.49
N ALA C 1004 -3.49 -21.56 -23.37
CA ALA C 1004 -4.77 -22.25 -23.23
C ALA C 1004 -5.86 -21.52 -24.01
N PRO C 1005 -6.53 -22.16 -24.97
CA PRO C 1005 -7.55 -21.46 -25.74
C PRO C 1005 -8.69 -20.90 -24.91
N THR C 1006 -8.91 -21.43 -23.72
CA THR C 1006 -10.02 -20.98 -22.88
C THR C 1006 -9.70 -19.73 -22.08
N CYS C 1007 -8.44 -19.29 -22.06
CA CYS C 1007 -8.12 -18.05 -21.37
C CYS C 1007 -8.84 -16.87 -22.03
N PRO C 1008 -9.26 -15.88 -21.27
CA PRO C 1008 -9.96 -14.74 -21.85
C PRO C 1008 -9.01 -13.86 -22.67
N ASP C 1009 -9.60 -12.87 -23.34
CA ASP C 1009 -8.86 -11.95 -24.19
C ASP C 1009 -8.86 -10.55 -23.57
N VAL C 1010 -7.72 -9.89 -23.63
CA VAL C 1010 -7.57 -8.55 -23.10
C VAL C 1010 -8.22 -7.58 -24.09
N SER C 1011 -8.91 -6.57 -23.56
CA SER C 1011 -9.60 -5.58 -24.37
C SER C 1011 -9.08 -4.17 -24.19
N THR C 1012 -8.61 -3.81 -23.00
CA THR C 1012 -8.15 -2.46 -22.73
C THR C 1012 -7.04 -2.49 -21.69
N ASN C 1013 -6.14 -1.52 -21.79
CA ASN C 1013 -5.05 -1.39 -20.84
C ASN C 1013 -5.48 -0.54 -19.65
N PRO C 1014 -5.48 -1.06 -18.43
CA PRO C 1014 -5.89 -0.24 -17.29
C PRO C 1014 -4.94 0.92 -17.05
N GLU C 1015 -5.47 1.96 -16.40
CA GLU C 1015 -4.70 3.14 -16.01
C GLU C 1015 -4.64 3.19 -14.49
N PRO C 1016 -3.57 2.70 -13.87
CA PRO C 1016 -3.57 2.60 -12.40
C PRO C 1016 -3.75 3.94 -11.69
N CYS C 1017 -2.89 4.92 -11.96
CA CYS C 1017 -2.95 6.18 -11.20
C CYS C 1017 -4.26 6.91 -11.34
N SER C 1018 -5.04 6.62 -12.38
CA SER C 1018 -6.38 7.20 -12.53
C SER C 1018 -7.43 6.46 -11.72
N LEU C 1019 -7.25 5.16 -11.50
CA LEU C 1019 -8.20 4.37 -10.72
C LEU C 1019 -7.90 4.42 -9.22
N ASN C 1020 -6.74 4.95 -8.83
CA ASN C 1020 -6.35 5.07 -7.42
C ASN C 1020 -5.82 6.48 -7.19
N PRO C 1021 -6.69 7.49 -7.24
CA PRO C 1021 -6.21 8.87 -7.13
C PRO C 1021 -5.45 9.16 -5.85
N HIS C 1022 -5.83 8.58 -4.72
CA HIS C 1022 -5.21 8.92 -3.45
C HIS C 1022 -3.76 8.43 -3.34
N ARG C 1023 -3.35 7.48 -4.18
CA ARG C 1023 -1.98 6.96 -4.15
C ARG C 1023 -1.04 7.73 -5.08
N ARG C 1024 -1.56 8.68 -5.87
CA ARG C 1024 -0.70 9.37 -6.83
C ARG C 1024 0.35 10.22 -6.13
N SER C 1025 -0.07 11.03 -5.16
CA SER C 1025 0.86 11.96 -4.52
C SER C 1025 2.12 11.28 -4.05
N TRP C 1026 1.99 10.13 -3.38
CA TRP C 1026 3.18 9.40 -2.95
C TRP C 1026 4.01 8.95 -4.14
N ALA C 1027 3.37 8.31 -5.12
CA ALA C 1027 4.12 7.71 -6.21
C ALA C 1027 4.93 8.74 -6.97
N GLU C 1028 4.34 9.89 -7.26
CA GLU C 1028 5.04 10.94 -7.99
C GLU C 1028 6.14 11.60 -7.18
N LYS C 1029 6.19 11.37 -5.87
CA LYS C 1029 7.22 11.97 -5.04
C LYS C 1029 8.41 11.04 -4.85
N GLN C 1030 8.16 9.74 -4.66
CA GLN C 1030 9.25 8.79 -4.51
C GLN C 1030 9.96 8.55 -5.83
N CYS C 1031 9.20 8.37 -6.91
CA CYS C 1031 9.77 8.09 -8.22
C CYS C 1031 10.51 9.28 -8.81
N SER C 1032 10.40 10.46 -8.21
CA SER C 1032 11.06 11.65 -8.72
C SER C 1032 12.56 11.61 -8.55
N ILE C 1033 13.09 10.66 -7.77
CA ILE C 1033 14.53 10.57 -7.58
C ILE C 1033 15.24 10.35 -8.90
N LEU C 1034 14.61 9.63 -9.83
CA LEU C 1034 15.22 9.39 -11.13
C LEU C 1034 15.60 10.69 -11.82
N LYS C 1035 14.79 11.73 -11.64
CA LYS C 1035 15.01 13.03 -12.28
C LYS C 1035 15.79 13.99 -11.41
N SER C 1036 16.20 13.58 -10.21
CA SER C 1036 16.91 14.44 -9.28
C SER C 1036 18.38 14.53 -9.68
N SER C 1037 19.16 15.19 -8.84
CA SER C 1037 20.59 15.34 -9.08
C SER C 1037 21.38 14.08 -8.72
N VAL C 1038 20.76 13.14 -8.00
CA VAL C 1038 21.49 11.94 -7.60
C VAL C 1038 21.96 11.17 -8.84
N PHE C 1039 21.12 11.07 -9.86
CA PHE C 1039 21.47 10.41 -11.10
C PHE C 1039 21.94 11.39 -12.17
N SER C 1040 22.58 12.49 -11.78
CA SER C 1040 23.03 13.49 -12.74
C SER C 1040 24.06 12.96 -13.71
N ILE C 1041 24.91 12.02 -13.30
CA ILE C 1041 25.92 11.48 -14.20
C ILE C 1041 25.29 10.70 -15.34
N CYS C 1042 24.20 9.99 -15.07
CA CYS C 1042 23.59 9.08 -16.03
C CYS C 1042 22.59 9.75 -16.96
N HIS C 1043 22.29 11.03 -16.76
CA HIS C 1043 21.26 11.68 -17.57
C HIS C 1043 21.64 11.78 -19.04
N SER C 1044 22.94 11.86 -19.35
CA SER C 1044 23.39 12.03 -20.72
C SER C 1044 23.62 10.71 -21.44
N LYS C 1045 23.36 9.58 -20.80
CA LYS C 1045 23.65 8.27 -21.36
C LYS C 1045 22.44 7.36 -21.46
N VAL C 1046 21.45 7.51 -20.59
CA VAL C 1046 20.20 6.75 -20.66
C VAL C 1046 19.04 7.71 -20.44
N ASP C 1047 18.08 7.68 -21.35
CA ASP C 1047 16.92 8.55 -21.22
C ASP C 1047 16.07 8.08 -20.06
N PRO C 1048 15.83 8.91 -19.03
CA PRO C 1048 15.12 8.43 -17.84
C PRO C 1048 13.60 8.41 -17.96
N LYS C 1049 13.03 9.09 -18.95
CA LYS C 1049 11.57 9.20 -19.01
C LYS C 1049 10.86 7.85 -19.07
N PRO C 1050 11.25 6.91 -19.95
CA PRO C 1050 10.54 5.62 -19.98
C PRO C 1050 10.72 4.78 -18.74
N PHE C 1051 11.64 5.13 -17.85
CA PHE C 1051 11.75 4.47 -16.56
C PHE C 1051 10.97 5.20 -15.47
N TYR C 1052 10.92 6.52 -15.53
CA TYR C 1052 10.06 7.27 -14.61
C TYR C 1052 8.60 6.89 -14.82
N GLU C 1053 8.17 6.77 -16.07
CA GLU C 1053 6.80 6.37 -16.34
C GLU C 1053 6.50 5.00 -15.75
N ALA C 1054 7.42 4.04 -15.92
CA ALA C 1054 7.21 2.71 -15.35
C ALA C 1054 7.18 2.75 -13.84
N CYS C 1055 8.04 3.56 -13.22
CA CYS C 1055 8.04 3.66 -11.76
C CYS C 1055 6.69 4.17 -11.26
N VAL C 1056 6.19 5.25 -11.85
CA VAL C 1056 4.90 5.78 -11.42
C VAL C 1056 3.79 4.78 -11.70
N HIS C 1057 3.81 4.13 -12.86
CA HIS C 1057 2.79 3.15 -13.19
C HIS C 1057 2.77 2.00 -12.20
N ASP C 1058 3.93 1.54 -11.76
CA ASP C 1058 4.00 0.42 -10.83
C ASP C 1058 3.59 0.82 -9.42
N SER C 1059 3.99 2.02 -8.97
CA SER C 1059 3.68 2.43 -7.60
C SER C 1059 2.21 2.68 -7.38
N CYS C 1060 1.45 3.09 -8.40
CA CYS C 1060 0.02 3.32 -8.25
C CYS C 1060 -0.77 2.02 -8.18
N SER C 1061 -0.19 0.88 -8.56
CA SER C 1061 -0.94 -0.36 -8.71
C SER C 1061 -0.76 -1.33 -7.55
N CYS C 1062 0.39 -1.33 -6.89
CA CYS C 1062 0.64 -2.27 -5.79
C CYS C 1062 -0.14 -1.83 -4.55
N ASP C 1063 -1.46 -1.97 -4.63
CA ASP C 1063 -2.36 -1.47 -3.61
C ASP C 1063 -2.90 -2.54 -2.68
N THR C 1064 -2.34 -3.75 -2.71
CA THR C 1064 -2.78 -4.82 -1.81
C THR C 1064 -1.70 -5.27 -0.83
N GLY C 1065 -0.60 -4.53 -0.71
CA GLY C 1065 0.44 -4.87 0.24
C GLY C 1065 1.82 -4.89 -0.37
N GLY C 1066 2.84 -4.62 0.44
CA GLY C 1066 4.21 -4.72 -0.03
C GLY C 1066 4.52 -3.80 -1.19
N ASP C 1067 4.14 -2.53 -1.08
CA ASP C 1067 4.37 -1.57 -2.15
C ASP C 1067 5.73 -0.90 -2.07
N CYS C 1068 6.51 -1.15 -1.02
CA CYS C 1068 7.89 -0.70 -0.97
C CYS C 1068 8.81 -1.60 -1.76
N GLU C 1069 8.32 -2.71 -2.28
CA GLU C 1069 9.13 -3.61 -3.10
C GLU C 1069 8.92 -3.37 -4.58
N CYS C 1070 7.76 -2.85 -4.98
CA CYS C 1070 7.53 -2.50 -6.38
C CYS C 1070 8.39 -1.32 -6.80
N PHE C 1071 8.79 -0.49 -5.85
CA PHE C 1071 9.50 0.75 -6.16
C PHE C 1071 11.01 0.53 -6.26
N CYS C 1072 11.57 -0.24 -5.32
CA CYS C 1072 13.01 -0.48 -5.35
C CYS C 1072 13.45 -1.22 -6.60
N SER C 1073 12.69 -2.22 -7.05
CA SER C 1073 13.01 -2.91 -8.30
C SER C 1073 12.94 -1.96 -9.49
N ALA C 1074 11.93 -1.09 -9.52
CA ALA C 1074 11.82 -0.13 -10.62
C ALA C 1074 13.04 0.79 -10.68
N VAL C 1075 13.50 1.28 -9.53
CA VAL C 1075 14.70 2.12 -9.53
C VAL C 1075 15.96 1.33 -9.88
N ALA C 1076 16.07 0.09 -9.41
CA ALA C 1076 17.20 -0.76 -9.74
C ALA C 1076 17.28 -1.07 -11.23
N SER C 1077 16.13 -1.21 -11.91
CA SER C 1077 16.17 -1.45 -13.35
C SER C 1077 16.90 -0.34 -14.09
N TYR C 1078 16.81 0.90 -13.61
CA TYR C 1078 17.48 2.02 -14.26
C TYR C 1078 18.92 2.14 -13.78
N ALA C 1079 19.16 1.94 -12.48
CA ALA C 1079 20.54 1.94 -12.00
C ALA C 1079 21.39 0.90 -12.70
N GLN C 1080 20.82 -0.27 -13.00
CA GLN C 1080 21.58 -1.31 -13.70
C GLN C 1080 22.00 -0.85 -15.09
N GLU C 1081 21.10 -0.20 -15.83
CA GLU C 1081 21.48 0.33 -17.14
C GLU C 1081 22.56 1.39 -17.02
N CYS C 1082 22.43 2.28 -16.02
CA CYS C 1082 23.47 3.28 -15.82
C CYS C 1082 24.82 2.62 -15.59
N THR C 1083 24.85 1.57 -14.77
CA THR C 1083 26.09 0.82 -14.59
C THR C 1083 26.57 0.22 -15.91
N LYS C 1084 25.66 -0.39 -16.66
CA LYS C 1084 26.01 -1.06 -17.91
C LYS C 1084 26.63 -0.10 -18.92
N GLU C 1085 26.21 1.17 -18.92
CA GLU C 1085 26.77 2.14 -19.85
C GLU C 1085 28.01 2.85 -19.32
N GLY C 1086 28.44 2.56 -18.11
CA GLY C 1086 29.64 3.13 -17.55
C GLY C 1086 29.45 4.28 -16.57
N ALA C 1087 28.49 4.17 -15.65
CA ALA C 1087 28.27 5.19 -14.62
C ALA C 1087 27.85 4.47 -13.34
N CYS C 1088 28.82 4.20 -12.48
CA CYS C 1088 28.57 3.48 -11.24
C CYS C 1088 28.03 4.46 -10.19
N VAL C 1089 26.76 4.29 -9.83
CA VAL C 1089 26.05 5.24 -8.97
C VAL C 1089 25.63 4.52 -7.69
N PHE C 1090 25.82 5.20 -6.57
CA PHE C 1090 25.49 4.66 -5.24
C PHE C 1090 24.28 5.43 -4.73
N TRP C 1091 23.10 4.79 -4.76
CA TRP C 1091 21.85 5.48 -4.51
C TRP C 1091 21.09 4.96 -3.29
N ARG C 1092 21.50 3.85 -2.69
CA ARG C 1092 20.81 3.33 -1.52
C ARG C 1092 21.26 4.04 -0.26
N THR C 1093 20.32 4.25 0.65
CA THR C 1093 20.57 4.86 1.95
C THR C 1093 19.75 4.14 3.00
N PRO C 1094 20.14 4.24 4.28
CA PRO C 1094 19.42 3.51 5.33
C PRO C 1094 17.93 3.78 5.38
N ASP C 1095 17.45 4.84 4.71
CA ASP C 1095 16.02 5.15 4.68
C ASP C 1095 15.37 4.87 3.33
N LEU C 1096 16.15 4.50 2.33
CA LEU C 1096 15.65 4.30 0.97
C LEU C 1096 16.14 2.95 0.46
N CYS C 1097 15.25 1.96 0.43
CA CYS C 1097 15.56 0.63 -0.10
C CYS C 1097 16.86 0.09 0.47
N PRO C 1098 16.95 -0.09 1.78
CA PRO C 1098 18.19 -0.62 2.37
C PRO C 1098 18.44 -2.06 1.97
N ILE C 1099 19.72 -2.42 1.96
CA ILE C 1099 20.16 -3.78 1.63
C ILE C 1099 20.97 -4.32 2.79
N PHE C 1100 20.69 -5.57 3.15
CA PHE C 1100 21.22 -6.19 4.36
C PHE C 1100 22.17 -7.30 3.94
N CYS C 1101 23.44 -6.94 3.73
CA CYS C 1101 24.44 -7.87 3.20
C CYS C 1101 25.14 -8.68 4.28
N ASP C 1102 25.66 -8.04 5.33
CA ASP C 1102 26.49 -8.72 6.31
C ASP C 1102 25.74 -9.84 7.04
N TYR C 1103 24.45 -10.03 6.75
CA TYR C 1103 23.74 -11.19 7.27
C TYR C 1103 24.44 -12.49 6.92
N TYR C 1104 25.13 -12.53 5.78
CA TYR C 1104 25.79 -13.74 5.32
C TYR C 1104 27.16 -13.95 5.96
N ASN C 1105 27.71 -12.94 6.62
CA ASN C 1105 29.05 -13.09 7.17
C ASN C 1105 29.07 -14.11 8.31
N PRO C 1106 30.23 -14.71 8.58
CA PRO C 1106 30.41 -15.46 9.82
C PRO C 1106 30.16 -14.55 11.02
N PRO C 1107 30.17 -15.08 12.23
CA PRO C 1107 29.69 -14.31 13.40
C PRO C 1107 30.12 -12.85 13.40
N HIS C 1108 31.43 -12.57 13.38
CA HIS C 1108 31.86 -11.18 13.32
C HIS C 1108 33.13 -10.98 12.49
N GLU C 1109 33.41 -11.88 11.53
CA GLU C 1109 34.44 -11.64 10.53
C GLU C 1109 33.76 -11.05 9.30
N CYS C 1110 34.33 -9.96 8.78
CA CYS C 1110 33.65 -9.11 7.80
C CYS C 1110 34.28 -9.35 6.43
N GLU C 1111 33.57 -10.09 5.58
CA GLU C 1111 34.05 -10.39 4.23
C GLU C 1111 33.06 -10.05 3.14
N TRP C 1112 31.76 -10.25 3.36
CA TRP C 1112 30.74 -9.92 2.36
C TRP C 1112 30.58 -8.40 2.32
N HIS C 1113 30.59 -7.83 1.12
CA HIS C 1113 30.43 -6.39 0.95
C HIS C 1113 29.41 -6.09 -0.14
N TYR C 1114 28.61 -5.05 0.07
CA TYR C 1114 27.66 -4.59 -0.94
C TYR C 1114 28.45 -3.91 -2.06
N GLU C 1115 28.41 -4.50 -3.25
CA GLU C 1115 29.14 -3.92 -4.37
C GLU C 1115 28.16 -3.14 -5.22
N PRO C 1116 28.22 -1.80 -5.25
CA PRO C 1116 27.16 -1.04 -5.92
C PRO C 1116 27.01 -1.36 -7.39
N CYS C 1117 28.10 -1.72 -8.08
CA CYS C 1117 28.03 -1.99 -9.51
C CYS C 1117 28.86 -3.20 -9.93
N GLY C 1118 29.11 -4.14 -9.02
CA GLY C 1118 29.53 -5.47 -9.37
C GLY C 1118 30.81 -5.62 -10.18
N ASN C 1119 31.55 -4.53 -10.36
CA ASN C 1119 32.78 -4.57 -11.15
C ASN C 1119 33.88 -5.24 -10.32
N ARG C 1120 33.77 -6.55 -10.19
CA ARG C 1120 34.76 -7.34 -9.46
C ARG C 1120 34.85 -8.72 -10.10
N SER C 1121 36.09 -9.18 -10.30
CA SER C 1121 36.36 -10.49 -10.90
C SER C 1121 37.27 -11.26 -9.95
N PHE C 1122 36.70 -12.20 -9.22
CA PHE C 1122 37.43 -13.04 -8.27
C PHE C 1122 37.42 -14.48 -8.76
N GLU C 1123 37.98 -15.36 -7.92
CA GLU C 1123 38.23 -16.74 -8.31
C GLU C 1123 37.25 -17.68 -7.61
N THR C 1124 36.50 -18.43 -8.40
CA THR C 1124 35.64 -19.49 -7.89
C THR C 1124 36.28 -20.83 -8.19
N CYS C 1125 35.71 -21.94 -7.71
CA CYS C 1125 36.25 -23.25 -8.02
C CYS C 1125 35.73 -23.79 -9.34
N ARG C 1126 34.84 -23.07 -10.02
CA ARG C 1126 34.51 -23.40 -11.40
C ARG C 1126 35.58 -22.88 -12.35
N THR C 1127 35.80 -21.56 -12.35
CA THR C 1127 36.78 -20.95 -13.23
C THR C 1127 38.21 -21.40 -12.91
N ILE C 1128 38.46 -21.93 -11.71
CA ILE C 1128 39.78 -22.44 -11.38
C ILE C 1128 40.15 -23.65 -12.22
N ASN C 1129 39.16 -24.34 -12.78
CA ASN C 1129 39.39 -25.57 -13.55
C ASN C 1129 39.15 -25.34 -15.04
N GLY C 1130 39.18 -24.09 -15.47
CA GLY C 1130 39.08 -23.75 -16.88
C GLY C 1130 37.68 -23.52 -17.40
N ILE C 1131 36.65 -23.85 -16.64
CA ILE C 1131 35.27 -23.60 -17.08
C ILE C 1131 35.04 -22.11 -17.14
N HIS C 1132 34.48 -21.63 -18.25
CA HIS C 1132 34.22 -20.22 -18.45
C HIS C 1132 32.85 -20.03 -19.08
N SER C 1133 32.23 -18.89 -18.78
CA SER C 1133 30.96 -18.52 -19.38
C SER C 1133 31.19 -17.92 -20.76
N ASN C 1134 30.13 -17.36 -21.33
CA ASN C 1134 30.20 -16.74 -22.65
C ASN C 1134 29.70 -15.29 -22.64
N ILE C 1135 29.23 -14.78 -21.51
CA ILE C 1135 28.74 -13.42 -21.38
C ILE C 1135 29.42 -12.78 -20.18
N SER C 1136 29.49 -11.45 -20.21
CA SER C 1136 30.00 -10.65 -19.09
C SER C 1136 28.80 -10.21 -18.25
N VAL C 1137 28.71 -10.75 -17.03
CA VAL C 1137 27.64 -10.40 -16.11
C VAL C 1137 28.25 -9.59 -14.96
N SER C 1138 29.27 -8.78 -15.28
CA SER C 1138 30.01 -8.03 -14.28
C SER C 1138 29.33 -6.72 -13.91
N TYR C 1139 28.03 -6.58 -14.18
CA TYR C 1139 27.30 -5.36 -13.89
C TYR C 1139 26.00 -5.60 -13.14
N LEU C 1140 25.96 -6.62 -12.28
CA LEU C 1140 24.74 -6.97 -11.55
C LEU C 1140 24.91 -6.56 -10.09
N GLU C 1141 23.89 -5.88 -9.55
CA GLU C 1141 23.94 -5.40 -8.18
C GLU C 1141 23.88 -6.56 -7.19
N GLY C 1142 24.41 -6.34 -6.00
CA GLY C 1142 24.24 -7.30 -4.93
C GLY C 1142 25.39 -7.26 -3.95
N CYS C 1143 25.43 -8.28 -3.09
CA CYS C 1143 26.50 -8.47 -2.13
C CYS C 1143 27.48 -9.48 -2.70
N TYR C 1144 28.78 -9.22 -2.56
CA TYR C 1144 29.79 -10.08 -3.12
C TYR C 1144 30.83 -10.47 -2.07
N PRO C 1145 31.45 -11.63 -2.21
CA PRO C 1145 32.48 -12.04 -1.25
C PRO C 1145 33.81 -11.34 -1.48
N ARG C 1146 34.63 -11.35 -0.43
CA ARG C 1146 36.00 -10.85 -0.49
C ARG C 1146 36.90 -11.84 0.27
N CYS C 1147 36.79 -13.12 -0.10
CA CYS C 1147 37.37 -14.25 0.64
C CYS C 1147 38.75 -13.92 1.20
N PRO C 1148 39.09 -14.41 2.38
CA PRO C 1148 40.38 -14.10 2.99
C PRO C 1148 41.52 -14.77 2.24
N LYS C 1149 42.73 -14.59 2.75
CA LYS C 1149 43.96 -15.03 2.09
C LYS C 1149 44.42 -16.40 2.59
N ASP C 1150 43.65 -17.05 3.46
CA ASP C 1150 43.98 -18.39 3.93
C ASP C 1150 43.09 -19.47 3.32
N ARG C 1151 42.09 -19.09 2.52
CA ARG C 1151 41.23 -20.04 1.83
C ARG C 1151 40.54 -19.31 0.69
N PRO C 1152 41.28 -18.80 -0.29
CA PRO C 1152 40.71 -17.85 -1.25
C PRO C 1152 40.09 -18.48 -2.49
N ILE C 1153 39.12 -19.37 -2.34
CA ILE C 1153 38.35 -19.86 -3.47
C ILE C 1153 36.88 -19.87 -3.07
N TYR C 1154 36.05 -19.18 -3.85
CA TYR C 1154 34.63 -19.03 -3.51
C TYR C 1154 33.83 -20.15 -4.16
N GLU C 1155 33.38 -21.11 -3.35
CA GLU C 1155 32.48 -22.15 -3.82
C GLU C 1155 31.06 -21.60 -3.80
N GLU C 1156 30.33 -21.83 -4.89
CA GLU C 1156 29.09 -21.11 -5.15
C GLU C 1156 27.88 -21.83 -4.56
N ASP C 1157 27.79 -23.14 -4.71
CA ASP C 1157 26.59 -23.87 -4.31
C ASP C 1157 26.36 -23.83 -2.80
N LEU C 1158 27.36 -23.44 -2.01
CA LEU C 1158 27.17 -23.22 -0.58
C LEU C 1158 27.49 -21.79 -0.17
N LYS C 1159 27.96 -20.95 -1.09
CA LYS C 1159 28.32 -19.57 -0.77
C LYS C 1159 29.40 -19.53 0.32
N LYS C 1160 30.50 -20.23 0.08
CA LYS C 1160 31.52 -20.39 1.12
C LYS C 1160 32.92 -20.16 0.56
N CYS C 1161 33.75 -19.47 1.34
CA CYS C 1161 35.15 -19.30 1.01
C CYS C 1161 35.94 -20.49 1.56
N VAL C 1162 36.57 -21.24 0.68
CA VAL C 1162 37.28 -22.47 1.04
C VAL C 1162 38.62 -22.51 0.32
N THR C 1163 39.45 -23.45 0.74
CA THR C 1163 40.76 -23.65 0.12
C THR C 1163 40.59 -24.21 -1.28
N ALA C 1164 41.66 -24.07 -2.08
CA ALA C 1164 41.61 -24.52 -3.46
C ALA C 1164 41.41 -26.02 -3.58
N ASP C 1165 41.63 -26.78 -2.50
CA ASP C 1165 41.49 -28.23 -2.55
C ASP C 1165 40.06 -28.67 -2.25
N LYS C 1166 39.46 -28.11 -1.20
CA LYS C 1166 38.14 -28.56 -0.73
C LYS C 1166 37.06 -27.58 -1.19
N CYS C 1167 36.67 -27.68 -2.46
CA CYS C 1167 35.55 -26.92 -3.00
C CYS C 1167 34.39 -27.83 -3.39
N GLY C 1168 34.60 -28.75 -4.31
CA GLY C 1168 33.51 -29.59 -4.78
C GLY C 1168 33.89 -30.28 -6.09
N CYS C 1169 32.87 -30.85 -6.73
CA CYS C 1169 33.06 -31.59 -7.98
C CYS C 1169 32.20 -31.07 -9.12
N TYR C 1170 30.95 -30.68 -8.85
CA TYR C 1170 30.07 -30.07 -9.85
C TYR C 1170 29.89 -31.00 -11.05
N VAL C 1171 29.24 -32.13 -10.78
CA VAL C 1171 28.93 -33.13 -11.81
C VAL C 1171 27.43 -33.15 -12.03
N GLU C 1172 27.01 -33.12 -13.30
CA GLU C 1172 25.61 -33.17 -13.67
C GLU C 1172 24.81 -32.08 -12.97
N ASP C 1173 25.38 -30.87 -12.92
CA ASP C 1173 24.72 -29.71 -12.31
C ASP C 1173 24.26 -30.02 -10.89
N THR C 1174 25.13 -30.68 -10.14
CA THR C 1174 24.83 -31.01 -8.74
C THR C 1174 26.14 -30.98 -7.95
N HIS C 1175 26.17 -30.18 -6.89
CA HIS C 1175 27.38 -30.06 -6.09
C HIS C 1175 27.52 -31.24 -5.15
N TYR C 1176 28.74 -31.72 -4.98
CA TYR C 1176 29.02 -32.85 -4.08
C TYR C 1176 30.25 -32.53 -3.24
N PRO C 1177 30.17 -32.55 -1.91
CA PRO C 1177 31.32 -32.18 -1.09
C PRO C 1177 32.51 -33.09 -1.34
N PRO C 1178 33.74 -32.59 -1.19
CA PRO C 1178 34.90 -33.47 -1.33
C PRO C 1178 34.79 -34.71 -0.46
N GLY C 1179 35.22 -35.86 -0.98
CA GLY C 1179 35.17 -37.10 -0.21
C GLY C 1179 33.85 -37.83 -0.37
N ALA C 1180 32.75 -37.07 -0.40
CA ALA C 1180 31.42 -37.66 -0.51
C ALA C 1180 31.31 -38.58 -1.71
N SER C 1181 30.73 -39.77 -1.52
CA SER C 1181 30.54 -40.71 -2.60
C SER C 1181 29.61 -40.09 -3.65
N VAL C 1182 30.14 -39.83 -4.83
CA VAL C 1182 29.35 -39.14 -5.86
C VAL C 1182 28.25 -40.07 -6.37
N PRO C 1183 26.97 -39.69 -6.26
CA PRO C 1183 25.92 -40.48 -6.91
C PRO C 1183 26.13 -40.55 -8.41
N THR C 1184 25.74 -41.69 -8.98
CA THR C 1184 25.95 -41.93 -10.41
C THR C 1184 24.74 -42.69 -10.94
N GLU C 1185 24.16 -42.19 -12.03
CA GLU C 1185 22.99 -42.82 -12.62
C GLU C 1185 23.38 -43.90 -13.61
N GLU C 1186 24.65 -44.30 -13.59
CA GLU C 1186 25.17 -45.37 -14.44
C GLU C 1186 25.06 -46.71 -13.72
N THR C 1187 25.56 -47.74 -14.38
CA THR C 1187 25.52 -49.11 -13.85
C THR C 1187 26.94 -49.58 -13.60
N CYS C 1188 27.17 -50.19 -12.43
CA CYS C 1188 28.44 -50.77 -12.01
C CYS C 1188 29.53 -49.72 -11.83
N LYS C 1189 29.19 -48.43 -11.84
CA LYS C 1189 30.17 -47.35 -11.80
C LYS C 1189 29.98 -46.58 -10.51
N SER C 1190 30.85 -46.81 -9.54
CA SER C 1190 30.85 -46.02 -8.32
C SER C 1190 31.74 -44.81 -8.51
N CYS C 1191 31.46 -43.74 -7.76
CA CYS C 1191 32.20 -42.50 -7.92
C CYS C 1191 32.46 -41.87 -6.57
N VAL C 1192 33.56 -41.11 -6.49
CA VAL C 1192 33.94 -40.43 -5.26
C VAL C 1192 34.65 -39.14 -5.63
N CYS C 1193 34.37 -38.10 -4.86
CA CYS C 1193 35.16 -36.88 -4.89
C CYS C 1193 36.41 -37.07 -4.05
N THR C 1194 37.57 -37.08 -4.70
CA THR C 1194 38.82 -37.31 -4.00
C THR C 1194 39.09 -36.16 -3.03
N ASN C 1195 40.17 -36.28 -2.27
CA ASN C 1195 40.62 -35.21 -1.38
C ASN C 1195 41.41 -34.18 -2.16
N SER C 1196 41.32 -34.23 -3.50
CA SER C 1196 41.96 -33.23 -4.36
C SER C 1196 40.96 -32.53 -5.27
N SER C 1197 39.69 -32.47 -4.88
CA SER C 1197 38.64 -31.84 -5.69
C SER C 1197 38.43 -32.56 -7.01
N GLN C 1198 38.85 -33.81 -7.10
CA GLN C 1198 38.73 -34.58 -8.34
C GLN C 1198 37.70 -35.68 -8.15
N VAL C 1199 36.71 -35.69 -9.05
CA VAL C 1199 35.70 -36.74 -9.10
C VAL C 1199 36.25 -37.88 -9.95
N VAL C 1200 36.34 -39.06 -9.37
CA VAL C 1200 36.86 -40.22 -10.07
C VAL C 1200 35.96 -41.42 -9.79
N CYS C 1201 35.79 -42.26 -10.79
CA CYS C 1201 34.87 -43.39 -10.73
C CYS C 1201 35.61 -44.68 -11.03
N ARG C 1202 35.12 -45.75 -10.38
CA ARG C 1202 35.71 -47.08 -10.48
C ARG C 1202 34.60 -48.07 -10.82
N PRO C 1203 34.94 -49.21 -11.42
CA PRO C 1203 33.94 -50.24 -11.69
C PRO C 1203 33.85 -51.23 -10.52
N GLU C 1204 32.72 -51.93 -10.48
CA GLU C 1204 32.48 -52.98 -9.49
C GLU C 1204 32.08 -54.25 -10.21
N GLU C 1205 32.81 -55.32 -9.98
CA GLU C 1205 32.54 -56.61 -10.63
C GLU C 1205 31.67 -57.50 -9.75
N GLY C 1206 30.48 -57.02 -9.40
CA GLY C 1206 29.56 -57.77 -8.57
C GLY C 1206 28.44 -58.41 -9.36
N PHE C 1217 26.58 -60.12 -14.61
CA PHE C 1217 27.87 -59.62 -14.15
C PHE C 1217 28.34 -58.47 -15.03
N CYS C 1218 29.37 -57.76 -14.57
CA CYS C 1218 29.92 -56.62 -15.29
C CYS C 1218 31.40 -56.49 -14.94
N TYR C 1219 32.13 -55.77 -15.81
CA TYR C 1219 33.55 -55.55 -15.59
C TYR C 1219 33.91 -54.09 -15.83
N TRP C 1220 35.20 -53.77 -15.84
CA TRP C 1220 35.65 -52.41 -16.05
C TRP C 1220 35.26 -51.93 -17.45
N ARG D 760 -3.11 -36.07 51.48
CA ARG D 760 -2.16 -35.02 51.83
C ARG D 760 -0.89 -35.14 50.99
N ALA D 761 -0.95 -34.65 49.75
CA ALA D 761 0.18 -34.68 48.82
C ALA D 761 0.46 -33.26 48.36
N LEU D 762 1.33 -32.56 49.10
CA LEU D 762 1.71 -31.20 48.76
C LEU D 762 2.70 -31.21 47.60
N SER D 763 2.70 -30.12 46.82
CA SER D 763 3.41 -30.12 45.55
C SER D 763 4.18 -28.84 45.27
N CYS D 764 4.27 -27.90 46.21
CA CYS D 764 4.94 -26.62 46.03
C CYS D 764 4.24 -25.71 45.02
N GLN D 765 3.17 -26.19 44.39
CA GLN D 765 2.39 -25.36 43.49
C GLN D 765 1.01 -25.12 44.11
N THR D 766 0.73 -25.82 45.20
CA THR D 766 -0.51 -25.69 45.95
C THR D 766 -0.26 -25.36 47.41
N LEU D 767 0.85 -24.69 47.71
CA LEU D 767 1.12 -24.27 49.09
C LEU D 767 0.02 -23.34 49.60
N ALA D 768 -0.40 -22.39 48.77
CA ALA D 768 -1.45 -21.45 49.13
C ALA D 768 -2.85 -21.94 48.75
N ALA D 769 -2.96 -23.14 48.17
CA ALA D 769 -4.27 -23.67 47.81
C ALA D 769 -5.02 -24.16 49.05
N GLY D 770 -4.47 -25.16 49.73
CA GLY D 770 -5.04 -25.63 50.97
C GLY D 770 -5.31 -27.12 51.01
N TYR D 771 -5.20 -27.80 49.88
CA TYR D 771 -5.42 -29.25 49.80
C TYR D 771 -6.82 -29.60 50.30
N TYR D 772 -7.80 -29.10 49.55
CA TYR D 772 -9.21 -29.18 49.95
C TYR D 772 -9.80 -30.56 49.65
N HIS D 773 -9.78 -30.97 48.38
CA HIS D 773 -10.39 -32.22 47.97
C HIS D 773 -9.55 -33.41 48.46
N VAL D 781 3.77 -41.88 45.27
CA VAL D 781 3.89 -40.45 45.50
C VAL D 781 4.75 -40.19 46.73
N CYS D 782 4.80 -38.93 47.16
CA CYS D 782 5.63 -38.59 48.31
C CYS D 782 4.96 -39.07 49.60
N PRO D 783 5.75 -39.47 50.60
CA PRO D 783 5.16 -39.84 51.89
C PRO D 783 4.91 -38.63 52.77
N ASP D 784 4.44 -38.85 54.00
CA ASP D 784 4.30 -37.75 54.95
C ASP D 784 5.67 -37.12 55.21
N GLY D 785 5.68 -35.81 55.35
CA GLY D 785 6.94 -35.09 55.49
C GLY D 785 7.41 -34.57 54.14
N LEU D 786 8.30 -35.32 53.49
CA LEU D 786 8.77 -34.93 52.17
C LEU D 786 7.59 -34.62 51.26
N MET D 787 7.81 -33.71 50.32
CA MET D 787 6.75 -33.14 49.53
C MET D 787 7.24 -32.89 48.11
N ASP D 788 6.35 -33.08 47.15
CA ASP D 788 6.72 -32.99 45.75
C ASP D 788 7.16 -31.57 45.40
N ASP D 789 8.16 -31.49 44.51
CA ASP D 789 8.73 -30.22 44.08
C ASP D 789 8.45 -29.89 42.63
N GLY D 790 8.04 -30.87 41.82
CA GLY D 790 7.81 -30.64 40.41
C GLY D 790 9.02 -30.83 39.53
N ARG D 791 10.22 -30.89 40.11
CA ARG D 791 11.44 -31.13 39.35
C ARG D 791 11.84 -32.59 39.28
N GLY D 792 11.43 -33.40 40.26
CA GLY D 792 11.85 -34.78 40.34
C GLY D 792 11.46 -35.40 41.66
N GLY D 793 12.42 -36.06 42.32
CA GLY D 793 12.15 -36.71 43.59
C GLY D 793 11.58 -35.75 44.62
N CYS D 794 11.08 -36.35 45.70
CA CYS D 794 10.44 -35.58 46.77
C CYS D 794 11.48 -34.76 47.52
N VAL D 795 11.08 -33.58 47.97
CA VAL D 795 11.98 -32.65 48.64
C VAL D 795 11.31 -32.15 49.91
N VAL D 796 12.13 -31.76 50.88
CA VAL D 796 11.64 -31.17 52.13
C VAL D 796 11.06 -29.80 51.81
N GLU D 797 10.27 -29.26 52.75
CA GLU D 797 9.68 -27.94 52.55
C GLU D 797 10.73 -26.84 52.44
N LYS D 798 11.78 -26.90 53.26
CA LYS D 798 12.78 -25.83 53.26
C LYS D 798 13.45 -25.68 51.90
N GLU D 799 13.70 -26.79 51.21
CA GLU D 799 14.44 -26.80 49.96
C GLU D 799 13.53 -26.69 48.74
N CYS D 800 12.26 -26.36 48.94
CA CYS D 800 11.33 -26.27 47.83
C CYS D 800 11.74 -25.13 46.89
N PRO D 801 11.63 -25.32 45.58
CA PRO D 801 12.05 -24.29 44.62
C PRO D 801 10.95 -23.27 44.36
N CYS D 802 11.25 -22.31 43.49
CA CYS D 802 10.33 -21.26 43.09
C CYS D 802 10.12 -21.31 41.59
N VAL D 803 9.00 -20.76 41.14
CA VAL D 803 8.63 -20.73 39.74
C VAL D 803 8.43 -19.29 39.31
N HIS D 804 8.72 -18.99 38.05
CA HIS D 804 8.49 -17.67 37.49
C HIS D 804 8.49 -17.78 35.98
N ASN D 805 7.34 -17.48 35.36
CA ASN D 805 7.21 -17.49 33.91
C ASN D 805 7.76 -18.79 33.32
N ASN D 806 7.20 -19.91 33.77
CA ASN D 806 7.58 -21.24 33.29
C ASN D 806 9.07 -21.50 33.42
N ASP D 807 9.73 -20.85 34.38
CA ASP D 807 11.13 -21.12 34.68
C ASP D 807 11.25 -21.51 36.15
N LEU D 808 12.00 -22.59 36.40
CA LEU D 808 12.11 -23.18 37.72
C LEU D 808 13.45 -22.83 38.31
N TYR D 809 13.45 -21.97 39.34
CA TYR D 809 14.66 -21.52 40.00
C TYR D 809 14.77 -22.19 41.36
N SER D 810 15.95 -22.74 41.65
CA SER D 810 16.18 -23.41 42.92
C SER D 810 16.32 -22.36 44.03
N SER D 811 16.61 -22.84 45.24
CA SER D 811 16.75 -21.95 46.38
C SER D 811 18.02 -21.11 46.24
N GLY D 812 17.95 -19.88 46.75
CA GLY D 812 19.10 -18.99 46.73
C GLY D 812 19.41 -18.38 45.39
N ALA D 813 18.45 -18.36 44.47
CA ALA D 813 18.65 -17.75 43.15
C ALA D 813 18.52 -16.24 43.24
N LYS D 814 18.87 -15.57 42.15
CA LYS D 814 18.79 -14.12 42.06
C LYS D 814 18.23 -13.71 40.70
N ILE D 815 17.25 -12.81 40.73
CA ILE D 815 16.66 -12.24 39.54
C ILE D 815 16.23 -10.81 39.85
N LYS D 816 16.24 -9.97 38.83
CA LYS D 816 15.91 -8.55 38.95
C LYS D 816 14.60 -8.27 38.24
N VAL D 817 13.82 -7.33 38.77
CA VAL D 817 12.57 -6.89 38.13
C VAL D 817 12.63 -5.37 38.03
N ASP D 818 13.26 -4.89 36.95
CA ASP D 818 13.12 -3.56 36.38
C ASP D 818 13.65 -2.41 37.24
N CYS D 819 13.79 -2.60 38.55
CA CYS D 819 14.70 -1.76 39.32
C CYS D 819 15.27 -2.50 40.52
N ASN D 820 14.68 -3.65 40.88
CA ASN D 820 14.97 -4.33 42.14
C ASN D 820 15.68 -5.65 41.89
N THR D 821 15.93 -6.38 42.97
CA THR D 821 16.53 -7.71 42.93
C THR D 821 15.74 -8.62 43.85
N CYS D 822 15.53 -9.86 43.44
CA CYS D 822 14.71 -10.82 44.16
C CYS D 822 15.50 -12.09 44.47
N THR D 823 14.97 -12.88 45.39
CA THR D 823 15.64 -14.09 45.85
C THR D 823 14.61 -15.12 46.27
N CYS D 824 14.71 -16.32 45.70
CA CYS D 824 13.88 -17.44 46.13
C CYS D 824 14.37 -17.95 47.47
N LYS D 825 13.58 -17.73 48.52
CA LYS D 825 13.99 -18.05 49.88
C LYS D 825 13.47 -19.41 50.33
N ARG D 826 12.15 -19.59 50.38
CA ARG D 826 11.54 -20.81 50.89
C ARG D 826 10.35 -21.19 50.01
N GLY D 827 10.55 -21.13 48.70
CA GLY D 827 9.46 -21.26 47.77
C GLY D 827 8.70 -19.99 47.50
N ARG D 828 9.08 -18.89 48.14
CA ARG D 828 8.49 -17.58 47.93
C ARG D 828 9.59 -16.56 47.71
N TRP D 829 9.28 -15.55 46.90
CA TRP D 829 10.26 -14.56 46.50
C TRP D 829 10.38 -13.46 47.54
N VAL D 830 11.61 -12.99 47.75
CA VAL D 830 11.91 -11.88 48.65
C VAL D 830 12.62 -10.82 47.82
N CYS D 831 11.98 -9.66 47.69
CA CYS D 831 12.46 -8.61 46.81
C CYS D 831 12.66 -7.31 47.59
N THR D 832 13.63 -6.52 47.14
CA THR D 832 13.83 -5.19 47.68
C THR D 832 12.70 -4.27 47.22
N GLN D 833 12.51 -3.18 47.95
CA GLN D 833 11.39 -2.26 47.72
C GLN D 833 11.94 -0.89 47.34
N ALA D 834 12.09 -0.67 46.04
CA ALA D 834 12.38 0.64 45.49
C ALA D 834 11.37 0.93 44.39
N VAL D 835 11.05 2.21 44.21
CA VAL D 835 10.03 2.64 43.27
C VAL D 835 10.68 2.90 41.92
N CYS D 836 10.37 2.07 40.94
CA CYS D 836 10.89 2.23 39.59
C CYS D 836 10.32 3.50 38.97
N HIS D 837 10.97 3.96 37.89
CA HIS D 837 10.42 5.05 37.10
C HIS D 837 9.04 4.67 36.56
N GLY D 838 8.31 5.65 36.09
CA GLY D 838 7.00 5.45 35.47
C GLY D 838 7.09 5.67 33.97
N THR D 839 6.29 4.92 33.21
CA THR D 839 6.39 4.91 31.75
C THR D 839 5.01 5.04 31.11
N CYS D 840 4.89 5.95 30.16
CA CYS D 840 3.72 6.06 29.30
C CYS D 840 4.13 5.86 27.84
N SER D 841 3.29 5.16 27.09
CA SER D 841 3.62 4.76 25.73
C SER D 841 2.56 5.25 24.75
N ILE D 842 3.02 5.82 23.64
CA ILE D 842 2.16 6.18 22.51
C ILE D 842 2.73 5.51 21.28
N TYR D 843 1.91 4.77 20.54
CA TYR D 843 2.45 4.10 19.37
C TYR D 843 1.34 3.79 18.38
N GLY D 844 1.75 3.48 17.15
CA GLY D 844 0.82 3.01 16.14
C GLY D 844 -0.18 4.07 15.73
N SER D 845 -1.30 3.61 15.19
CA SER D 845 -2.38 4.50 14.77
C SER D 845 -3.27 4.85 15.95
N GLY D 846 -2.67 5.52 16.93
CA GLY D 846 -3.40 5.98 18.09
C GLY D 846 -3.65 4.91 19.13
N HIS D 847 -2.60 4.22 19.56
CA HIS D 847 -2.67 3.29 20.67
C HIS D 847 -1.93 3.88 21.86
N TYR D 848 -2.58 3.88 23.02
CA TYR D 848 -2.07 4.53 24.22
C TYR D 848 -1.98 3.53 25.36
N ILE D 849 -0.89 3.64 26.12
CA ILE D 849 -0.72 2.88 27.36
C ILE D 849 -0.35 3.89 28.44
N THR D 850 -1.20 4.00 29.46
CA THR D 850 -1.01 4.99 30.51
C THR D 850 0.07 4.54 31.50
N PHE D 851 0.35 5.41 32.47
CA PHE D 851 1.40 5.10 33.44
C PHE D 851 1.03 3.90 34.31
N ASP D 852 -0.25 3.70 34.60
CA ASP D 852 -0.70 2.66 35.52
C ASP D 852 -1.09 1.37 34.80
N GLY D 853 -0.85 1.28 33.50
CA GLY D 853 -1.08 0.04 32.78
C GLY D 853 -2.51 -0.13 32.31
N LYS D 854 -3.03 0.83 31.57
CA LYS D 854 -4.36 0.75 30.98
C LYS D 854 -4.24 1.02 29.48
N TYR D 855 -4.55 0.01 28.67
CA TYR D 855 -4.46 0.12 27.22
C TYR D 855 -5.74 0.77 26.70
N TYR D 856 -5.62 1.55 25.63
CA TYR D 856 -6.80 1.98 24.91
C TYR D 856 -6.43 2.59 23.56
N ASP D 857 -7.45 3.00 22.82
CA ASP D 857 -7.29 3.56 21.49
C ASP D 857 -8.02 4.90 21.45
N PHE D 858 -7.54 5.81 20.60
CA PHE D 858 -8.15 7.12 20.46
C PHE D 858 -7.60 7.76 19.20
N ASP D 859 -8.49 8.25 18.33
CA ASP D 859 -8.11 8.76 17.01
C ASP D 859 -8.61 10.19 16.89
N GLY D 860 -7.77 11.14 17.29
CA GLY D 860 -8.11 12.55 17.25
C GLY D 860 -7.28 13.28 16.22
N HIS D 861 -7.74 14.48 15.85
CA HIS D 861 -7.03 15.35 14.90
C HIS D 861 -6.94 16.74 15.53
N CYS D 862 -5.97 16.92 16.40
CA CYS D 862 -5.71 18.19 17.08
C CYS D 862 -4.39 18.04 17.83
N SER D 863 -4.06 19.04 18.65
CA SER D 863 -2.93 18.98 19.56
C SER D 863 -3.43 18.64 20.95
N TYR D 864 -2.95 17.53 21.50
CA TYR D 864 -3.45 16.98 22.76
C TYR D 864 -2.37 17.04 23.82
N VAL D 865 -2.80 17.14 25.07
CA VAL D 865 -1.86 17.19 26.19
C VAL D 865 -1.46 15.77 26.55
N ALA D 866 -0.22 15.40 26.21
CA ALA D 866 0.30 14.09 26.59
C ALA D 866 0.53 14.03 28.10
N VAL D 867 1.18 15.04 28.67
CA VAL D 867 1.41 15.11 30.11
C VAL D 867 1.58 16.56 30.52
N GLN D 868 1.25 16.87 31.77
CA GLN D 868 1.54 18.18 32.33
C GLN D 868 1.20 18.15 33.81
N ASP D 869 1.80 19.07 34.56
CA ASP D 869 1.55 19.19 35.99
C ASP D 869 0.94 20.55 36.34
N TYR D 870 0.30 21.21 35.38
CA TYR D 870 -0.57 22.34 35.67
C TYR D 870 -1.98 21.83 35.99
N CYS D 871 -2.03 20.89 36.92
CA CYS D 871 -3.25 20.14 37.23
C CYS D 871 -3.92 20.83 38.41
N GLY D 872 -4.84 21.73 38.11
CA GLY D 872 -5.57 22.46 39.14
C GLY D 872 -4.65 23.20 40.10
N LEU D 877 2.92 26.31 40.80
CA LEU D 877 1.90 25.94 39.82
C LEU D 877 2.53 25.21 38.64
N GLY D 878 2.90 23.95 38.85
CA GLY D 878 3.45 23.14 37.77
C GLY D 878 4.76 23.68 37.24
N SER D 879 5.49 22.84 36.50
CA SER D 879 6.77 23.26 35.93
C SER D 879 7.00 22.84 34.49
N PHE D 880 6.22 21.92 33.92
CA PHE D 880 6.51 21.41 32.59
C PHE D 880 5.21 21.05 31.88
N SER D 881 5.36 20.59 30.64
CA SER D 881 4.25 20.10 29.85
C SER D 881 4.81 19.45 28.59
N ILE D 882 4.18 18.35 28.16
CA ILE D 882 4.56 17.64 26.95
C ILE D 882 3.32 17.46 26.10
N ILE D 883 3.33 18.02 24.90
CA ILE D 883 2.21 18.01 23.98
C ILE D 883 2.56 17.11 22.81
N THR D 884 1.52 16.56 22.15
CA THR D 884 1.68 15.74 20.96
C THR D 884 0.80 16.30 19.86
N GLU D 885 1.15 15.98 18.61
CA GLU D 885 0.43 16.48 17.44
C GLU D 885 0.05 15.30 16.56
N ASN D 886 -1.24 15.00 16.53
CA ASN D 886 -1.78 13.89 15.75
C ASN D 886 -2.31 14.44 14.44
N VAL D 887 -2.05 13.73 13.35
CA VAL D 887 -2.61 14.07 12.04
C VAL D 887 -3.08 12.79 11.38
N PRO D 888 -4.02 12.87 10.45
CA PRO D 888 -4.47 11.67 9.74
C PRO D 888 -3.33 11.04 8.96
N CYS D 889 -3.31 9.70 8.94
CA CYS D 889 -2.38 8.93 8.12
C CYS D 889 -3.15 7.72 7.61
N GLY D 890 -3.71 7.87 6.41
CA GLY D 890 -4.58 6.90 5.78
C GLY D 890 -5.85 7.58 5.31
N THR D 891 -6.78 6.77 4.80
CA THR D 891 -8.07 7.27 4.36
C THR D 891 -9.24 6.73 5.17
N THR D 892 -8.98 5.87 6.16
CA THR D 892 -10.03 5.30 6.97
C THR D 892 -10.42 6.17 8.16
N GLY D 893 -9.72 7.29 8.37
CA GLY D 893 -10.03 8.20 9.45
C GLY D 893 -9.10 8.10 10.65
N VAL D 894 -8.31 7.05 10.76
CA VAL D 894 -7.38 6.91 11.87
C VAL D 894 -6.33 8.01 11.78
N THR D 895 -5.67 8.27 12.90
CA THR D 895 -4.67 9.34 13.00
C THR D 895 -3.49 8.84 13.81
N CYS D 896 -2.33 9.46 13.59
CA CYS D 896 -1.10 9.08 14.25
C CYS D 896 -0.29 10.33 14.60
N SER D 897 0.56 10.19 15.62
CA SER D 897 1.42 11.27 16.08
C SER D 897 2.51 11.51 15.05
N LYS D 898 2.88 12.78 14.85
CA LYS D 898 3.91 13.13 13.88
C LYS D 898 4.92 14.14 14.39
N ALA D 899 4.69 14.76 15.54
CA ALA D 899 5.65 15.70 16.10
C ALA D 899 5.41 15.80 17.60
N ILE D 900 6.41 16.31 18.31
CA ILE D 900 6.34 16.43 19.77
C ILE D 900 6.84 17.82 20.16
N LYS D 901 6.22 18.41 21.19
CA LYS D 901 6.63 19.68 21.73
C LYS D 901 6.86 19.53 23.23
N ILE D 902 8.00 20.01 23.71
CA ILE D 902 8.41 19.86 25.10
C ILE D 902 8.62 21.24 25.68
N PHE D 903 7.79 21.60 26.67
CA PHE D 903 7.93 22.85 27.40
C PHE D 903 8.56 22.53 28.75
N MET D 904 9.68 23.19 29.05
CA MET D 904 10.36 23.01 30.34
C MET D 904 10.73 24.39 30.85
N GLY D 905 10.10 24.81 31.95
CA GLY D 905 10.29 26.17 32.41
C GLY D 905 9.85 27.13 31.33
N ARG D 906 10.82 27.76 30.67
CA ARG D 906 10.56 28.60 29.51
C ARG D 906 11.11 28.04 28.22
N THR D 907 12.06 27.12 28.26
CA THR D 907 12.61 26.52 27.05
C THR D 907 11.55 25.68 26.35
N GLU D 908 11.63 25.61 25.01
CA GLU D 908 10.69 24.81 24.23
C GLU D 908 11.48 24.03 23.18
N LEU D 909 11.56 22.71 23.34
CA LEU D 909 12.11 21.87 22.30
C LEU D 909 10.98 21.37 21.41
N LYS D 910 11.32 21.08 20.15
CA LYS D 910 10.36 20.48 19.24
C LYS D 910 11.05 19.36 18.49
N LEU D 911 10.48 18.16 18.60
CA LEU D 911 10.95 16.99 17.88
C LEU D 911 10.09 16.86 16.63
N GLU D 912 10.73 16.94 15.47
CA GLU D 912 10.00 17.07 14.21
C GLU D 912 10.97 16.82 13.05
N ASP D 913 10.45 16.23 11.98
CA ASP D 913 11.22 15.97 10.77
C ASP D 913 12.57 15.36 11.11
N LYS D 914 12.55 14.32 11.94
CA LYS D 914 13.75 13.56 12.29
C LYS D 914 14.83 14.42 12.91
N HIS D 915 14.46 15.47 13.64
CA HIS D 915 15.45 16.34 14.25
C HIS D 915 14.85 17.05 15.47
N ARG D 916 15.75 17.60 16.29
CA ARG D 916 15.38 18.40 17.44
C ARG D 916 15.69 19.86 17.17
N VAL D 917 14.71 20.73 17.43
CA VAL D 917 14.84 22.16 17.18
C VAL D 917 14.55 22.90 18.47
N VAL D 918 15.44 23.80 18.85
CA VAL D 918 15.31 24.59 20.08
C VAL D 918 14.54 25.86 19.77
N ILE D 919 13.74 26.32 20.74
CA ILE D 919 12.93 27.53 20.58
C ILE D 919 12.80 28.20 21.93
N GLN D 920 12.80 29.53 21.92
CA GLN D 920 12.53 30.35 23.11
C GLN D 920 13.44 29.91 24.27
N ARG D 921 14.69 29.66 23.92
CA ARG D 921 15.69 29.30 24.91
C ARG D 921 15.84 30.44 25.89
N ASP D 922 15.67 30.15 27.18
CA ASP D 922 15.59 31.20 28.19
C ASP D 922 16.96 31.78 28.47
N GLU D 923 16.97 33.02 28.99
CA GLU D 923 18.18 33.83 29.01
C GLU D 923 19.28 33.20 29.87
N GLY D 924 18.98 32.83 31.12
CA GLY D 924 20.03 32.39 32.02
C GLY D 924 19.66 31.24 32.93
N HIS D 925 18.43 30.74 32.82
CA HIS D 925 18.04 29.56 33.60
C HIS D 925 18.51 28.29 32.91
N HIS D 926 18.02 28.05 31.69
CA HIS D 926 18.46 26.95 30.82
C HIS D 926 18.59 25.65 31.62
N VAL D 927 17.45 25.19 32.12
CA VAL D 927 17.38 23.94 32.86
C VAL D 927 18.17 22.89 32.10
N ALA D 928 19.10 22.24 32.78
CA ALA D 928 20.04 21.34 32.12
C ALA D 928 19.28 20.21 31.44
N TYR D 929 19.44 20.09 30.13
CA TYR D 929 18.89 18.99 29.35
C TYR D 929 19.94 18.49 28.37
N THR D 930 19.75 17.25 27.92
CA THR D 930 20.74 16.59 27.06
C THR D 930 20.03 15.80 26.00
N THR D 931 20.45 15.98 24.76
CA THR D 931 19.89 15.28 23.60
C THR D 931 20.99 14.43 22.99
N ARG D 932 20.66 13.17 22.69
CA ARG D 932 21.62 12.30 22.02
C ARG D 932 20.86 11.21 21.27
N GLU D 933 21.60 10.42 20.50
CA GLU D 933 21.02 9.42 19.62
C GLU D 933 21.58 8.05 19.98
N VAL D 934 20.70 7.12 20.34
CA VAL D 934 21.09 5.80 20.79
C VAL D 934 20.41 4.80 19.87
N GLY D 935 21.20 3.98 19.18
CA GLY D 935 20.63 3.06 18.22
C GLY D 935 19.84 3.81 17.17
N GLN D 936 18.62 3.37 16.92
CA GLN D 936 17.73 4.04 15.98
C GLN D 936 16.87 5.11 16.65
N TYR D 937 17.01 5.30 17.95
CA TYR D 937 16.14 6.20 18.71
C TYR D 937 16.86 7.48 19.07
N LEU D 938 16.08 8.51 19.35
CA LEU D 938 16.56 9.80 19.81
C LEU D 938 16.07 10.00 21.24
N VAL D 939 17.00 10.32 22.13
CA VAL D 939 16.74 10.34 23.56
C VAL D 939 16.99 11.75 24.08
N VAL D 940 16.01 12.29 24.80
CA VAL D 940 16.13 13.58 25.47
C VAL D 940 15.92 13.38 26.96
N GLU D 941 16.84 13.91 27.76
CA GLU D 941 16.79 13.75 29.20
C GLU D 941 16.95 15.10 29.89
N SER D 942 16.12 15.35 30.89
CA SER D 942 16.14 16.59 31.64
C SER D 942 16.62 16.33 33.06
N SER D 943 17.43 17.25 33.57
CA SER D 943 18.01 17.08 34.90
C SER D 943 16.96 17.02 35.98
N THR D 944 15.74 17.51 35.72
CA THR D 944 14.68 17.48 36.71
C THR D 944 14.05 16.12 36.88
N GLY D 945 14.24 15.20 35.95
CA GLY D 945 13.71 13.86 36.05
C GLY D 945 12.72 13.45 34.97
N ILE D 946 12.82 13.99 33.77
CA ILE D 946 11.93 13.65 32.66
C ILE D 946 12.77 13.07 31.54
N ILE D 947 12.26 12.06 30.85
CA ILE D 947 12.96 11.45 29.73
C ILE D 947 11.95 11.18 28.62
N VAL D 948 12.36 11.44 27.38
CA VAL D 948 11.53 11.18 26.21
C VAL D 948 12.35 10.41 25.20
N ILE D 949 11.81 9.29 24.72
CA ILE D 949 12.45 8.43 23.75
C ILE D 949 11.58 8.40 22.50
N TRP D 950 12.16 8.72 21.35
CA TRP D 950 11.40 8.94 20.13
C TRP D 950 12.08 8.18 18.99
N ASP D 951 11.32 7.33 18.30
CA ASP D 951 11.88 6.47 17.26
C ASP D 951 11.91 7.16 15.90
N LYS D 952 11.53 8.44 15.84
CA LYS D 952 11.58 9.30 14.66
C LYS D 952 10.43 9.07 13.68
N ARG D 953 9.55 8.09 13.90
CA ARG D 953 8.40 7.92 13.01
C ARG D 953 7.07 8.14 13.75
N THR D 954 6.72 7.29 14.70
CA THR D 954 5.48 7.49 15.46
C THR D 954 5.55 7.11 16.92
N THR D 955 6.54 6.35 17.37
CA THR D 955 6.54 5.77 18.71
C THR D 955 7.18 6.73 19.69
N VAL D 956 6.58 6.86 20.87
CA VAL D 956 7.08 7.75 21.92
C VAL D 956 6.94 7.06 23.27
N PHE D 957 8.01 7.14 24.07
CA PHE D 957 7.99 6.69 25.45
C PHE D 957 8.33 7.87 26.34
N ILE D 958 7.47 8.18 27.29
CA ILE D 958 7.74 9.20 28.29
C ILE D 958 8.00 8.52 29.63
N LYS D 959 9.15 8.80 30.21
CA LYS D 959 9.54 8.23 31.49
C LYS D 959 9.69 9.34 32.52
N LEU D 960 9.06 9.13 33.67
CA LEU D 960 9.01 10.13 34.74
C LEU D 960 9.61 9.57 36.01
N ALA D 961 10.29 10.44 36.76
CA ALA D 961 10.86 10.08 38.03
C ALA D 961 9.76 9.69 39.02
N PRO D 962 10.12 9.13 40.18
CA PRO D 962 9.09 8.81 41.17
C PRO D 962 8.68 10.01 42.01
N SER D 963 9.43 11.11 41.90
CA SER D 963 9.09 12.33 42.60
C SER D 963 7.85 13.01 42.03
N TYR D 964 7.44 12.65 40.82
CA TYR D 964 6.24 13.21 40.19
C TYR D 964 5.03 12.32 40.41
N LYS D 965 4.97 11.61 41.54
CA LYS D 965 3.91 10.64 41.77
C LYS D 965 2.62 11.35 42.15
N GLY D 966 1.53 11.01 41.46
CA GLY D 966 0.25 11.61 41.76
C GLY D 966 0.20 13.12 41.60
N THR D 967 0.96 13.66 40.65
CA THR D 967 1.01 15.10 40.42
C THR D 967 1.01 15.45 38.94
N VAL D 968 0.36 14.63 38.12
CA VAL D 968 0.30 14.86 36.68
C VAL D 968 -1.14 14.59 36.23
N CYS D 969 -1.44 15.05 35.01
CA CYS D 969 -2.73 14.79 34.38
C CYS D 969 -2.55 14.92 32.88
N GLY D 970 -3.44 14.29 32.13
CA GLY D 970 -3.37 14.23 30.69
C GLY D 970 -3.70 12.85 30.21
N LEU D 971 -3.42 12.61 28.92
CA LEU D 971 -3.76 11.33 28.29
C LEU D 971 -3.04 10.15 28.91
N CYS D 972 -1.97 10.38 29.67
CA CYS D 972 -1.19 9.29 30.27
C CYS D 972 -1.60 8.99 31.70
N GLY D 973 -2.76 9.46 32.14
CA GLY D 973 -3.19 9.23 33.51
C GLY D 973 -2.38 10.05 34.50
N ASN D 974 -2.65 9.81 35.78
CA ASN D 974 -2.07 10.62 36.85
C ASN D 974 -1.02 9.88 37.67
N PHE D 975 -0.53 8.74 37.21
CA PHE D 975 0.66 8.09 37.79
C PHE D 975 0.54 7.97 39.31
N ASP D 976 -0.45 7.18 39.75
CA ASP D 976 -0.76 7.06 41.17
C ASP D 976 -0.88 5.60 41.62
N HIS D 977 -0.44 4.65 40.80
CA HIS D 977 -0.55 3.23 41.13
CA HIS D 977 -0.54 3.23 41.13
C HIS D 977 -2.00 2.83 41.38
N ARG D 978 -2.91 3.32 40.54
CA ARG D 978 -4.33 3.01 40.66
C ARG D 978 -4.97 3.31 39.32
N SER D 979 -5.52 2.29 38.67
CA SER D 979 -5.91 2.39 37.26
C SER D 979 -7.41 2.50 37.05
N ASN D 980 -8.19 2.75 38.10
CA ASN D 980 -9.62 2.94 37.96
C ASN D 980 -10.03 4.41 37.96
N ASN D 981 -9.07 5.32 37.90
CA ASN D 981 -9.35 6.75 37.90
C ASN D 981 -8.58 7.49 36.82
N ASP D 982 -7.86 6.77 35.95
CA ASP D 982 -7.03 7.43 34.95
C ASP D 982 -7.87 8.17 33.91
N PHE D 983 -9.15 7.86 33.79
CA PHE D 983 -10.02 8.61 32.88
C PHE D 983 -10.57 9.85 33.56
N THR D 984 -9.66 10.70 34.04
CA THR D 984 -10.03 11.95 34.68
C THR D 984 -9.94 13.08 33.66
N THR D 985 -11.09 13.70 33.36
CA THR D 985 -11.15 14.74 32.34
C THR D 985 -10.45 16.00 32.84
N ARG D 986 -10.47 17.04 31.99
CA ARG D 986 -9.79 18.28 32.35
C ARG D 986 -10.41 18.95 33.55
N ASP D 987 -11.67 18.63 33.86
CA ASP D 987 -12.41 19.27 34.95
C ASP D 987 -12.58 18.35 36.15
N HIS D 988 -11.75 17.31 36.27
CA HIS D 988 -11.69 16.47 37.46
C HIS D 988 -12.97 15.64 37.61
N MET D 989 -13.45 15.09 36.49
CA MET D 989 -14.55 14.14 36.50
C MET D 989 -14.03 12.80 36.00
N VAL D 990 -14.54 11.72 36.57
CA VAL D 990 -14.18 10.37 36.14
C VAL D 990 -15.29 9.85 35.24
N VAL D 991 -14.95 9.59 33.99
CA VAL D 991 -15.93 9.13 33.00
C VAL D 991 -15.60 7.68 32.63
N SER D 992 -16.50 7.08 31.84
CA SER D 992 -16.38 5.69 31.44
C SER D 992 -16.16 5.50 29.95
N SER D 993 -16.18 6.58 29.16
CA SER D 993 -16.03 6.49 27.72
C SER D 993 -14.67 7.01 27.30
N GLU D 994 -14.00 6.27 26.42
CA GLU D 994 -12.71 6.71 25.88
C GLU D 994 -12.84 8.03 25.12
N LEU D 995 -13.88 8.18 24.30
CA LEU D 995 -14.06 9.36 23.49
C LEU D 995 -14.41 10.61 24.30
N ASP D 996 -14.94 10.44 25.51
CA ASP D 996 -15.20 11.57 26.38
C ASP D 996 -13.95 12.00 27.13
N PHE D 997 -13.11 11.05 27.55
CA PHE D 997 -11.86 11.39 28.22
C PHE D 997 -10.87 11.99 27.22
N GLY D 998 -10.86 11.48 25.98
CA GLY D 998 -9.96 12.03 24.99
C GLY D 998 -10.32 13.43 24.54
N ASN D 999 -11.60 13.66 24.22
CA ASN D 999 -12.02 14.93 23.65
C ASN D 999 -11.83 16.11 24.58
N SER D 1000 -11.64 15.87 25.88
CA SER D 1000 -11.54 16.96 26.85
C SER D 1000 -10.13 17.51 26.98
N TRP D 1001 -9.13 16.88 26.38
CA TRP D 1001 -7.75 17.30 26.51
C TRP D 1001 -7.21 17.95 25.24
N LYS D 1002 -8.06 18.23 24.26
CA LYS D 1002 -7.61 18.96 23.09
C LYS D 1002 -7.21 20.37 23.49
N GLU D 1003 -6.30 20.96 22.70
CA GLU D 1003 -5.77 22.28 23.02
C GLU D 1003 -6.57 23.40 22.37
N ALA D 1004 -6.86 23.29 21.08
CA ALA D 1004 -7.62 24.35 20.43
C ALA D 1004 -9.11 24.09 20.52
N PRO D 1005 -9.91 25.01 21.07
CA PRO D 1005 -11.35 24.74 21.20
C PRO D 1005 -12.04 24.42 19.89
N THR D 1006 -11.57 24.97 18.76
CA THR D 1006 -12.22 24.78 17.48
C THR D 1006 -11.99 23.39 16.89
N CYS D 1007 -11.08 22.60 17.45
CA CYS D 1007 -10.85 21.26 16.93
C CYS D 1007 -12.12 20.43 17.07
N PRO D 1008 -12.42 19.55 16.11
CA PRO D 1008 -13.64 18.76 16.19
C PRO D 1008 -13.55 17.70 17.28
N ASP D 1009 -14.69 17.05 17.52
CA ASP D 1009 -14.80 15.99 18.52
C ASP D 1009 -14.96 14.65 17.85
N VAL D 1010 -14.19 13.67 18.31
CA VAL D 1010 -14.24 12.31 17.77
C VAL D 1010 -15.53 11.65 18.22
N SER D 1011 -16.21 10.98 17.31
CA SER D 1011 -17.49 10.34 17.60
C SER D 1011 -17.42 8.82 17.58
N THR D 1012 -16.48 8.23 16.84
CA THR D 1012 -16.42 6.78 16.74
C THR D 1012 -14.99 6.37 16.40
N ASN D 1013 -14.69 5.10 16.68
CA ASN D 1013 -13.39 4.53 16.32
C ASN D 1013 -13.53 3.71 15.03
N PRO D 1014 -12.94 4.15 13.93
CA PRO D 1014 -13.09 3.39 12.68
C PRO D 1014 -12.42 2.02 12.77
N GLU D 1015 -12.87 1.13 11.89
CA GLU D 1015 -12.33 -0.22 11.78
C GLU D 1015 -11.59 -0.35 10.46
N PRO D 1016 -10.26 -0.28 10.45
CA PRO D 1016 -9.55 -0.29 9.16
C PRO D 1016 -9.79 -1.55 8.35
N CYS D 1017 -9.58 -2.73 8.92
CA CYS D 1017 -9.70 -3.96 8.15
C CYS D 1017 -11.11 -4.20 7.64
N SER D 1018 -12.11 -3.51 8.17
CA SER D 1018 -13.47 -3.60 7.65
C SER D 1018 -13.73 -2.63 6.50
N LEU D 1019 -13.06 -1.48 6.50
CA LEU D 1019 -13.18 -0.53 5.40
C LEU D 1019 -12.27 -0.83 4.23
N ASN D 1020 -11.29 -1.73 4.41
CA ASN D 1020 -10.36 -2.11 3.35
C ASN D 1020 -10.28 -3.63 3.33
N PRO D 1021 -11.35 -4.31 2.90
CA PRO D 1021 -11.34 -5.78 2.93
C PRO D 1021 -10.22 -6.40 2.13
N HIS D 1022 -9.85 -5.83 0.99
CA HIS D 1022 -8.87 -6.44 0.11
C HIS D 1022 -7.46 -6.45 0.70
N ARG D 1023 -7.19 -5.62 1.70
CA ARG D 1023 -5.88 -5.59 2.35
C ARG D 1023 -5.78 -6.54 3.53
N ARG D 1024 -6.88 -7.18 3.93
CA ARG D 1024 -6.86 -8.02 5.11
C ARG D 1024 -5.95 -9.23 4.92
N SER D 1025 -6.12 -9.95 3.81
CA SER D 1025 -5.39 -11.20 3.61
C SER D 1025 -3.88 -11.00 3.79
N TRP D 1026 -3.33 -9.93 3.20
CA TRP D 1026 -1.90 -9.67 3.38
C TRP D 1026 -1.59 -9.38 4.85
N ALA D 1027 -2.36 -8.49 5.48
CA ALA D 1027 -2.04 -8.07 6.84
C ALA D 1027 -2.06 -9.24 7.81
N GLU D 1028 -3.07 -10.10 7.72
CA GLU D 1028 -3.15 -11.25 8.60
C GLU D 1028 -2.09 -12.30 8.30
N LYS D 1029 -1.41 -12.21 7.15
CA LYS D 1029 -0.37 -13.17 6.82
C LYS D 1029 1.01 -12.72 7.33
N GLN D 1030 1.33 -11.44 7.15
CA GLN D 1030 2.63 -10.95 7.61
C GLN D 1030 2.69 -10.85 9.13
N CYS D 1031 1.62 -10.35 9.74
CA CYS D 1031 1.59 -10.16 11.19
C CYS D 1031 1.59 -11.49 11.96
N SER D 1032 1.34 -12.60 11.30
CA SER D 1032 1.29 -13.90 11.97
C SER D 1032 2.66 -14.35 12.46
N ILE D 1033 3.74 -13.67 12.05
CA ILE D 1033 5.06 -14.04 12.52
C ILE D 1033 5.15 -13.91 14.03
N LEU D 1034 4.37 -13.01 14.62
CA LEU D 1034 4.40 -12.86 16.07
C LEU D 1034 4.01 -14.15 16.78
N LYS D 1035 3.04 -14.88 16.21
CA LYS D 1035 2.54 -16.11 16.79
C LYS D 1035 3.30 -17.35 16.31
N SER D 1036 4.26 -17.18 15.41
CA SER D 1036 4.99 -18.29 14.81
C SER D 1036 6.05 -18.79 15.80
N SER D 1037 6.81 -19.78 15.36
CA SER D 1037 7.85 -20.37 16.19
C SER D 1037 9.07 -19.47 16.34
N VAL D 1038 9.19 -18.43 15.53
CA VAL D 1038 10.35 -17.54 15.62
C VAL D 1038 10.42 -16.91 17.00
N PHE D 1039 9.27 -16.49 17.54
CA PHE D 1039 9.19 -15.87 18.85
C PHE D 1039 8.75 -16.86 19.93
N SER D 1040 9.14 -18.13 19.81
CA SER D 1040 8.75 -19.13 20.78
C SER D 1040 9.34 -18.89 22.16
N ILE D 1041 10.53 -18.31 22.25
CA ILE D 1041 11.14 -18.05 23.54
C ILE D 1041 10.35 -17.00 24.32
N CYS D 1042 9.78 -16.02 23.62
CA CYS D 1042 9.13 -14.88 24.26
C CYS D 1042 7.66 -15.12 24.59
N HIS D 1043 7.07 -16.22 24.14
CA HIS D 1043 5.64 -16.43 24.31
C HIS D 1043 5.24 -16.52 25.78
N SER D 1044 6.12 -17.02 26.65
CA SER D 1044 5.82 -17.17 28.06
C SER D 1044 6.22 -15.95 28.89
N LYS D 1045 6.75 -14.90 28.26
CA LYS D 1045 7.20 -13.72 28.96
C LYS D 1045 6.47 -12.44 28.55
N VAL D 1046 5.81 -12.43 27.40
CA VAL D 1046 4.98 -11.31 26.98
C VAL D 1046 3.78 -11.87 26.23
N ASP D 1047 2.60 -11.39 26.57
CA ASP D 1047 1.39 -11.83 25.88
C ASP D 1047 1.33 -11.16 24.51
N PRO D 1048 1.33 -11.90 23.41
CA PRO D 1048 1.42 -11.27 22.09
C PRO D 1048 0.11 -10.76 21.53
N LYS D 1049 -1.03 -11.17 22.07
CA LYS D 1049 -2.31 -10.81 21.47
C LYS D 1049 -2.49 -9.31 21.28
N PRO D 1050 -2.25 -8.45 22.27
CA PRO D 1050 -2.42 -7.01 22.05
C PRO D 1050 -1.46 -6.44 21.03
N PHE D 1051 -0.34 -7.10 20.76
CA PHE D 1051 0.57 -6.67 19.70
C PHE D 1051 0.17 -7.22 18.34
N TYR D 1052 -0.34 -8.45 18.30
CA TYR D 1052 -0.90 -8.97 17.05
C TYR D 1052 -2.05 -8.10 16.56
N GLU D 1053 -2.94 -7.72 17.47
CA GLU D 1053 -4.04 -6.86 17.08
C GLU D 1053 -3.54 -5.51 16.57
N ALA D 1054 -2.53 -4.94 17.23
CA ALA D 1054 -1.98 -3.67 16.77
C ALA D 1054 -1.37 -3.82 15.37
N CYS D 1055 -0.64 -4.90 15.14
CA CYS D 1055 -0.04 -5.11 13.82
C CYS D 1055 -1.11 -5.20 12.74
N VAL D 1056 -2.14 -6.01 12.98
CA VAL D 1056 -3.21 -6.16 11.98
C VAL D 1056 -3.92 -4.83 11.78
N HIS D 1057 -4.21 -4.10 12.87
CA HIS D 1057 -4.91 -2.83 12.76
C HIS D 1057 -4.11 -1.82 11.97
N ASP D 1058 -2.79 -1.77 12.18
CA ASP D 1058 -1.96 -0.82 11.46
C ASP D 1058 -1.82 -1.18 9.98
N SER D 1059 -1.56 -2.46 9.68
CA SER D 1059 -1.34 -2.86 8.30
C SER D 1059 -2.56 -2.63 7.41
N CYS D 1060 -3.78 -2.70 7.96
CA CYS D 1060 -4.98 -2.46 7.16
C CYS D 1060 -5.18 -0.98 6.85
N SER D 1061 -4.44 -0.08 7.50
CA SER D 1061 -4.72 1.35 7.42
C SER D 1061 -3.73 2.12 6.56
N CYS D 1062 -2.47 1.69 6.49
CA CYS D 1062 -1.46 2.40 5.71
C CYS D 1062 -1.68 2.14 4.22
N ASP D 1063 -2.74 2.76 3.70
CA ASP D 1063 -3.17 2.55 2.33
C ASP D 1063 -2.96 3.76 1.44
N THR D 1064 -1.92 4.55 1.68
CA THR D 1064 -1.56 5.66 0.79
C THR D 1064 -0.08 5.68 0.45
N GLY D 1065 0.68 4.66 0.81
CA GLY D 1065 2.08 4.60 0.47
C GLY D 1065 2.94 4.11 1.62
N GLY D 1066 4.00 3.38 1.31
CA GLY D 1066 4.99 3.00 2.30
C GLY D 1066 4.43 2.15 3.43
N ASP D 1067 3.69 1.10 3.10
CA ASP D 1067 3.09 0.23 4.12
C ASP D 1067 4.04 -0.84 4.63
N CYS D 1068 5.26 -0.93 4.10
CA CYS D 1068 6.26 -1.80 4.67
C CYS D 1068 6.99 -1.16 5.83
N GLU D 1069 6.68 0.10 6.15
CA GLU D 1069 7.27 0.78 7.29
C GLU D 1069 6.35 0.78 8.50
N CYS D 1070 5.05 0.59 8.27
CA CYS D 1070 4.10 0.45 9.38
C CYS D 1070 4.24 -0.93 10.04
N PHE D 1071 4.71 -1.92 9.29
CA PHE D 1071 4.74 -3.30 9.77
C PHE D 1071 6.01 -3.59 10.57
N CYS D 1072 7.15 -3.14 10.07
CA CYS D 1072 8.41 -3.38 10.77
C CYS D 1072 8.42 -2.72 12.14
N SER D 1073 7.92 -1.49 12.27
CA SER D 1073 7.84 -0.86 13.58
C SER D 1073 6.91 -1.63 14.52
N ALA D 1074 5.78 -2.10 14.00
CA ALA D 1074 4.86 -2.88 14.83
C ALA D 1074 5.53 -4.13 15.39
N VAL D 1075 6.27 -4.86 14.55
CA VAL D 1075 6.97 -6.05 15.03
C VAL D 1075 8.12 -5.68 15.98
N ALA D 1076 8.85 -4.61 15.69
CA ALA D 1076 9.93 -4.15 16.55
C ALA D 1076 9.45 -3.76 17.94
N SER D 1077 8.24 -3.22 18.05
CA SER D 1077 7.72 -2.89 19.37
C SER D 1077 7.65 -4.12 20.26
N TYR D 1078 7.17 -5.24 19.72
CA TYR D 1078 7.10 -6.47 20.51
C TYR D 1078 8.48 -7.07 20.74
N ALA D 1079 9.33 -7.07 19.71
CA ALA D 1079 10.69 -7.56 19.91
C ALA D 1079 11.43 -6.79 20.99
N GLN D 1080 11.19 -5.49 21.11
CA GLN D 1080 11.85 -4.70 22.15
C GLN D 1080 11.44 -5.16 23.54
N GLU D 1081 10.15 -5.43 23.76
CA GLU D 1081 9.72 -5.94 25.05
C GLU D 1081 10.30 -7.32 25.31
N CYS D 1082 10.34 -8.18 24.30
CA CYS D 1082 10.96 -9.49 24.48
C CYS D 1082 12.41 -9.34 24.93
N THR D 1083 13.14 -8.40 24.32
CA THR D 1083 14.49 -8.11 24.79
C THR D 1083 14.48 -7.61 26.23
N LYS D 1084 13.56 -6.70 26.55
CA LYS D 1084 13.52 -6.07 27.86
C LYS D 1084 13.30 -7.08 28.97
N GLU D 1085 12.52 -8.14 28.72
CA GLU D 1085 12.26 -9.15 29.74
C GLU D 1085 13.31 -10.25 29.78
N GLY D 1086 14.29 -10.23 28.90
CA GLY D 1086 15.35 -11.21 28.90
C GLY D 1086 15.33 -12.23 27.78
N ALA D 1087 14.78 -11.88 26.61
CA ALA D 1087 14.73 -12.78 25.46
C ALA D 1087 15.25 -12.02 24.25
N CYS D 1088 16.52 -12.23 23.93
CA CYS D 1088 17.14 -11.56 22.78
C CYS D 1088 16.93 -12.41 21.54
N VAL D 1089 16.08 -11.94 20.63
CA VAL D 1089 15.67 -12.70 19.45
C VAL D 1089 16.13 -11.98 18.20
N PHE D 1090 16.62 -12.74 17.23
CA PHE D 1090 17.14 -12.22 15.97
C PHE D 1090 16.14 -12.57 14.87
N TRP D 1091 15.35 -11.59 14.44
CA TRP D 1091 14.24 -11.83 13.54
C TRP D 1091 14.37 -11.21 12.16
N ARG D 1092 15.30 -10.29 11.96
CA ARG D 1092 15.47 -9.65 10.66
C ARG D 1092 16.20 -10.57 9.69
N THR D 1093 15.75 -10.57 8.44
CA THR D 1093 16.35 -11.34 7.36
C THR D 1093 16.42 -10.48 6.11
N PRO D 1094 17.28 -10.83 5.16
CA PRO D 1094 17.42 -10.01 3.95
C PRO D 1094 16.14 -9.83 3.16
N ASP D 1095 15.06 -10.54 3.50
CA ASP D 1095 13.78 -10.39 2.84
C ASP D 1095 12.70 -9.82 3.74
N LEU D 1096 12.96 -9.70 5.04
CA LEU D 1096 11.97 -9.25 6.02
C LEU D 1096 12.58 -8.10 6.82
N CYS D 1097 12.16 -6.87 6.51
CA CYS D 1097 12.59 -5.69 7.23
C CYS D 1097 14.11 -5.62 7.34
N PRO D 1098 14.83 -5.55 6.22
CA PRO D 1098 16.28 -5.47 6.27
C PRO D 1098 16.78 -4.16 6.86
N ILE D 1099 17.99 -4.20 7.41
CA ILE D 1099 18.64 -3.04 7.99
C ILE D 1099 20.02 -2.92 7.40
N PHE D 1100 20.43 -1.67 7.13
CA PHE D 1100 21.63 -1.37 6.35
C PHE D 1100 22.60 -0.60 7.23
N CYS D 1101 23.43 -1.33 7.99
CA CYS D 1101 24.32 -0.73 8.97
C CYS D 1101 25.68 -0.33 8.40
N ASP D 1102 26.32 -1.18 7.61
CA ASP D 1102 27.67 -0.91 7.11
C ASP D 1102 27.73 0.33 6.24
N TYR D 1103 26.59 0.98 5.96
CA TYR D 1103 26.59 2.26 5.29
C TYR D 1103 27.49 3.27 6.01
N TYR D 1104 27.53 3.21 7.33
CA TYR D 1104 28.28 4.17 8.12
C TYR D 1104 29.79 3.88 8.16
N ASN D 1105 30.21 2.69 7.76
CA ASN D 1105 31.61 2.34 7.89
C ASN D 1105 32.48 3.20 6.97
N PRO D 1106 33.71 3.48 7.36
CA PRO D 1106 34.68 4.02 6.41
C PRO D 1106 34.84 3.10 5.22
N PRO D 1107 35.58 3.50 4.18
CA PRO D 1107 35.49 2.83 2.87
C PRO D 1107 35.36 1.31 2.96
N HIS D 1108 36.35 0.63 3.55
CA HIS D 1108 36.21 -0.82 3.73
C HIS D 1108 36.80 -1.32 5.04
N GLU D 1109 36.79 -0.51 6.10
CA GLU D 1109 37.09 -0.99 7.44
C GLU D 1109 35.77 -1.27 8.15
N CYS D 1110 35.66 -2.43 8.77
CA CYS D 1110 34.39 -2.93 9.28
C CYS D 1110 34.36 -2.72 10.79
N GLU D 1111 33.61 -1.70 11.23
CA GLU D 1111 33.52 -1.35 12.64
C GLU D 1111 32.10 -1.16 13.14
N TRP D 1112 31.13 -0.88 12.26
CA TRP D 1112 29.73 -0.80 12.65
C TRP D 1112 29.08 -2.17 12.46
N HIS D 1113 28.31 -2.61 13.45
CA HIS D 1113 27.61 -3.88 13.37
C HIS D 1113 26.19 -3.74 13.92
N TYR D 1114 25.27 -4.47 13.30
CA TYR D 1114 23.88 -4.50 13.77
C TYR D 1114 23.83 -5.30 15.07
N GLU D 1115 23.43 -4.65 16.16
CA GLU D 1115 23.36 -5.34 17.44
C GLU D 1115 21.91 -5.72 17.68
N PRO D 1116 21.55 -7.00 17.66
CA PRO D 1116 20.12 -7.35 17.70
C PRO D 1116 19.39 -6.85 18.93
N CYS D 1117 20.06 -6.79 20.09
CA CYS D 1117 19.39 -6.36 21.31
C CYS D 1117 20.26 -5.46 22.19
N GLY D 1118 21.22 -4.75 21.60
CA GLY D 1118 21.83 -3.59 22.23
C GLY D 1118 22.62 -3.84 23.50
N ASN D 1119 22.72 -5.09 23.95
CA ASN D 1119 23.39 -5.39 25.21
C ASN D 1119 24.89 -5.26 25.00
N ARG D 1120 25.34 -4.01 24.93
CA ARG D 1120 26.76 -3.70 24.80
C ARG D 1120 27.02 -2.31 25.36
N SER D 1121 27.99 -2.21 26.26
CA SER D 1121 28.36 -0.96 26.91
C SER D 1121 29.81 -0.65 26.54
N PHE D 1122 30.03 0.47 25.86
CA PHE D 1122 31.35 0.92 25.46
C PHE D 1122 31.61 2.31 26.01
N GLU D 1123 32.73 2.89 25.59
CA GLU D 1123 33.23 4.14 26.17
C GLU D 1123 33.02 5.29 25.19
N THR D 1124 32.11 6.20 25.53
CA THR D 1124 31.95 7.46 24.81
C THR D 1124 32.75 8.54 25.51
N CYS D 1125 32.86 9.73 24.90
CA CYS D 1125 33.59 10.81 25.53
C CYS D 1125 32.74 11.60 26.51
N ARG D 1126 31.47 11.24 26.67
CA ARG D 1126 30.67 11.76 27.78
C ARG D 1126 30.97 10.97 29.07
N THR D 1127 30.74 9.66 29.02
CA THR D 1127 30.99 8.83 30.19
C THR D 1127 32.45 8.81 30.61
N ILE D 1128 33.38 9.10 29.69
CA ILE D 1128 34.79 9.15 30.05
C ILE D 1128 35.08 10.26 31.05
N ASN D 1129 34.19 11.24 31.17
CA ASN D 1129 34.36 12.36 32.08
C ASN D 1129 33.35 12.31 33.22
N GLY D 1130 32.82 11.12 33.50
CA GLY D 1130 31.95 10.90 34.63
C GLY D 1130 30.48 11.18 34.39
N ILE D 1131 30.10 11.68 33.22
CA ILE D 1131 28.71 11.97 32.93
C ILE D 1131 27.95 10.66 32.78
N HIS D 1132 26.82 10.53 33.48
CA HIS D 1132 26.01 9.33 33.44
C HIS D 1132 24.54 9.71 33.37
N SER D 1133 23.74 8.80 32.81
CA SER D 1133 22.29 8.96 32.79
C SER D 1133 21.69 8.51 34.12
N ASN D 1134 20.36 8.39 34.14
CA ASN D 1134 19.64 7.93 35.31
C ASN D 1134 18.74 6.74 35.03
N ILE D 1135 18.75 6.21 33.81
CA ILE D 1135 18.03 5.01 33.47
C ILE D 1135 18.90 4.16 32.56
N SER D 1136 18.48 2.91 32.34
CA SER D 1136 19.18 1.97 31.47
C SER D 1136 18.46 1.95 30.13
N VAL D 1137 19.19 2.27 29.05
CA VAL D 1137 18.66 2.21 27.70
C VAL D 1137 19.45 1.17 26.92
N SER D 1138 19.87 0.11 27.61
CA SER D 1138 20.69 -0.94 27.02
C SER D 1138 19.85 -2.00 26.30
N TYR D 1139 18.62 -1.66 25.94
CA TYR D 1139 17.75 -2.59 25.21
C TYR D 1139 17.14 -1.94 23.96
N LEU D 1140 17.87 -1.03 23.32
CA LEU D 1140 17.37 -0.33 22.14
C LEU D 1140 18.08 -0.88 20.90
N GLU D 1141 17.29 -1.27 19.89
CA GLU D 1141 17.84 -1.89 18.69
C GLU D 1141 18.58 -0.86 17.85
N GLY D 1142 19.51 -1.34 17.04
CA GLY D 1142 20.16 -0.48 16.06
C GLY D 1142 21.54 -0.99 15.69
N CYS D 1143 22.28 -0.11 15.02
CA CYS D 1143 23.65 -0.36 14.63
C CYS D 1143 24.57 0.32 15.66
N TYR D 1144 25.60 -0.40 16.10
CA TYR D 1144 26.50 0.13 17.10
C TYR D 1144 27.96 0.07 16.61
N PRO D 1145 28.82 0.94 17.13
CA PRO D 1145 30.23 0.89 16.74
C PRO D 1145 30.99 -0.18 17.51
N ARG D 1146 32.16 -0.52 16.96
CA ARG D 1146 33.12 -1.42 17.61
C ARG D 1146 34.52 -0.83 17.47
N CYS D 1147 34.65 0.44 17.85
CA CYS D 1147 35.84 1.25 17.63
C CYS D 1147 37.13 0.47 17.84
N PRO D 1148 38.17 0.75 17.06
CA PRO D 1148 39.40 -0.06 17.14
C PRO D 1148 40.19 0.20 18.41
N LYS D 1149 41.37 -0.41 18.53
CA LYS D 1149 42.18 -0.35 19.74
C LYS D 1149 43.23 0.74 19.69
N ASP D 1150 43.22 1.58 18.66
CA ASP D 1150 44.16 2.68 18.54
C ASP D 1150 43.51 4.04 18.72
N ARG D 1151 42.18 4.11 18.82
CA ARG D 1151 41.47 5.35 19.07
C ARG D 1151 40.11 5.01 19.66
N PRO D 1152 40.05 4.36 20.82
CA PRO D 1152 38.81 3.73 21.27
C PRO D 1152 37.89 4.62 22.10
N ILE D 1153 37.49 5.77 21.58
CA ILE D 1153 36.44 6.57 22.20
C ILE D 1153 35.46 6.99 21.12
N TYR D 1154 34.18 6.68 21.33
CA TYR D 1154 33.15 6.96 20.33
C TYR D 1154 32.56 8.33 20.61
N GLU D 1155 32.81 9.28 19.71
CA GLU D 1155 32.21 10.60 19.76
C GLU D 1155 30.85 10.52 19.06
N GLU D 1156 29.83 11.06 19.72
CA GLU D 1156 28.44 10.85 19.30
C GLU D 1156 27.98 11.87 18.27
N ASP D 1157 28.18 13.16 18.54
CA ASP D 1157 27.64 14.21 17.67
C ASP D 1157 28.27 14.20 16.28
N LEU D 1158 29.24 13.33 16.03
CA LEU D 1158 29.74 13.11 14.68
C LEU D 1158 29.77 11.64 14.30
N LYS D 1159 29.46 10.73 15.24
CA LYS D 1159 29.48 9.29 14.98
C LYS D 1159 30.87 8.86 14.49
N LYS D 1160 31.88 9.10 15.32
CA LYS D 1160 33.26 8.86 14.91
C LYS D 1160 34.06 8.22 16.03
N CYS D 1161 34.89 7.23 15.67
CA CYS D 1161 35.82 6.64 16.61
C CYS D 1161 37.10 7.47 16.62
N VAL D 1162 37.43 8.04 17.77
CA VAL D 1162 38.55 8.97 17.91
C VAL D 1162 39.31 8.67 19.20
N THR D 1163 40.47 9.29 19.31
CA THR D 1163 41.30 9.15 20.50
C THR D 1163 40.68 9.86 21.69
N ALA D 1164 41.12 9.48 22.89
CA ALA D 1164 40.55 10.04 24.11
C ALA D 1164 40.74 11.54 24.22
N ASP D 1165 41.69 12.12 23.49
CA ASP D 1165 41.97 13.54 23.60
C ASP D 1165 41.13 14.36 22.63
N LYS D 1166 41.00 13.92 21.38
CA LYS D 1166 40.32 14.68 20.35
C LYS D 1166 38.92 14.12 20.12
N CYS D 1167 38.02 14.38 21.08
CA CYS D 1167 36.63 13.94 20.97
C CYS D 1167 35.68 15.11 20.83
N GLY D 1168 35.63 16.01 21.81
CA GLY D 1168 34.69 17.11 21.75
C GLY D 1168 34.71 17.90 23.05
N CYS D 1169 33.80 18.87 23.13
CA CYS D 1169 33.79 19.85 24.22
C CYS D 1169 32.50 19.83 25.01
N TYR D 1170 31.34 19.73 24.35
CA TYR D 1170 30.06 19.50 25.00
C TYR D 1170 29.76 20.58 26.05
N VAL D 1171 29.56 21.80 25.55
CA VAL D 1171 29.16 22.94 26.38
C VAL D 1171 27.82 23.43 25.88
N GLU D 1172 26.89 23.64 26.82
CA GLU D 1172 25.55 24.14 26.50
C GLU D 1172 24.86 23.25 25.47
N ASP D 1173 25.06 21.93 25.60
CA ASP D 1173 24.46 20.95 24.70
C ASP D 1173 24.82 21.26 23.24
N THR D 1174 26.11 21.21 22.96
CA THR D 1174 26.62 21.41 21.61
C THR D 1174 28.04 20.90 21.54
N HIS D 1175 28.39 20.26 20.42
CA HIS D 1175 29.72 19.71 20.25
C HIS D 1175 30.59 20.68 19.45
N TYR D 1176 31.51 21.35 20.15
CA TYR D 1176 32.49 22.20 19.50
C TYR D 1176 33.73 21.38 19.20
N PRO D 1177 34.26 21.41 17.98
CA PRO D 1177 35.37 20.52 17.63
C PRO D 1177 36.56 20.73 18.56
N PRO D 1178 37.26 19.67 18.94
CA PRO D 1178 38.38 19.80 19.86
C PRO D 1178 39.54 20.59 19.24
N GLY D 1179 40.27 21.27 20.10
CA GLY D 1179 41.37 22.10 19.65
C GLY D 1179 40.90 23.22 18.74
N ALA D 1180 39.80 23.87 19.10
CA ALA D 1180 39.22 24.92 18.26
C ALA D 1180 38.57 25.96 19.14
N SER D 1181 38.30 27.13 18.54
CA SER D 1181 37.69 28.22 19.28
C SER D 1181 36.31 27.85 19.76
N VAL D 1182 35.95 28.37 20.93
CA VAL D 1182 34.67 28.07 21.59
C VAL D 1182 33.88 29.38 21.72
N PRO D 1183 32.82 29.58 20.95
CA PRO D 1183 31.96 30.74 21.18
C PRO D 1183 31.09 30.54 22.42
N THR D 1184 30.59 31.66 22.93
CA THR D 1184 29.76 31.63 24.12
C THR D 1184 28.91 32.90 24.16
N GLU D 1185 27.84 32.84 24.95
CA GLU D 1185 26.92 33.97 25.11
C GLU D 1185 27.28 34.85 26.30
N GLU D 1186 28.50 34.73 26.82
CA GLU D 1186 28.96 35.54 27.94
C GLU D 1186 29.62 36.81 27.43
N THR D 1187 29.88 37.72 28.36
CA THR D 1187 30.48 39.03 28.06
C THR D 1187 31.93 39.01 28.50
N CYS D 1188 32.82 39.44 27.60
CA CYS D 1188 34.26 39.56 27.82
C CYS D 1188 34.93 38.21 28.04
N LYS D 1189 34.19 37.10 27.99
CA LYS D 1189 34.72 35.77 28.31
C LYS D 1189 34.83 34.99 27.00
N SER D 1190 36.04 34.93 26.45
CA SER D 1190 36.29 34.05 25.32
C SER D 1190 36.63 32.65 25.83
N CYS D 1191 36.53 31.66 24.95
CA CYS D 1191 36.77 30.28 25.35
C CYS D 1191 37.43 29.54 24.21
N VAL D 1192 38.18 28.49 24.57
CA VAL D 1192 38.88 27.66 23.60
C VAL D 1192 38.93 26.24 24.14
N CYS D 1193 38.78 25.27 23.23
CA CYS D 1193 38.98 23.88 23.57
C CYS D 1193 40.45 23.51 23.41
N THR D 1194 41.06 23.10 24.51
CA THR D 1194 42.48 22.76 24.51
C THR D 1194 42.71 21.53 23.64
N ASN D 1195 43.98 21.15 23.50
CA ASN D 1195 44.34 19.94 22.77
C ASN D 1195 44.22 18.72 23.67
N SER D 1196 43.58 18.89 24.83
CA SER D 1196 43.38 17.79 25.76
C SER D 1196 41.92 17.59 26.14
N SER D 1197 40.99 17.91 25.23
CA SER D 1197 39.56 17.71 25.45
C SER D 1197 39.02 18.62 26.56
N GLN D 1198 39.73 19.70 26.88
CA GLN D 1198 39.32 20.60 27.94
C GLN D 1198 38.94 21.96 27.35
N VAL D 1199 37.78 22.45 27.76
CA VAL D 1199 37.32 23.78 27.39
C VAL D 1199 37.71 24.73 28.51
N VAL D 1200 38.49 25.76 28.17
CA VAL D 1200 38.96 26.73 29.14
C VAL D 1200 38.70 28.13 28.59
N CYS D 1201 38.29 29.03 29.48
CA CYS D 1201 37.91 30.37 29.11
C CYS D 1201 38.85 31.40 29.74
N ARG D 1202 38.95 32.55 29.07
CA ARG D 1202 39.81 33.64 29.46
C ARG D 1202 39.05 34.94 29.29
N PRO D 1203 39.18 35.88 30.23
CA PRO D 1203 38.58 37.20 30.03
C PRO D 1203 39.47 38.11 29.19
N GLU D 1204 38.84 39.11 28.59
CA GLU D 1204 39.53 40.09 27.76
C GLU D 1204 39.25 41.48 28.31
N GLU D 1205 40.30 42.23 28.60
CA GLU D 1205 40.18 43.57 29.18
C GLU D 1205 40.17 44.65 28.10
N GLY D 1206 39.20 44.56 27.19
CA GLY D 1206 39.07 45.54 26.12
C GLY D 1206 38.07 46.63 26.43
N PHE D 1217 34.83 49.18 30.06
CA PHE D 1217 35.90 48.21 30.24
C PHE D 1217 35.43 47.07 31.15
N CYS D 1218 36.20 45.99 31.17
CA CYS D 1218 35.89 44.83 31.99
C CYS D 1218 37.18 44.15 32.41
N TYR D 1219 37.10 43.38 33.50
CA TYR D 1219 38.27 42.69 34.04
C TYR D 1219 37.95 41.21 34.26
N TRP D 1220 38.86 40.51 34.92
CA TRP D 1220 38.67 39.09 35.20
C TRP D 1220 37.43 38.86 36.05
C1 NAG E . 30.12 -21.13 -24.64
C2 NAG E . 29.65 -22.34 -23.85
C3 NAG E . 30.40 -23.59 -24.31
C4 NAG E . 30.30 -23.75 -25.83
C5 NAG E . 30.71 -22.46 -26.53
C6 NAG E . 30.48 -22.50 -28.02
C7 NAG E . 29.20 -22.91 -21.51
C8 NAG E . 29.49 -22.57 -20.08
N2 NAG E . 29.82 -22.15 -22.42
O3 NAG E . 29.86 -24.74 -23.67
O4 NAG E . 31.15 -24.80 -26.26
O5 NAG E . 29.94 -21.35 -26.03
O6 NAG E . 29.65 -23.58 -28.38
O7 NAG E . 28.46 -23.82 -21.82
H5 NAG E . 31.66 -22.29 -26.36
H61 NAG E . 31.34 -22.60 -28.47
H62 NAG E . 30.06 -21.66 -28.30
H81 NAG E . 28.98 -23.17 -19.49
H82 NAG E . 29.22 -21.64 -19.90
H83 NAG E . 30.44 -22.66 -19.90
HN2 NAG E . 30.37 -21.48 -22.14
HO6 NAG E . 28.83 -23.29 -28.54
C1 NAG E . 30.36 -25.94 -26.64
C2 NAG E . 30.97 -26.55 -27.90
C3 NAG E . 30.21 -27.79 -28.32
C4 NAG E . 30.13 -28.78 -27.16
C5 NAG E . 29.55 -28.09 -25.92
C6 NAG E . 29.57 -28.98 -24.70
C7 NAG E . 32.03 -25.47 -29.84
C8 NAG E . 31.90 -24.42 -30.90
N2 NAG E . 31.00 -25.58 -28.98
O3 NAG E . 30.86 -28.40 -29.43
O4 NAG E . 29.30 -29.87 -27.52
O5 NAG E . 30.33 -26.92 -25.61
O6 NAG E . 30.42 -28.45 -23.69
O7 NAG E . 33.03 -26.18 -29.75
H5 NAG E . 28.64 -27.82 -26.11
H61 NAG E . 29.87 -29.87 -24.95
H62 NAG E . 28.66 -29.04 -24.34
H81 NAG E . 32.67 -24.46 -31.49
H82 NAG E . 31.85 -23.54 -30.48
H83 NAG E . 31.08 -24.58 -31.41
HN2 NAG E . 30.29 -25.03 -29.09
HO6 NAG E . 29.97 -27.89 -23.18
C1 NAG F . 20.10 12.29 37.38
C2 NAG F . 20.51 13.51 36.56
C3 NAG F . 21.34 14.45 37.42
C4 NAG F . 20.60 14.80 38.71
C5 NAG F . 20.16 13.52 39.43
C6 NAG F . 19.30 13.79 40.63
C7 NAG F . 21.54 13.97 34.38
C8 NAG F . 22.30 13.39 33.23
N2 NAG F . 21.25 13.12 35.37
O3 NAG F . 21.61 15.65 36.69
O4 NAG F . 21.46 15.53 39.58
O5 NAG F . 19.38 12.70 38.54
O6 NAG F . 18.81 15.13 40.63
O7 NAG F . 21.21 15.15 34.42
H5 NAG F . 20.95 13.02 39.71
H61 NAG F . 19.83 13.64 41.44
H62 NAG F . 18.54 13.17 40.63
H81 NAG F . 22.42 14.08 32.54
H82 NAG F . 21.81 12.64 32.86
H83 NAG F . 23.17 13.09 33.54
HN2 NAG F . 21.52 12.25 35.30
HO6 NAG F . 17.95 15.13 40.44
C1 NAG F . 21.02 16.89 39.64
C2 NAG F . 21.13 17.36 41.10
C3 NAG F . 20.73 18.83 41.21
C4 NAG F . 21.54 19.67 40.23
C5 NAG F . 21.43 19.11 38.82
C6 NAG F . 22.31 19.83 37.83
C7 NAG F . 20.73 16.16 43.18
C8 NAG F . 19.76 15.31 43.96
N2 NAG F . 20.31 16.55 41.98
O3 NAG F . 20.93 19.28 42.54
O4 NAG F . 21.08 21.02 40.25
O5 NAG F . 21.83 17.73 38.81
O6 NAG F . 23.09 18.91 37.07
O7 NAG F . 21.82 16.47 43.64
H5 NAG F . 20.50 19.19 38.53
H61 NAG F . 22.92 20.43 38.31
H62 NAG F . 21.77 20.36 37.23
H81 NAG F . 20.11 15.14 44.86
H82 NAG F . 19.60 14.47 43.51
H83 NAG F . 18.91 15.79 44.05
HN2 NAG F . 19.49 16.29 41.68
HO6 NAG F . 22.55 18.39 36.60
CA CA G . 15.87 4.00 -39.08
CA CA H . -3.68 -48.98 7.84
C1 NAG I . 4.69 -45.36 10.34
C2 NAG I . 3.96 -46.54 9.68
C3 NAG I . 4.60 -46.88 8.35
C4 NAG I . 4.81 -45.61 7.53
C5 NAG I . 5.84 -44.73 8.23
C6 NAG I . 5.50 -43.26 8.18
C7 NAG I . 3.06 -47.87 11.54
C8 NAG I . 3.20 -49.12 12.35
N2 NAG I . 3.95 -47.70 10.56
O3 NAG I . 3.75 -47.78 7.63
O4 NAG I . 5.28 -45.94 6.23
O5 NAG I . 5.94 -45.08 9.62
O6 NAG I . 5.79 -42.62 9.41
O7 NAG I . 2.18 -47.03 11.78
H5 NAG I . 6.71 -44.88 7.81
H61 NAG I . 4.55 -43.16 7.97
H62 NAG I . 6.03 -42.84 7.47
H81 NAG I . 2.47 -49.19 12.98
H82 NAG I . 4.05 -49.10 12.83
H83 NAG I . 3.19 -49.89 11.75
HN2 NAG I . 4.58 -48.34 10.43
HO6 NAG I . 6.47 -43.02 9.81
C1 NAG J . -16.89 16.59 -49.41
C2 NAG J . -17.21 16.50 -50.90
C3 NAG J . -18.49 15.68 -51.14
C4 NAG J . -19.61 16.11 -50.19
C5 NAG J . -19.12 16.13 -48.74
C6 NAG J . -19.91 15.21 -47.85
C7 NAG J . -16.70 18.18 -52.61
C8 NAG J . -15.83 17.14 -53.25
N2 NAG J . -17.34 17.83 -51.49
O3 NAG J . -18.21 14.30 -50.97
O4 NAG J . -20.08 17.40 -50.55
O5 NAG J . -17.76 15.72 -48.69
O6 NAG J . -21.10 15.82 -47.37
O7 NAG J . -16.82 19.31 -53.08
H5 NAG J . -19.20 17.05 -48.41
H61 NAG J . -19.34 14.97 -47.08
H62 NAG J . -20.13 14.40 -48.35
H81 NAG J . -15.43 17.50 -54.06
H82 NAG J . -16.38 16.36 -53.48
H83 NAG J . -15.13 16.87 -52.62
HN2 NAG J . -17.87 18.43 -51.07
HO6 NAG J . -21.13 15.77 -46.49
CA CA K . -5.75 -6.09 41.34
CA CA L . 16.38 46.67 -4.41
C1 NAG M . 23.29 40.27 -2.94
C2 NAG M . 22.72 41.68 -2.69
C3 NAG M . 22.77 42.02 -1.21
C4 NAG M . 22.27 40.83 -0.39
C5 NAG M . 23.24 39.67 -0.54
C6 NAG M . 22.54 38.33 -0.61
C7 NAG M . 23.29 42.81 -4.80
C8 NAG M . 24.11 43.89 -5.44
N2 NAG M . 23.44 42.67 -3.47
O3 NAG M . 21.97 43.16 -0.96
O4 NAG M . 22.19 41.20 0.98
O5 NAG M . 24.01 39.80 -1.75
O6 NAG M . 23.30 37.39 -1.37
O7 NAG M . 22.53 42.09 -5.45
H5 NAG M . 23.84 39.67 0.22
H61 NAG M . 21.67 38.45 -1.04
H62 NAG M . 22.43 37.98 0.29
H81 NAG M . 23.83 44.01 -6.36
H82 NAG M . 25.06 43.63 -5.42
H83 NAG M . 23.99 44.73 -4.94
HN2 NAG M . 24.01 43.23 -3.04
HO6 NAG M . 23.93 37.82 -1.83
C1 NAG N . -42.08 -6.17 34.14
C2 NAG N . -42.85 -5.71 35.39
C3 NAG N . -43.90 -4.65 35.02
C4 NAG N . -44.62 -5.01 33.73
C5 NAG N . -43.64 -5.29 32.60
C6 NAG N . -43.72 -4.28 31.48
C7 NAG N . -43.28 -7.12 37.35
C8 NAG N . -42.35 -6.22 38.09
N2 NAG N . -43.47 -6.84 36.06
O3 NAG N . -43.25 -3.39 34.89
O4 NAG N . -45.44 -6.14 33.93
O5 NAG N . -42.29 -5.25 33.10
O6 NAG N . -44.27 -4.86 30.30
O7 NAG N . -43.82 -8.08 37.89
H5 NAG N . -43.82 -6.19 32.24
H61 NAG N . -42.82 -3.95 31.28
H62 NAG N . -44.28 -3.53 31.76
H81 NAG N . -42.28 -6.51 39.02
H82 NAG N . -42.70 -5.30 38.08
H83 NAG N . -41.47 -6.24 37.67
HN2 NAG N . -44.04 -7.37 35.57
HO6 NAG N . -44.01 -4.40 29.59
CA CA O . 12.27 -8.06 -36.16
CA CA P . -4.60 6.75 38.41
#